data_9FAQ
#
_entry.id   9FAQ
#
_cell.length_a   1.00
_cell.length_b   1.00
_cell.length_c   1.00
_cell.angle_alpha   90.00
_cell.angle_beta   90.00
_cell.angle_gamma   90.00
#
_symmetry.space_group_name_H-M   'P 1'
#
loop_
_entity.id
_entity.type
_entity.pdbx_description
1 polymer 'Gamma-aminobutyric acid receptor subunit alpha-1'
2 polymer 'Gamma-aminobutyric acid receptor subunit beta-3'
3 polymer 'Isoform 2 of Gamma-aminobutyric acid receptor subunit gamma-2'
4 polymer Neuroligin-2
5 polymer 'LHFPL tetraspan subfamily member 4 protein'
6 polymer Megabody38
7 branched alpha-D-mannopyranose-(1-2)-alpha-D-mannopyranose-(1-2)-alpha-D-mannopyranose-(1-3)-[alpha-D-mannopyranose-(1-2)-alpha-D-mannopyranose-(1-3)-[alpha-D-mannopyranose-(1-6)]alpha-D-mannopyranose-(1-6)]beta-D-mannopyranose-(1-4)-2-acetamido-2-deoxy-beta-D-glucopyranose-(1-4)-2-acetamido-2-deoxy-beta-D-glucopyranose
8 branched alpha-D-mannopyranose-(1-3)-alpha-D-mannopyranose-(1-6)-[alpha-D-mannopyranose-(1-3)]beta-D-mannopyranose-(1-4)-2-acetamido-2-deoxy-beta-D-glucopyranose-(1-4)-2-acetamido-2-deoxy-beta-D-glucopyranose
9 branched beta-D-mannopyranose-(1-4)-2-acetamido-2-deoxy-beta-D-glucopyranose-(1-4)-2-acetamido-2-deoxy-beta-D-glucopyranose
10 branched alpha-D-mannopyranose-(1-6)-beta-D-mannopyranose-(1-4)-2-acetamido-2-deoxy-beta-D-glucopyranose-(1-4)-2-acetamido-2-deoxy-beta-D-glucopyranose
11 non-polymer '[(2R)-2-octanoyloxy-3-[oxidanyl-[(1R,2R,3S,4R,5R,6S)-2,3,6-tris(oxidanyl)-4,5-diphosphonooxy-cyclohexyl]oxy-phosphoryl]oxy-propyl] octanoate'
12 non-polymer '(1R)-2-{[(S)-{[(2S)-2,3-dihydroxypropyl]oxy}(hydroxy)phosphoryl]oxy}-1-[(hexadecanoyloxy)methyl]ethyl (9Z)-octadec-9-enoate'
13 non-polymer DECANE
14 non-polymer 2-acetamido-2-deoxy-beta-D-glucopyranose
15 non-polymer 'PALMITIC ACID'
16 non-polymer CHOLESTEROL
17 non-polymer 1,2-DILAUROYL-SN-GLYCERO-3-PHOSPHATE
18 non-polymer HEXANE
19 non-polymer 'CHLORIDE ION'
#
loop_
_entity_poly.entity_id
_entity_poly.type
_entity_poly.pdbx_seq_one_letter_code
_entity_poly.pdbx_strand_id
1 'polypeptide(L)'
;TTVFTRILDRLLDGYDNRLRPGLGERVTEVKTDIFVTSFGPVSDHDMEYTIDVFFRQSWKDERLKFKGPMTVLRLNNLMA
SKIWTPDTFFHNGKKSVAHNMTMPNKLLRITEDGTLLYTMRLTVRAECPMHLEDFPMDAHACPLKFGSYAYTRAEVVYEW
TREPARSVVVAEDGSRLNQYDLLGQTVDSGIVQSSTGEYVVMTTHFHLKRKIGYFVIQTYLPCIMTVILSQVSFWLNRES
VPARTVFGVTTVLTMTTLSISARNSLPKVAYATAMDWFIAVCYAFVFSALIEFATVNYFTKRGYAWDGKSVVPEKPKKVK
DPLIKKNNTYAPTATSYTPNLARGDPGLATIAKSATIEPKEVKPETKPPEPKKTFNSVSKIDRLSRIAFPLLFGIFNLVY
WATYL
;
A,D
2 'polypeptide(L)'
;MSFVKETVDKLLKGYDIRLRPDFGGPPVCVGMNIDIASIDMVSEVNMDYTLTMYFQQYWRDKRLAYSGIPLNLTLDNRVA
DQLWVPDTYFLNDKKSFVHGVTVKNRMIRLHPDGTVLYGLRITTTAACMMDLRRYPLDEQNCTLEIESYGYTTDDIEFYW
RGGDKAVTGVERIELPQFSIVEHRLVSRNVVFATGAYPRLSLSFRLKRNIGYFILQTYMPSILITILSWVSFWINYDASA
ARVALGITTVLTMTTINTHLRETLPKIPYVKAIDMYLMGCFVFVFLALLEYAFVNYIFFGRGPQRQKKLAEKTAKAKNDR
SKSESNRVDAHGNILLTSLEVHNEMNEVSGGIGDTRNSAISFDNSGIQYRKQSMPREGHGRFLGDRSLPHKKTHLRRRSS
QLKIKIPDLTDVNAIDRWSRIVFPFTFSLFNLVYWLYYV
;
B,E
3 'polypeptide(L)'
;VTVILNNLLEGYDNKLRPDIGVKPTLIHTDMYVNSIGPVNAINMEYTIDIFFAQTWYDRRLKFNSTIKVLRLNSNMVGKI
WIPDTFFRNSKKADAHWITTPNRMLRIWNDGRVLYTLRLTIDAECQLQLHNFPMDEHSCPLEFSSYGYPREEIVYQWKRS
SVEVGDTRSWRLYQFSFVGLRNTTEVVKTTSGDYVVMSVYFDLSRRMGYFTIQTYIPCTLIVVLSWVSFWINKDAVPART
SLGITTVLTMTTLSTIARKSLPKVSYVTAMDLFVSVCFIFVFSALVEYGTLHYFVSNRKPSKDKDKKKKNPAPTIDIRPR
SATIQMNNATHLQERDEEYGYECLDGKDCASFF(P1L)(P1L)FED(P1L)RTGAWRHGRIHIRIAKMDSYARIFFPTAF
CLFNLVYWVSYLYLG
;
C
4 'polypeptide(L)' DSRDYSTELSVTVAVGASLLFLNILAFAALYYK H
5 'polypeptide(L)'
;YHEHYMRNSRAIGVLWAIFTICFAIINVVVFIQPYWVGDSVSTPKPGYFGLFHYCVGSGLAGRELTCRGSFTDFSTIPSS
AFKAAAFFVLLSMVLILGCITCFSLFFFCNTATVYKICAWMQLLAALCLVLGCMIFPDGWDAETIRDMCGAKTGKYSLGD
CSVRWAYILAIIGILNALILSFLAFVLGNRQTD
;
L
6 'polypeptide(L)'
;QVQLQESGGGLVQTKTTTSVIDTTNDAQNLLTQAQTIVNTLKDYCPILIAKSSSSNGGTNNANTPSWQTAGGGKNSCATF
GAEFSAASDMINNAQKIVQETQQLSANQPKNITQPHNLNLNSPSSLTALAQKMLKNAQSQAEILKLANQVESDFNKLSSG
HLKDYIGKCDASAISSANMTMQNQKNNWGNGCAGVEETQSLLKTSAADFNNQTPQINQAQNLANTLIQELGNNPFRASGG
GSGGGGSGKLSDTYEQLSRLLTNDNGTNSKTSAQAINQAVNNLNERAKTLAGGTTNSPAYQATLLALRSVLGLWNSMGYA
VICGGYTKSPGENNQKDFHYTDENGNGTTINCGGSTNSNGTHSYNGTNTLKADKNVSLSIEQYEKIHEAYQILSKALKQA
GLAPLNSKGEKLEAHVTTSKYGSLRVSCAASGRTFTTYIMAWFRQAPGKEREFLAAMDQGRIQYYGDSVRGRFTISRDYA
KNSVDLQLDGLRPEDTAVYYCAAGAGFWGLRTASSYHYWGQGTQVTVSSHHHHHHEPEA
;
G
#
loop_
_chem_comp.id
_chem_comp.type
_chem_comp.name
_chem_comp.formula
BMA D-saccharide, beta linking beta-D-mannopyranose 'C6 H12 O6'
CL non-polymer 'CHLORIDE ION' 'Cl -1'
CLR non-polymer CHOLESTEROL 'C27 H46 O'
D10 non-polymer DECANE 'C10 H22'
HEX non-polymer HEXANE 'C6 H14'
MAN D-saccharide, alpha linking alpha-D-mannopyranose 'C6 H12 O6'
NAG D-saccharide, beta linking 2-acetamido-2-deoxy-beta-D-glucopyranose 'C8 H15 N O6'
PGW non-polymer '(1R)-2-{[(S)-{[(2S)-2,3-dihydroxypropyl]oxy}(hydroxy)phosphoryl]oxy}-1-[(hexadecanoyloxy)methyl]ethyl (9Z)-octadec-9-enoate' 'C40 H77 O10 P'
PIO non-polymer '[(2R)-2-octanoyloxy-3-[oxidanyl-[(1R,2R,3S,4R,5R,6S)-2,3,6-tris(oxidanyl)-4,5-diphosphonooxy-cyclohexyl]oxy-phosphoryl]oxy-propyl] octanoate' 'C25 H49 O19 P3'
PLM non-polymer 'PALMITIC ACID' 'C16 H32 O2'
PX2 non-polymer 1,2-DILAUROYL-SN-GLYCERO-3-PHOSPHATE 'C27 H52 O8 P -1'
#
# COMPACT_ATOMS: atom_id res chain seq x y z
N THR A 1 -20.83 -32.06 -39.63
CA THR A 1 -21.18 -33.45 -39.90
C THR A 1 -19.92 -34.32 -39.77
N THR A 2 -19.98 -35.54 -40.34
CA THR A 2 -18.91 -36.51 -40.10
C THR A 2 -17.58 -36.06 -40.70
N VAL A 3 -17.60 -35.22 -41.74
CA VAL A 3 -16.38 -34.83 -42.41
C VAL A 3 -15.46 -34.07 -41.46
N PHE A 4 -16.03 -33.18 -40.63
CA PHE A 4 -15.23 -32.41 -39.69
C PHE A 4 -14.52 -33.32 -38.70
N THR A 5 -15.27 -34.20 -38.03
CA THR A 5 -14.65 -35.06 -37.03
C THR A 5 -13.65 -36.02 -37.67
N ARG A 6 -13.93 -36.47 -38.89
CA ARG A 6 -13.00 -37.38 -39.55
C ARG A 6 -11.68 -36.67 -39.86
N ILE A 7 -11.76 -35.45 -40.40
CA ILE A 7 -10.54 -34.70 -40.70
C ILE A 7 -9.79 -34.40 -39.42
N LEU A 8 -10.51 -34.04 -38.35
CA LEU A 8 -9.85 -33.74 -37.09
C LEU A 8 -9.13 -34.96 -36.53
N ASP A 9 -9.79 -36.13 -36.59
CA ASP A 9 -9.18 -37.34 -36.04
C ASP A 9 -7.98 -37.78 -36.87
N ARG A 10 -8.05 -37.61 -38.18
CA ARG A 10 -7.03 -38.16 -39.07
C ARG A 10 -5.86 -37.22 -39.34
N LEU A 11 -5.87 -36.01 -38.78
CA LEU A 11 -4.75 -35.11 -38.99
C LEU A 11 -3.52 -35.56 -38.20
N LEU A 12 -3.72 -35.92 -36.94
CA LEU A 12 -2.62 -36.24 -36.05
C LEU A 12 -2.05 -37.63 -36.25
N ASP A 13 -2.61 -38.42 -37.17
CA ASP A 13 -2.10 -39.77 -37.42
C ASP A 13 -0.66 -39.71 -37.90
N GLY A 14 0.26 -40.23 -37.10
CA GLY A 14 1.67 -40.20 -37.44
C GLY A 14 2.34 -38.86 -37.25
N TYR A 15 1.68 -37.91 -36.61
CA TYR A 15 2.28 -36.60 -36.37
C TYR A 15 3.16 -36.66 -35.13
N ASP A 16 4.40 -36.18 -35.27
CA ASP A 16 5.35 -36.10 -34.16
C ASP A 16 5.55 -34.62 -33.83
N ASN A 17 4.98 -34.19 -32.70
CA ASN A 17 5.08 -32.81 -32.28
C ASN A 17 6.43 -32.47 -31.66
N ARG A 18 7.29 -33.45 -31.41
CA ARG A 18 8.63 -33.17 -30.92
C ARG A 18 9.53 -32.57 -31.98
N LEU A 19 9.15 -32.62 -33.25
CA LEU A 19 9.97 -32.15 -34.36
C LEU A 19 9.32 -30.95 -35.01
N ARG A 20 10.13 -29.92 -35.31
CA ARG A 20 9.61 -28.74 -35.94
C ARG A 20 9.30 -29.02 -37.42
N PRO A 21 8.44 -28.22 -38.05
CA PRO A 21 8.19 -28.42 -39.48
C PRO A 21 9.46 -28.25 -40.30
N GLY A 22 9.62 -29.11 -41.29
CA GLY A 22 10.78 -29.04 -42.16
C GLY A 22 12.09 -29.21 -41.43
N LEU A 23 12.12 -30.04 -40.41
CA LEU A 23 13.34 -30.28 -39.65
C LEU A 23 14.37 -30.94 -40.54
N GLY A 24 15.57 -30.36 -40.59
CA GLY A 24 16.68 -30.94 -41.31
C GLY A 24 16.68 -30.71 -42.81
N GLU A 25 15.64 -30.05 -43.35
CA GLU A 25 15.58 -29.78 -44.78
C GLU A 25 15.14 -28.37 -45.13
N ARG A 26 14.70 -27.56 -44.17
CA ARG A 26 14.49 -26.14 -44.41
C ARG A 26 14.41 -25.43 -43.06
N VAL A 27 14.29 -24.12 -43.11
CA VAL A 27 14.20 -23.27 -41.92
C VAL A 27 12.75 -22.88 -41.72
N THR A 28 12.24 -23.12 -40.51
CA THR A 28 10.87 -22.74 -40.19
C THR A 28 10.77 -21.22 -40.11
N GLU A 29 9.97 -20.64 -41.00
CA GLU A 29 9.79 -19.20 -41.09
C GLU A 29 8.49 -18.83 -40.39
N VAL A 30 8.56 -17.93 -39.42
CA VAL A 30 7.42 -17.52 -38.62
C VAL A 30 7.15 -16.04 -38.89
N LYS A 31 5.96 -15.76 -39.40
CA LYS A 31 5.49 -14.39 -39.61
C LYS A 31 4.70 -13.97 -38.39
N THR A 32 5.16 -12.93 -37.69
CA THR A 32 4.58 -12.50 -36.43
C THR A 32 4.09 -11.07 -36.53
N ASP A 33 3.05 -10.76 -35.76
CA ASP A 33 2.68 -9.37 -35.56
C ASP A 33 1.85 -9.24 -34.29
N ILE A 34 1.69 -7.98 -33.86
CA ILE A 34 1.22 -7.64 -32.52
C ILE A 34 0.19 -6.53 -32.64
N PHE A 35 -0.90 -6.66 -31.88
CA PHE A 35 -1.85 -5.58 -31.66
C PHE A 35 -1.86 -5.25 -30.17
N VAL A 36 -1.31 -4.09 -29.83
CA VAL A 36 -1.23 -3.65 -28.43
C VAL A 36 -2.59 -3.07 -28.05
N THR A 37 -3.32 -3.77 -27.20
CA THR A 37 -4.61 -3.28 -26.75
C THR A 37 -4.47 -2.17 -25.72
N SER A 38 -3.42 -2.20 -24.91
CA SER A 38 -3.19 -1.14 -23.94
C SER A 38 -1.74 -1.18 -23.49
N PHE A 39 -1.07 -0.04 -23.57
CA PHE A 39 0.30 0.09 -23.05
C PHE A 39 0.17 0.41 -21.57
N GLY A 40 0.35 -0.61 -20.74
CA GLY A 40 0.04 -0.54 -19.34
C GLY A 40 0.90 0.45 -18.58
N PRO A 41 0.76 0.49 -17.26
CA PRO A 41 1.54 1.44 -16.47
C PRO A 41 3.03 1.17 -16.55
N VAL A 42 3.80 2.25 -16.48
CA VAL A 42 5.26 2.19 -16.48
C VAL A 42 5.72 2.49 -15.07
N SER A 43 6.29 1.50 -14.40
CA SER A 43 6.74 1.62 -13.01
C SER A 43 8.23 1.92 -13.02
N ASP A 44 8.56 3.22 -12.94
CA ASP A 44 9.96 3.61 -12.86
C ASP A 44 10.63 3.18 -11.56
N HIS A 45 9.85 2.88 -10.51
CA HIS A 45 10.42 2.31 -9.31
C HIS A 45 11.01 0.93 -9.57
N ASP A 46 10.28 0.10 -10.32
CA ASP A 46 10.74 -1.23 -10.70
C ASP A 46 11.41 -1.27 -12.06
N MET A 47 11.45 -0.15 -12.79
CA MET A 47 12.07 -0.09 -14.12
C MET A 47 11.43 -1.09 -15.06
N GLU A 48 10.10 -1.24 -14.95
CA GLU A 48 9.33 -2.20 -15.73
C GLU A 48 8.11 -1.52 -16.30
N TYR A 49 7.43 -2.21 -17.20
CA TYR A 49 6.18 -1.72 -17.76
C TYR A 49 5.33 -2.89 -18.20
N THR A 50 4.02 -2.71 -18.14
CA THR A 50 3.04 -3.73 -18.54
C THR A 50 2.49 -3.40 -19.91
N ILE A 51 2.22 -4.44 -20.69
CA ILE A 51 1.65 -4.29 -22.03
C ILE A 51 0.70 -5.46 -22.28
N ASP A 52 -0.50 -5.16 -22.76
CA ASP A 52 -1.48 -6.16 -23.12
C ASP A 52 -1.49 -6.27 -24.65
N VAL A 53 -1.31 -7.47 -25.17
CA VAL A 53 -1.07 -7.67 -26.60
C VAL A 53 -1.87 -8.86 -27.10
N PHE A 54 -2.48 -8.69 -28.27
CA PHE A 54 -2.88 -9.80 -29.12
C PHE A 54 -1.67 -10.12 -30.00
N PHE A 55 -1.00 -11.20 -29.67
CA PHE A 55 0.25 -11.61 -30.28
C PHE A 55 -0.06 -12.80 -31.17
N ARG A 56 0.07 -12.64 -32.49
CA ARG A 56 -0.30 -13.70 -33.43
C ARG A 56 0.85 -14.01 -34.37
N GLN A 57 1.16 -15.30 -34.45
CA GLN A 57 2.20 -15.87 -35.28
C GLN A 57 1.58 -16.73 -36.37
N SER A 58 2.36 -17.01 -37.41
CA SER A 58 1.90 -17.83 -38.50
C SER A 58 3.09 -18.56 -39.10
N TRP A 59 2.88 -19.81 -39.49
CA TRP A 59 3.94 -20.57 -40.15
C TRP A 59 3.29 -21.62 -41.04
N LYS A 60 4.12 -22.50 -41.60
CA LYS A 60 3.66 -23.53 -42.51
C LYS A 60 4.12 -24.89 -42.01
N ASP A 61 3.18 -25.83 -41.93
CA ASP A 61 3.45 -27.21 -41.51
C ASP A 61 2.77 -28.12 -42.52
N GLU A 62 3.54 -28.62 -43.49
CA GLU A 62 2.97 -29.47 -44.52
C GLU A 62 2.50 -30.81 -43.97
N ARG A 63 2.95 -31.20 -42.77
CA ARG A 63 2.45 -32.42 -42.15
C ARG A 63 0.96 -32.34 -41.87
N LEU A 64 0.42 -31.14 -41.68
CA LEU A 64 -0.98 -30.93 -41.33
C LEU A 64 -1.80 -30.47 -42.53
N LYS A 65 -1.42 -30.86 -43.74
CA LYS A 65 -2.25 -30.60 -44.90
C LYS A 65 -3.51 -31.45 -44.84
N PHE A 66 -4.57 -30.96 -45.48
CA PHE A 66 -5.82 -31.71 -45.55
C PHE A 66 -6.63 -31.20 -46.72
N LYS A 67 -7.68 -31.93 -47.05
CA LYS A 67 -8.61 -31.58 -48.12
C LYS A 67 -10.04 -31.75 -47.63
N GLY A 68 -10.92 -30.85 -48.08
CA GLY A 68 -12.31 -30.91 -47.73
C GLY A 68 -13.08 -29.75 -48.33
N PRO A 69 -14.41 -29.72 -48.13
CA PRO A 69 -15.17 -28.56 -48.58
C PRO A 69 -14.74 -27.28 -47.91
N MET A 70 -14.30 -27.37 -46.65
CA MET A 70 -13.87 -26.24 -45.85
C MET A 70 -12.40 -25.91 -46.09
N THR A 71 -12.12 -24.61 -46.17
CA THR A 71 -10.75 -24.14 -46.33
C THR A 71 -10.08 -23.76 -45.01
N VAL A 72 -10.86 -23.57 -43.93
CA VAL A 72 -10.34 -23.19 -42.63
C VAL A 72 -10.75 -24.24 -41.61
N LEU A 73 -9.84 -24.56 -40.71
CA LEU A 73 -10.07 -25.55 -39.65
C LEU A 73 -9.69 -24.94 -38.32
N ARG A 74 -10.64 -24.92 -37.39
CA ARG A 74 -10.38 -24.46 -36.03
C ARG A 74 -10.04 -25.66 -35.14
N LEU A 75 -8.98 -25.52 -34.36
CA LEU A 75 -8.52 -26.57 -33.46
C LEU A 75 -8.85 -26.20 -32.02
N ASN A 76 -9.43 -27.14 -31.29
CA ASN A 76 -9.64 -26.93 -29.87
C ASN A 76 -8.30 -26.98 -29.15
N ASN A 77 -8.27 -26.44 -27.93
CA ASN A 77 -7.01 -26.25 -27.22
C ASN A 77 -6.35 -27.58 -26.89
N LEU A 78 -7.13 -28.63 -26.64
CA LEU A 78 -6.53 -29.94 -26.38
C LEU A 78 -5.74 -30.42 -27.59
N MET A 79 -6.31 -30.28 -28.79
CA MET A 79 -5.58 -30.66 -29.99
C MET A 79 -4.54 -29.62 -30.37
N ALA A 80 -4.81 -28.33 -30.08
CA ALA A 80 -3.81 -27.31 -30.38
C ALA A 80 -2.55 -27.51 -29.57
N SER A 81 -2.65 -28.10 -28.38
CA SER A 81 -1.48 -28.43 -27.58
C SER A 81 -0.79 -29.71 -28.02
N LYS A 82 -1.37 -30.45 -28.97
CA LYS A 82 -0.82 -31.72 -29.41
C LYS A 82 0.09 -31.59 -30.64
N ILE A 83 0.29 -30.39 -31.16
CA ILE A 83 1.10 -30.17 -32.35
C ILE A 83 2.19 -29.15 -32.03
N TRP A 84 3.17 -29.06 -32.92
CA TRP A 84 4.28 -28.15 -32.73
C TRP A 84 3.84 -26.71 -32.96
N THR A 85 4.20 -25.84 -32.04
CA THR A 85 4.05 -24.41 -32.16
C THR A 85 5.38 -23.77 -31.78
N PRO A 86 5.67 -22.56 -32.25
CA PRO A 86 6.94 -21.93 -31.88
C PRO A 86 7.03 -21.71 -30.38
N ASP A 87 8.23 -21.88 -29.84
CA ASP A 87 8.51 -21.64 -28.42
C ASP A 87 8.93 -20.20 -28.19
N THR A 88 8.10 -19.26 -28.65
CA THR A 88 8.42 -17.85 -28.54
C THR A 88 8.39 -17.41 -27.08
N PHE A 89 9.39 -16.62 -26.70
CA PHE A 89 9.48 -16.07 -25.37
C PHE A 89 10.02 -14.65 -25.48
N PHE A 90 9.75 -13.85 -24.45
CA PHE A 90 10.16 -12.45 -24.41
C PHE A 90 11.47 -12.33 -23.64
N HIS A 91 12.49 -11.78 -24.31
CA HIS A 91 13.83 -11.77 -23.72
C HIS A 91 13.88 -10.91 -22.47
N ASN A 92 13.21 -9.75 -22.49
CA ASN A 92 13.22 -8.83 -21.37
C ASN A 92 11.95 -8.94 -20.52
N GLY A 93 11.23 -10.05 -20.60
CA GLY A 93 10.05 -10.24 -19.78
C GLY A 93 10.43 -10.61 -18.35
N LYS A 94 9.62 -10.13 -17.41
CA LYS A 94 9.80 -10.39 -15.99
C LYS A 94 8.76 -11.39 -15.45
N LYS A 95 7.48 -11.14 -15.72
CA LYS A 95 6.44 -12.07 -15.32
C LYS A 95 5.25 -11.82 -16.25
N SER A 96 5.11 -12.66 -17.27
CA SER A 96 4.07 -12.53 -18.26
C SER A 96 2.94 -13.49 -17.93
N VAL A 97 1.75 -13.17 -18.44
CA VAL A 97 0.54 -13.91 -18.14
C VAL A 97 -0.16 -14.27 -19.45
N ALA A 98 -0.45 -15.55 -19.62
CA ALA A 98 -1.29 -16.01 -20.72
C ALA A 98 -2.72 -16.10 -20.19
N HIS A 99 -3.63 -15.31 -20.73
CA HIS A 99 -5.00 -15.23 -20.16
C HIS A 99 -5.76 -16.54 -20.33
N ASN A 100 -6.56 -16.93 -19.35
CA ASN A 100 -7.25 -18.24 -19.36
C ASN A 100 -8.73 -18.10 -19.01
N MET A 101 -9.22 -16.88 -18.81
CA MET A 101 -10.62 -16.65 -18.41
C MET A 101 -11.43 -16.22 -19.62
N THR A 102 -12.42 -16.99 -20.06
CA THR A 102 -13.12 -18.06 -19.35
C THR A 102 -12.54 -19.38 -19.81
N MET A 103 -11.89 -19.41 -20.98
CA MET A 103 -11.24 -20.63 -21.52
C MET A 103 -9.87 -20.16 -22.03
N PRO A 104 -8.86 -20.99 -22.38
CA PRO A 104 -7.59 -20.40 -22.78
C PRO A 104 -7.80 -19.38 -23.90
N ASN A 105 -7.28 -18.16 -23.69
CA ASN A 105 -7.44 -17.08 -24.65
C ASN A 105 -6.44 -17.22 -25.79
N LYS A 106 -6.60 -18.30 -26.56
CA LYS A 106 -5.76 -18.56 -27.71
C LYS A 106 -6.56 -19.31 -28.74
N LEU A 107 -6.14 -19.17 -30.00
CA LEU A 107 -6.83 -19.79 -31.11
C LEU A 107 -5.80 -20.28 -32.11
N LEU A 108 -6.15 -21.37 -32.81
CA LEU A 108 -5.27 -21.99 -33.80
C LEU A 108 -6.11 -22.37 -35.01
N ARG A 109 -5.79 -21.74 -36.14
CA ARG A 109 -6.47 -21.99 -37.41
C ARG A 109 -5.50 -22.67 -38.36
N ILE A 110 -6.01 -23.59 -39.17
CA ILE A 110 -5.22 -24.31 -40.16
C ILE A 110 -5.89 -24.14 -41.51
N THR A 111 -5.10 -23.80 -42.52
CA THR A 111 -5.58 -23.72 -43.88
C THR A 111 -5.34 -25.06 -44.59
N GLU A 112 -6.09 -25.29 -45.66
CA GLU A 112 -6.00 -26.56 -46.39
C GLU A 112 -4.59 -26.80 -46.91
N ASP A 113 -3.84 -25.76 -47.18
CA ASP A 113 -2.46 -25.90 -47.66
C ASP A 113 -1.46 -26.12 -46.54
N GLY A 114 -1.90 -26.20 -45.29
CA GLY A 114 -1.00 -26.45 -44.18
C GLY A 114 -0.48 -25.23 -43.46
N THR A 115 -1.06 -24.05 -43.71
CA THR A 115 -0.63 -22.84 -43.03
C THR A 115 -1.32 -22.73 -41.69
N LEU A 116 -0.53 -22.61 -40.62
CA LEU A 116 -1.03 -22.46 -39.27
C LEU A 116 -0.99 -20.99 -38.87
N LEU A 117 -2.06 -20.53 -38.25
CA LEU A 117 -2.15 -19.20 -37.66
C LEU A 117 -2.51 -19.37 -36.19
N TYR A 118 -1.68 -18.84 -35.30
CA TYR A 118 -1.76 -19.08 -33.87
C TYR A 118 -1.81 -17.73 -33.17
N THR A 119 -2.94 -17.42 -32.55
CA THR A 119 -3.16 -16.13 -31.91
C THR A 119 -3.28 -16.32 -30.40
N MET A 120 -2.71 -15.40 -29.63
CA MET A 120 -2.73 -15.45 -28.19
C MET A 120 -3.03 -14.06 -27.64
N ARG A 121 -3.61 -14.01 -26.45
CA ARG A 121 -3.77 -12.78 -25.69
C ARG A 121 -2.87 -12.85 -24.46
N LEU A 122 -1.98 -11.88 -24.33
CA LEU A 122 -0.93 -11.91 -23.32
C LEU A 122 -0.90 -10.58 -22.57
N THR A 123 -0.49 -10.65 -21.31
CA THR A 123 -0.13 -9.49 -20.51
C THR A 123 1.32 -9.68 -20.09
N VAL A 124 2.21 -8.85 -20.62
CA VAL A 124 3.64 -9.00 -20.46
C VAL A 124 4.15 -7.84 -19.62
N ARG A 125 4.79 -8.15 -18.50
CA ARG A 125 5.63 -7.19 -17.80
C ARG A 125 7.04 -7.33 -18.36
N ALA A 126 7.63 -6.21 -18.76
CA ALA A 126 8.93 -6.20 -19.42
C ALA A 126 9.83 -5.16 -18.78
N GLU A 127 11.13 -5.45 -18.79
CA GLU A 127 12.11 -4.52 -18.24
C GLU A 127 12.28 -3.32 -19.16
N CYS A 128 12.35 -2.14 -18.57
CA CYS A 128 12.65 -0.89 -19.27
C CYS A 128 13.75 -0.18 -18.49
N PRO A 129 15.02 -0.49 -18.78
CA PRO A 129 16.11 0.28 -18.15
C PRO A 129 16.00 1.75 -18.48
N MET A 130 16.29 2.59 -17.49
CA MET A 130 16.08 4.04 -17.59
C MET A 130 17.33 4.80 -17.21
N HIS A 131 17.63 5.83 -17.99
CA HIS A 131 18.69 6.78 -17.68
C HIS A 131 18.02 8.02 -17.08
N LEU A 132 18.05 8.11 -15.75
CA LEU A 132 17.38 9.18 -15.02
C LEU A 132 18.31 10.36 -14.72
N GLU A 133 19.28 10.63 -15.59
CA GLU A 133 20.12 11.80 -15.40
C GLU A 133 19.31 13.08 -15.49
N ASP A 134 18.46 13.18 -16.51
CA ASP A 134 17.68 14.39 -16.79
C ASP A 134 16.29 14.33 -16.17
N PHE A 135 16.11 13.56 -15.10
CA PHE A 135 14.80 13.49 -14.49
C PHE A 135 14.44 14.84 -13.88
N PRO A 136 13.19 15.31 -14.03
CA PRO A 136 12.01 14.78 -14.71
C PRO A 136 11.90 15.19 -16.17
N MET A 137 12.98 15.69 -16.74
CA MET A 137 13.03 16.10 -18.14
C MET A 137 13.44 14.97 -19.07
N ASP A 138 13.53 13.75 -18.56
CA ASP A 138 14.12 12.64 -19.32
C ASP A 138 13.08 11.97 -20.21
N ALA A 139 13.58 11.24 -21.20
CA ALA A 139 12.77 10.43 -22.08
C ALA A 139 13.45 9.08 -22.27
N HIS A 140 12.64 8.05 -22.54
CA HIS A 140 13.12 6.68 -22.58
C HIS A 140 12.57 5.97 -23.81
N ALA A 141 13.19 4.83 -24.12
CA ALA A 141 12.77 3.95 -25.21
C ALA A 141 12.67 2.56 -24.60
N CYS A 142 11.49 2.21 -24.11
CA CYS A 142 11.31 0.93 -23.46
C CYS A 142 11.24 -0.18 -24.50
N PRO A 143 12.06 -1.23 -24.42
CA PRO A 143 12.03 -2.27 -25.46
C PRO A 143 11.08 -3.41 -25.13
N LEU A 144 10.69 -4.11 -26.18
CA LEU A 144 9.94 -5.36 -26.10
C LEU A 144 10.57 -6.30 -27.11
N LYS A 145 11.29 -7.29 -26.63
CA LYS A 145 12.09 -8.19 -27.46
C LYS A 145 11.57 -9.61 -27.29
N PHE A 146 11.46 -10.34 -28.39
CA PHE A 146 11.02 -11.73 -28.31
C PHE A 146 11.67 -12.56 -29.40
N GLY A 147 11.62 -13.87 -29.21
CA GLY A 147 12.19 -14.78 -30.18
C GLY A 147 12.10 -16.20 -29.67
N SER A 148 12.61 -17.11 -30.49
CA SER A 148 12.61 -18.52 -30.10
C SER A 148 13.57 -18.76 -28.95
N TYR A 149 13.18 -19.63 -28.03
CA TYR A 149 14.03 -19.94 -26.89
C TYR A 149 15.04 -21.02 -27.23
N ALA A 150 14.63 -22.03 -28.00
CA ALA A 150 15.44 -23.22 -28.23
C ALA A 150 16.04 -23.28 -29.63
N TYR A 151 15.36 -22.75 -30.64
CA TYR A 151 15.78 -22.93 -32.02
C TYR A 151 16.64 -21.75 -32.46
N THR A 152 17.83 -22.07 -32.96
CA THR A 152 18.80 -21.05 -33.33
C THR A 152 18.41 -20.39 -34.65
N ARG A 153 19.27 -19.50 -35.14
CA ARG A 153 19.00 -18.77 -36.37
C ARG A 153 18.89 -19.71 -37.57
N ALA A 154 19.57 -20.85 -37.53
CA ALA A 154 19.58 -21.79 -38.64
C ALA A 154 18.41 -22.76 -38.62
N GLU A 155 17.50 -22.65 -37.65
CA GLU A 155 16.36 -23.54 -37.52
C GLU A 155 15.03 -22.80 -37.57
N VAL A 156 14.90 -21.70 -36.81
CA VAL A 156 13.69 -20.89 -36.78
C VAL A 156 14.10 -19.44 -36.97
N VAL A 157 13.43 -18.75 -37.90
CA VAL A 157 13.63 -17.33 -38.14
C VAL A 157 12.27 -16.65 -38.08
N TYR A 158 12.21 -15.55 -37.35
CA TYR A 158 11.00 -14.76 -37.20
C TYR A 158 11.01 -13.60 -38.20
N GLU A 159 9.83 -13.25 -38.69
CA GLU A 159 9.68 -12.11 -39.58
C GLU A 159 8.36 -11.42 -39.26
N TRP A 160 8.25 -10.18 -39.72
CA TRP A 160 7.03 -9.41 -39.56
C TRP A 160 6.10 -9.70 -40.74
N THR A 161 4.81 -9.87 -40.42
CA THR A 161 3.84 -10.24 -41.45
C THR A 161 3.75 -9.19 -42.54
N ARG A 162 3.76 -7.93 -42.15
CA ARG A 162 3.67 -6.78 -43.02
C ARG A 162 4.98 -6.01 -42.90
N GLU A 163 5.00 -4.79 -43.42
CA GLU A 163 6.15 -3.94 -43.20
C GLU A 163 6.36 -3.77 -41.71
N PRO A 164 7.62 -3.71 -41.22
CA PRO A 164 7.82 -3.72 -39.77
C PRO A 164 7.14 -2.58 -39.03
N ALA A 165 7.01 -1.42 -39.67
CA ALA A 165 6.32 -0.31 -39.02
C ALA A 165 4.85 -0.62 -38.80
N ARG A 166 4.22 -1.29 -39.76
CA ARG A 166 2.80 -1.59 -39.70
C ARG A 166 2.48 -2.93 -39.05
N SER A 167 3.49 -3.67 -38.59
CA SER A 167 3.28 -4.96 -37.97
C SER A 167 3.14 -4.90 -36.46
N VAL A 168 3.20 -3.72 -35.86
CA VAL A 168 2.90 -3.52 -34.45
C VAL A 168 1.92 -2.37 -34.36
N VAL A 169 0.65 -2.67 -34.11
CA VAL A 169 -0.42 -1.68 -34.18
C VAL A 169 -0.93 -1.43 -32.76
N VAL A 170 -0.88 -0.17 -32.32
CA VAL A 170 -1.34 0.22 -31.00
C VAL A 170 -2.75 0.75 -31.12
N ALA A 171 -3.64 0.30 -30.24
CA ALA A 171 -5.01 0.77 -30.26
C ALA A 171 -5.07 2.25 -29.92
N GLU A 172 -6.10 2.92 -30.46
CA GLU A 172 -6.22 4.36 -30.27
C GLU A 172 -6.41 4.71 -28.79
N ASP A 173 -7.23 3.94 -28.10
CA ASP A 173 -7.47 4.14 -26.67
C ASP A 173 -6.46 3.44 -25.79
N GLY A 174 -5.50 2.71 -26.37
CA GLY A 174 -4.63 1.86 -25.59
C GLY A 174 -3.33 2.51 -25.16
N SER A 175 -3.42 3.64 -24.46
CA SER A 175 -2.26 4.32 -23.87
C SER A 175 -2.61 4.63 -22.42
N ARG A 176 -2.36 3.67 -21.54
CA ARG A 176 -2.72 3.78 -20.12
C ARG A 176 -1.53 4.28 -19.31
N LEU A 177 -1.08 5.49 -19.64
CA LEU A 177 0.08 6.11 -19.02
C LEU A 177 -0.35 7.40 -18.32
N ASN A 178 0.07 7.55 -17.07
CA ASN A 178 -0.13 8.78 -16.31
C ASN A 178 1.08 9.70 -16.40
N GLN A 179 2.28 9.15 -16.19
CA GLN A 179 3.50 9.94 -16.16
C GLN A 179 3.94 10.37 -17.56
N TYR A 180 3.86 9.46 -18.52
CA TYR A 180 4.51 9.60 -19.81
C TYR A 180 3.50 9.89 -20.92
N ASP A 181 4.05 10.23 -22.08
CA ASP A 181 3.32 10.31 -23.33
C ASP A 181 3.96 9.33 -24.30
N LEU A 182 3.16 8.43 -24.87
CA LEU A 182 3.66 7.45 -25.82
C LEU A 182 3.81 8.12 -27.17
N LEU A 183 5.02 8.53 -27.51
CA LEU A 183 5.23 9.25 -28.76
C LEU A 183 5.09 8.34 -29.97
N GLY A 184 5.62 7.13 -29.89
CA GLY A 184 5.50 6.22 -31.01
C GLY A 184 6.26 4.93 -30.77
N GLN A 185 6.35 4.13 -31.82
CA GLN A 185 6.99 2.83 -31.78
C GLN A 185 7.99 2.73 -32.93
N THR A 186 9.08 2.01 -32.67
CA THR A 186 10.07 1.68 -33.68
C THR A 186 10.25 0.17 -33.68
N VAL A 187 10.00 -0.46 -34.81
CA VAL A 187 10.02 -1.92 -34.95
C VAL A 187 11.26 -2.32 -35.72
N ASP A 188 11.93 -3.37 -35.24
CA ASP A 188 13.20 -3.79 -35.83
C ASP A 188 13.42 -5.27 -35.56
N SER A 189 14.48 -5.80 -36.17
CA SER A 189 14.88 -7.19 -36.00
C SER A 189 16.39 -7.24 -35.87
N GLY A 190 16.89 -8.26 -35.19
CA GLY A 190 18.31 -8.38 -34.97
C GLY A 190 18.70 -9.79 -34.61
N ILE A 191 19.98 -9.96 -34.29
CA ILE A 191 20.57 -11.25 -33.98
C ILE A 191 21.27 -11.13 -32.64
N VAL A 192 21.12 -12.15 -31.79
CA VAL A 192 21.82 -12.23 -30.52
C VAL A 192 22.64 -13.52 -30.53
N GLN A 193 23.94 -13.38 -30.24
CA GLN A 193 24.87 -14.50 -30.19
C GLN A 193 25.02 -14.90 -28.73
N SER A 194 24.19 -15.83 -28.29
CA SER A 194 24.19 -16.29 -26.92
C SER A 194 25.19 -17.43 -26.76
N SER A 195 25.29 -17.96 -25.54
CA SER A 195 26.19 -19.07 -25.27
C SER A 195 25.75 -20.35 -25.97
N THR A 196 24.48 -20.44 -26.39
CA THR A 196 23.96 -21.63 -27.04
C THR A 196 23.93 -21.52 -28.56
N GLY A 197 23.93 -20.30 -29.10
CA GLY A 197 23.95 -20.12 -30.54
C GLY A 197 23.39 -18.78 -30.92
N GLU A 198 23.28 -18.56 -32.23
CA GLU A 198 22.67 -17.35 -32.75
C GLU A 198 21.15 -17.49 -32.74
N TYR A 199 20.47 -16.39 -32.40
CA TYR A 199 19.02 -16.37 -32.34
C TYR A 199 18.51 -15.08 -32.94
N VAL A 200 17.43 -15.19 -33.71
CA VAL A 200 16.73 -14.02 -34.25
C VAL A 200 15.89 -13.42 -33.13
N VAL A 201 15.96 -12.10 -32.97
CA VAL A 201 15.23 -11.37 -31.94
C VAL A 201 14.44 -10.27 -32.64
N MET A 202 13.12 -10.31 -32.52
CA MET A 202 12.26 -9.25 -33.00
C MET A 202 12.03 -8.27 -31.88
N THR A 203 12.28 -6.99 -32.13
CA THR A 203 12.24 -5.96 -31.12
C THR A 203 11.30 -4.84 -31.53
N THR A 204 10.61 -4.29 -30.54
CA THR A 204 9.90 -3.03 -30.65
C THR A 204 10.44 -2.11 -29.58
N HIS A 205 10.38 -0.81 -29.84
CA HIS A 205 10.83 0.21 -28.90
C HIS A 205 9.73 1.24 -28.79
N PHE A 206 9.13 1.34 -27.61
CA PHE A 206 8.08 2.31 -27.33
C PHE A 206 8.73 3.55 -26.72
N HIS A 207 8.54 4.70 -27.36
CA HIS A 207 9.22 5.92 -26.97
C HIS A 207 8.34 6.74 -26.05
N LEU A 208 8.83 7.01 -24.85
CA LEU A 208 8.09 7.65 -23.78
C LEU A 208 8.79 8.93 -23.37
N LYS A 209 7.99 9.97 -23.09
CA LYS A 209 8.50 11.25 -22.62
C LYS A 209 7.73 11.63 -21.36
N ARG A 210 8.44 11.89 -20.28
CA ARG A 210 7.79 12.19 -19.02
C ARG A 210 7.12 13.55 -19.06
N LYS A 211 5.96 13.64 -18.41
CA LYS A 211 5.27 14.91 -18.25
C LYS A 211 5.90 15.71 -17.12
N ILE A 212 6.02 17.01 -17.34
CA ILE A 212 6.79 17.89 -16.45
C ILE A 212 5.90 18.80 -15.60
N GLY A 213 4.63 18.99 -15.95
CA GLY A 213 3.81 19.98 -15.25
C GLY A 213 3.64 19.67 -13.78
N TYR A 214 3.55 18.39 -13.43
CA TYR A 214 3.41 18.01 -12.03
C TYR A 214 4.61 18.45 -11.22
N PHE A 215 5.81 18.22 -11.75
CA PHE A 215 7.01 18.59 -11.02
C PHE A 215 7.21 20.10 -11.02
N VAL A 216 6.68 20.80 -12.02
CA VAL A 216 6.75 22.25 -12.02
C VAL A 216 5.88 22.82 -10.91
N ILE A 217 4.65 22.30 -10.78
CA ILE A 217 3.73 22.89 -9.81
C ILE A 217 4.02 22.41 -8.39
N GLN A 218 4.55 21.19 -8.22
CA GLN A 218 4.72 20.63 -6.89
C GLN A 218 6.10 20.93 -6.29
N THR A 219 7.15 20.92 -7.10
CA THR A 219 8.52 21.03 -6.59
C THR A 219 9.22 22.31 -7.04
N TYR A 220 9.33 22.54 -8.35
CA TYR A 220 10.15 23.65 -8.83
C TYR A 220 9.57 24.99 -8.38
N LEU A 221 8.28 25.19 -8.60
CA LEU A 221 7.69 26.51 -8.30
C LEU A 221 7.68 26.82 -6.82
N PRO A 222 7.23 25.94 -5.91
CA PRO A 222 7.34 26.26 -4.49
C PRO A 222 8.77 26.44 -4.00
N CYS A 223 9.72 25.69 -4.54
CA CYS A 223 11.12 25.89 -4.17
C CYS A 223 11.61 27.26 -4.60
N ILE A 224 11.25 27.67 -5.82
CA ILE A 224 11.63 29.00 -6.30
C ILE A 224 10.99 30.07 -5.44
N MET A 225 9.75 29.87 -5.02
CA MET A 225 9.11 30.87 -4.17
C MET A 225 9.74 30.93 -2.79
N THR A 226 10.17 29.78 -2.26
CA THR A 226 10.89 29.78 -1.00
C THR A 226 12.20 30.54 -1.12
N VAL A 227 12.92 30.33 -2.22
CA VAL A 227 14.16 31.08 -2.43
C VAL A 227 13.86 32.57 -2.53
N ILE A 228 12.79 32.92 -3.25
CA ILE A 228 12.44 34.33 -3.39
C ILE A 228 12.14 34.95 -2.03
N LEU A 229 11.51 34.18 -1.14
CA LEU A 229 11.34 34.64 0.23
C LEU A 229 12.70 34.85 0.90
N SER A 230 13.66 33.97 0.62
CA SER A 230 14.98 34.16 1.21
C SER A 230 15.61 35.47 0.77
N GLN A 231 15.50 35.83 -0.51
CA GLN A 231 15.99 37.16 -0.90
C GLN A 231 15.12 38.29 -0.36
N VAL A 232 13.80 38.06 -0.20
CA VAL A 232 12.95 39.09 0.40
C VAL A 232 13.38 39.40 1.82
N SER A 233 14.06 38.46 2.47
CA SER A 233 14.67 38.75 3.76
C SER A 233 15.53 40.00 3.73
N PHE A 234 16.26 40.24 2.63
CA PHE A 234 17.24 41.32 2.59
C PHE A 234 16.61 42.70 2.68
N TRP A 235 15.33 42.84 2.35
CA TRP A 235 14.70 44.14 2.27
C TRP A 235 14.14 44.63 3.60
N LEU A 236 14.18 43.80 4.66
CA LEU A 236 13.78 44.24 5.98
C LEU A 236 14.91 45.03 6.62
N ASN A 237 14.54 45.93 7.53
CA ASN A 237 15.54 46.74 8.21
C ASN A 237 16.42 45.86 9.08
N ARG A 238 17.71 46.21 9.14
CA ARG A 238 18.69 45.37 9.83
C ARG A 238 18.44 45.29 11.34
N GLU A 239 17.71 46.25 11.91
CA GLU A 239 17.46 46.25 13.34
C GLU A 239 16.38 45.26 13.76
N SER A 240 15.67 44.64 12.80
CA SER A 240 14.69 43.61 13.11
C SER A 240 15.41 42.26 13.17
N VAL A 241 16.26 42.12 14.19
CA VAL A 241 17.09 40.92 14.33
C VAL A 241 16.26 39.66 14.53
N PRO A 242 15.31 39.61 15.49
CA PRO A 242 14.53 38.37 15.63
C PRO A 242 13.69 38.06 14.42
N ALA A 243 13.13 39.09 13.78
CA ALA A 243 12.30 38.87 12.61
C ALA A 243 13.11 38.24 11.49
N ARG A 244 14.29 38.78 11.20
CA ARG A 244 15.09 38.26 10.10
C ARG A 244 15.69 36.90 10.42
N THR A 245 16.05 36.66 11.68
CA THR A 245 16.54 35.33 12.06
C THR A 245 15.44 34.29 11.89
N VAL A 246 14.24 34.59 12.38
CA VAL A 246 13.12 33.67 12.22
C VAL A 246 12.83 33.45 10.75
N PHE A 247 12.85 34.52 9.97
CA PHE A 247 12.60 34.44 8.54
C PHE A 247 13.57 33.48 7.87
N GLY A 248 14.87 33.68 8.10
CA GLY A 248 15.86 32.84 7.45
C GLY A 248 15.77 31.39 7.88
N VAL A 249 15.67 31.15 9.19
CA VAL A 249 15.72 29.78 9.67
C VAL A 249 14.45 29.02 9.29
N THR A 250 13.30 29.68 9.33
CA THR A 250 12.07 29.01 8.93
C THR A 250 12.01 28.81 7.42
N THR A 251 12.64 29.70 6.64
CA THR A 251 12.75 29.45 5.21
C THR A 251 13.62 28.22 4.95
N VAL A 252 14.69 28.06 5.73
CA VAL A 252 15.52 26.85 5.59
C VAL A 252 14.72 25.61 5.94
N LEU A 253 13.92 25.67 7.00
CA LEU A 253 13.07 24.53 7.36
C LEU A 253 12.06 24.21 6.27
N THR A 254 11.46 25.25 5.68
CA THR A 254 10.52 25.06 4.58
C THR A 254 11.20 24.39 3.39
N MET A 255 12.41 24.84 3.06
CA MET A 255 13.15 24.23 1.96
C MET A 255 13.46 22.77 2.26
N THR A 256 13.80 22.47 3.51
CA THR A 256 14.07 21.08 3.88
C THR A 256 12.83 20.21 3.71
N THR A 257 11.67 20.72 4.16
CA THR A 257 10.43 19.98 3.98
C THR A 257 10.14 19.75 2.50
N LEU A 258 10.34 20.78 1.68
CA LEU A 258 10.11 20.64 0.25
C LEU A 258 11.04 19.60 -0.37
N SER A 259 12.32 19.62 0.02
CA SER A 259 13.27 18.66 -0.52
C SER A 259 12.87 17.23 -0.16
N ILE A 260 12.51 17.02 1.10
CA ILE A 260 12.10 15.70 1.55
C ILE A 260 10.90 15.22 0.76
N SER A 261 9.88 16.07 0.62
CA SER A 261 8.68 15.66 -0.10
C SER A 261 8.98 15.41 -1.57
N ALA A 262 9.82 16.25 -2.17
CA ALA A 262 10.14 16.07 -3.58
C ALA A 262 10.79 14.72 -3.82
N ARG A 263 11.73 14.34 -2.96
CA ARG A 263 12.45 13.10 -3.20
C ARG A 263 11.67 11.87 -2.77
N ASN A 264 10.77 12.00 -1.79
CA ASN A 264 10.11 10.82 -1.24
C ASN A 264 9.30 10.08 -2.29
N SER A 265 8.84 10.79 -3.34
CA SER A 265 7.95 10.23 -4.34
C SER A 265 8.69 9.85 -5.62
N LEU A 266 9.94 9.40 -5.50
CA LEU A 266 10.81 9.19 -6.65
C LEU A 266 11.50 7.84 -6.52
N PRO A 267 12.01 7.28 -7.63
CA PRO A 267 12.71 6.00 -7.53
C PRO A 267 14.02 6.13 -6.78
N LYS A 268 14.46 5.02 -6.22
CA LYS A 268 15.66 4.98 -5.38
C LYS A 268 16.88 4.88 -6.27
N VAL A 269 17.39 6.04 -6.66
CA VAL A 269 18.54 6.15 -7.55
C VAL A 269 19.76 6.51 -6.71
N ALA A 270 20.93 6.09 -7.19
CA ALA A 270 22.19 6.42 -6.52
C ALA A 270 22.70 7.80 -6.93
N TYR A 271 23.05 7.96 -8.21
CA TYR A 271 23.53 9.24 -8.69
C TYR A 271 22.44 10.29 -8.59
N ALA A 272 22.83 11.54 -8.85
CA ALA A 272 21.96 12.69 -8.67
C ALA A 272 21.24 13.03 -9.98
N THR A 273 19.97 13.42 -9.85
CA THR A 273 19.14 13.85 -10.96
C THR A 273 19.14 15.37 -11.06
N ALA A 274 18.52 15.87 -12.14
CA ALA A 274 18.40 17.31 -12.30
C ALA A 274 17.57 17.92 -11.18
N MET A 275 16.53 17.21 -10.74
CA MET A 275 15.76 17.65 -9.58
C MET A 275 16.65 17.79 -8.35
N ASP A 276 17.55 16.82 -8.15
CA ASP A 276 18.44 16.87 -6.99
C ASP A 276 19.35 18.08 -7.06
N TRP A 277 19.87 18.40 -8.24
CA TRP A 277 20.77 19.55 -8.35
C TRP A 277 20.01 20.86 -8.13
N PHE A 278 18.80 20.96 -8.66
CA PHE A 278 18.00 22.16 -8.40
C PHE A 278 17.72 22.32 -6.91
N ILE A 279 17.38 21.22 -6.23
CA ILE A 279 17.08 21.28 -4.80
C ILE A 279 18.34 21.65 -4.01
N ALA A 280 19.49 21.11 -4.40
CA ALA A 280 20.73 21.42 -3.70
C ALA A 280 21.08 22.89 -3.85
N VAL A 281 20.89 23.44 -5.05
CA VAL A 281 21.19 24.86 -5.25
C VAL A 281 20.22 25.71 -4.46
N CYS A 282 18.96 25.29 -4.34
CA CYS A 282 18.01 26.04 -3.52
C CYS A 282 18.39 26.01 -2.04
N TYR A 283 18.84 24.85 -1.53
CA TYR A 283 19.45 24.79 -0.21
C TYR A 283 20.58 25.80 -0.07
N ALA A 284 21.49 25.80 -1.03
CA ALA A 284 22.64 26.69 -0.95
C ALA A 284 22.20 28.14 -0.90
N PHE A 285 21.16 28.49 -1.67
CA PHE A 285 20.72 29.87 -1.71
C PHE A 285 20.07 30.30 -0.40
N VAL A 286 19.21 29.46 0.18
CA VAL A 286 18.58 29.86 1.45
C VAL A 286 19.62 29.90 2.57
N PHE A 287 20.55 28.94 2.58
CA PHE A 287 21.62 28.95 3.57
C PHE A 287 22.47 30.20 3.44
N SER A 288 22.82 30.58 2.21
CA SER A 288 23.62 31.76 1.99
C SER A 288 22.87 33.03 2.37
N ALA A 289 21.55 33.06 2.17
CA ALA A 289 20.78 34.21 2.62
C ALA A 289 20.85 34.37 4.13
N LEU A 290 20.72 33.25 4.86
CA LEU A 290 20.81 33.35 6.32
C LEU A 290 22.21 33.77 6.76
N ILE A 291 23.25 33.27 6.10
CA ILE A 291 24.62 33.69 6.43
C ILE A 291 24.81 35.16 6.11
N GLU A 292 24.20 35.63 5.02
CA GLU A 292 24.24 37.05 4.68
C GLU A 292 23.63 37.90 5.77
N PHE A 293 22.48 37.47 6.30
CA PHE A 293 21.89 38.24 7.39
C PHE A 293 22.79 38.22 8.62
N ALA A 294 23.43 37.08 8.90
CA ALA A 294 24.33 37.01 10.05
C ALA A 294 25.47 38.01 9.91
N THR A 295 26.04 38.09 8.70
CA THR A 295 27.11 39.06 8.47
C THR A 295 26.61 40.49 8.58
N VAL A 296 25.40 40.77 8.08
CA VAL A 296 24.85 42.11 8.19
C VAL A 296 24.67 42.48 9.66
N ASN A 297 24.12 41.56 10.45
CA ASN A 297 23.86 41.82 11.85
C ASN A 297 25.15 41.99 12.63
N TYR A 298 26.24 41.34 12.20
CA TYR A 298 27.50 41.46 12.93
C TYR A 298 28.01 42.89 12.95
N PHE A 299 27.64 43.69 11.95
CA PHE A 299 28.11 45.07 11.84
C PHE A 299 27.08 46.11 12.26
N THR A 300 25.91 45.68 12.73
CA THR A 300 24.93 46.64 13.22
C THR A 300 25.36 47.21 14.56
N LYS A 301 25.32 48.53 14.69
CA LYS A 301 25.78 49.21 15.90
C LYS A 301 24.64 49.44 16.89
N ARG A 302 23.62 50.16 16.46
CA ARG A 302 22.52 50.55 17.34
C ARG A 302 21.43 49.49 17.33
N GLY A 303 20.85 49.24 18.48
CA GLY A 303 19.79 48.28 18.65
C GLY A 303 18.39 48.80 18.41
N TYR A 304 18.25 50.04 17.96
CA TYR A 304 16.95 50.67 17.73
C TYR A 304 16.84 51.07 16.27
N ALA A 305 15.68 50.80 15.68
CA ALA A 305 15.44 51.12 14.28
C ALA A 305 15.18 52.61 14.13
N TRP A 306 14.97 53.04 12.89
CA TRP A 306 14.66 54.45 12.63
C TRP A 306 13.36 54.83 13.31
N ASP A 307 13.37 55.98 13.99
CA ASP A 307 12.21 56.39 14.78
C ASP A 307 11.03 56.81 13.92
N GLY A 308 11.26 57.18 12.67
CA GLY A 308 10.18 57.66 11.81
C GLY A 308 9.87 59.13 11.95
N LYS A 309 10.54 59.84 12.86
CA LYS A 309 10.31 61.26 13.09
C LYS A 309 11.63 62.00 13.22
N SER A 310 12.57 61.68 12.34
CA SER A 310 13.89 62.28 12.38
C SER A 310 14.44 62.38 10.96
N VAL A 311 15.49 63.19 10.82
CA VAL A 311 16.11 63.47 9.52
C VAL A 311 17.51 62.87 9.47
N VAL A 312 17.73 61.78 10.20
CA VAL A 312 19.02 61.11 10.23
C VAL A 312 20.09 62.07 10.76
N LYS A 373 20.59 62.15 18.12
CA LYS A 373 20.57 60.69 18.10
C LYS A 373 20.79 60.17 16.69
N THR A 374 21.87 59.43 16.50
CA THR A 374 22.19 58.86 15.21
C THR A 374 21.39 57.58 14.96
N PHE A 375 21.41 57.12 13.72
CA PHE A 375 20.71 55.92 13.30
C PHE A 375 21.62 55.11 12.40
N ASN A 376 21.40 53.80 12.39
CA ASN A 376 22.18 52.91 11.54
C ASN A 376 21.90 53.18 10.08
N SER A 377 22.95 53.24 9.27
CA SER A 377 22.80 53.31 7.84
C SER A 377 22.41 51.95 7.29
N VAL A 378 21.80 51.95 6.11
CA VAL A 378 21.46 50.71 5.44
C VAL A 378 22.75 49.98 5.09
N SER A 379 22.80 48.69 5.40
CA SER A 379 24.02 47.93 5.22
C SER A 379 24.39 47.84 3.74
N LYS A 380 25.68 48.05 3.46
CA LYS A 380 26.16 47.84 2.10
C LYS A 380 26.02 46.39 1.69
N ILE A 381 26.19 45.47 2.63
CA ILE A 381 26.05 44.04 2.32
C ILE A 381 24.64 43.75 1.85
N ASP A 382 23.63 44.25 2.57
CA ASP A 382 22.26 44.10 2.12
C ASP A 382 22.04 44.83 0.80
N ARG A 383 22.63 46.02 0.67
CA ARG A 383 22.37 46.85 -0.49
C ARG A 383 22.81 46.16 -1.78
N LEU A 384 23.98 45.51 -1.76
CA LEU A 384 24.41 44.78 -2.95
C LEU A 384 23.94 43.33 -2.96
N SER A 385 23.49 42.78 -1.83
CA SER A 385 22.88 41.45 -1.87
C SER A 385 21.55 41.49 -2.59
N ARG A 386 20.80 42.60 -2.43
CA ARG A 386 19.54 42.76 -3.13
C ARG A 386 19.70 42.68 -4.64
N ILE A 387 20.88 43.01 -5.15
CA ILE A 387 21.17 42.87 -6.58
C ILE A 387 21.81 41.52 -6.87
N ALA A 388 22.78 41.10 -6.06
CA ALA A 388 23.57 39.91 -6.38
C ALA A 388 22.72 38.64 -6.31
N PHE A 389 22.02 38.44 -5.20
CA PHE A 389 21.34 37.16 -5.00
C PHE A 389 20.27 36.88 -6.05
N PRO A 390 19.33 37.79 -6.33
CA PRO A 390 18.37 37.51 -7.41
C PRO A 390 19.03 37.33 -8.76
N LEU A 391 20.10 38.07 -9.05
CA LEU A 391 20.75 37.90 -10.35
C LEU A 391 21.43 36.54 -10.44
N LEU A 392 22.12 36.12 -9.38
CA LEU A 392 22.74 34.79 -9.40
C LEU A 392 21.70 33.69 -9.55
N PHE A 393 20.60 33.79 -8.81
CA PHE A 393 19.55 32.78 -8.94
C PHE A 393 18.92 32.82 -10.33
N GLY A 394 18.76 34.01 -10.90
CA GLY A 394 18.19 34.11 -12.24
C GLY A 394 19.07 33.46 -13.29
N ILE A 395 20.39 33.72 -13.23
CA ILE A 395 21.25 33.12 -14.23
C ILE A 395 21.37 31.62 -14.01
N PHE A 396 21.32 31.16 -12.76
CA PHE A 396 21.33 29.72 -12.52
C PHE A 396 20.09 29.07 -13.11
N ASN A 397 18.92 29.69 -12.91
CA ASN A 397 17.70 29.14 -13.49
C ASN A 397 17.75 29.17 -15.01
N LEU A 398 18.30 30.25 -15.58
CA LEU A 398 18.39 30.33 -17.04
C LEU A 398 19.28 29.21 -17.58
N VAL A 399 20.42 28.98 -16.95
CA VAL A 399 21.31 27.89 -17.36
C VAL A 399 20.62 26.54 -17.20
N TYR A 400 19.93 26.34 -16.08
CA TYR A 400 19.29 25.05 -15.83
C TYR A 400 18.21 24.76 -16.87
N TRP A 401 17.29 25.70 -17.07
CA TRP A 401 16.17 25.50 -17.97
C TRP A 401 16.58 25.60 -19.43
N ALA A 402 17.75 26.14 -19.75
CA ALA A 402 18.29 26.05 -21.10
C ALA A 402 19.02 24.74 -21.34
N THR A 403 19.64 24.19 -20.28
CA THR A 403 20.36 22.94 -20.44
C THR A 403 19.41 21.76 -20.61
N TYR A 404 18.37 21.69 -19.77
CA TYR A 404 17.59 20.46 -19.70
C TYR A 404 16.41 20.44 -20.66
N LEU A 405 15.86 21.59 -21.04
CA LEU A 405 14.79 21.63 -22.03
C LEU A 405 15.37 21.60 -23.44
N MET B 1 -32.94 -42.85 -8.58
CA MET B 1 -31.59 -42.32 -8.72
C MET B 1 -30.83 -43.02 -9.84
N SER B 2 -31.14 -44.30 -10.07
CA SER B 2 -30.47 -45.03 -11.14
C SER B 2 -30.83 -44.44 -12.50
N PHE B 3 -32.13 -44.22 -12.75
CA PHE B 3 -32.59 -43.77 -14.06
C PHE B 3 -31.91 -42.47 -14.46
N VAL B 4 -31.68 -41.59 -13.49
CA VAL B 4 -30.88 -40.39 -13.75
C VAL B 4 -29.47 -40.79 -14.17
N LYS B 5 -28.92 -41.86 -13.58
CA LYS B 5 -27.55 -42.23 -13.89
C LYS B 5 -27.44 -42.70 -15.35
N GLU B 6 -28.34 -43.59 -15.78
CA GLU B 6 -28.30 -43.98 -17.20
C GLU B 6 -28.60 -42.80 -18.11
N THR B 7 -29.51 -41.91 -17.72
CA THR B 7 -29.83 -40.77 -18.59
C THR B 7 -28.63 -39.87 -18.78
N VAL B 8 -27.93 -39.54 -17.68
CA VAL B 8 -26.77 -38.66 -17.78
C VAL B 8 -25.65 -39.35 -18.55
N ASP B 9 -25.44 -40.64 -18.31
CA ASP B 9 -24.39 -41.35 -19.04
C ASP B 9 -24.70 -41.38 -20.53
N LYS B 10 -25.97 -41.57 -20.89
CA LYS B 10 -26.36 -41.53 -22.29
C LYS B 10 -26.10 -40.17 -22.89
N LEU B 11 -26.42 -39.10 -22.15
CA LEU B 11 -26.18 -37.76 -22.67
C LEU B 11 -24.69 -37.53 -22.93
N LEU B 12 -23.84 -37.95 -21.99
CA LEU B 12 -22.41 -37.73 -22.15
C LEU B 12 -21.74 -38.77 -23.04
N LYS B 13 -22.45 -39.82 -23.46
CA LYS B 13 -21.88 -40.85 -24.31
C LYS B 13 -21.94 -40.40 -25.76
N GLY B 14 -20.79 -40.37 -26.43
CA GLY B 14 -20.71 -39.91 -27.80
C GLY B 14 -20.70 -38.41 -27.96
N TYR B 15 -20.72 -37.65 -26.87
CA TYR B 15 -20.72 -36.20 -26.96
C TYR B 15 -19.38 -35.70 -27.47
N ASP B 16 -19.41 -34.77 -28.42
CA ASP B 16 -18.21 -34.21 -29.02
C ASP B 16 -18.05 -32.77 -28.52
N ILE B 17 -17.08 -32.57 -27.63
CA ILE B 17 -16.85 -31.26 -27.05
C ILE B 17 -16.35 -30.28 -28.10
N ARG B 18 -15.66 -30.77 -29.13
CA ARG B 18 -15.09 -29.90 -30.14
C ARG B 18 -16.16 -29.22 -31.00
N LEU B 19 -17.37 -29.78 -31.05
CA LEU B 19 -18.42 -29.30 -31.93
C LEU B 19 -19.42 -28.46 -31.14
N ARG B 20 -19.69 -27.26 -31.62
CA ARG B 20 -20.65 -26.40 -30.94
C ARG B 20 -22.06 -26.91 -31.18
N PRO B 21 -23.04 -26.46 -30.38
CA PRO B 21 -24.43 -26.78 -30.69
C PRO B 21 -24.82 -26.22 -32.06
N ASP B 22 -25.39 -27.09 -32.89
CA ASP B 22 -25.76 -26.75 -34.26
C ASP B 22 -24.53 -26.27 -35.03
N PHE B 23 -23.58 -27.18 -35.21
CA PHE B 23 -22.31 -26.82 -35.84
C PHE B 23 -22.51 -26.32 -37.26
N GLY B 24 -23.33 -27.03 -38.05
CA GLY B 24 -23.69 -26.58 -39.37
C GLY B 24 -24.87 -25.65 -39.44
N GLY B 25 -25.52 -25.38 -38.31
CA GLY B 25 -26.77 -24.65 -38.28
C GLY B 25 -26.58 -23.16 -38.03
N PRO B 26 -27.65 -22.48 -37.61
CA PRO B 26 -27.54 -21.06 -37.29
C PRO B 26 -26.64 -20.84 -36.08
N PRO B 27 -26.32 -19.59 -35.76
CA PRO B 27 -25.52 -19.33 -34.57
C PRO B 27 -26.26 -19.71 -33.30
N VAL B 28 -25.50 -20.18 -32.32
CA VAL B 28 -26.04 -20.46 -31.00
C VAL B 28 -26.12 -19.16 -30.21
N CYS B 29 -27.32 -18.88 -29.68
CA CYS B 29 -27.54 -17.66 -28.92
C CYS B 29 -27.19 -17.90 -27.46
N VAL B 30 -26.32 -17.07 -26.92
CA VAL B 30 -25.82 -17.20 -25.54
C VAL B 30 -26.30 -15.97 -24.77
N GLY B 31 -27.29 -16.17 -23.90
CA GLY B 31 -27.67 -15.12 -22.99
C GLY B 31 -26.72 -15.06 -21.81
N MET B 32 -26.61 -13.87 -21.21
CA MET B 32 -25.69 -13.64 -20.11
C MET B 32 -26.35 -12.86 -18.99
N ASN B 33 -26.04 -13.27 -17.77
CA ASN B 33 -26.43 -12.56 -16.55
C ASN B 33 -25.17 -12.31 -15.73
N ILE B 34 -25.18 -11.21 -14.99
CA ILE B 34 -24.13 -10.88 -14.04
C ILE B 34 -24.80 -10.48 -12.73
N ASP B 35 -24.23 -10.92 -11.62
CA ASP B 35 -24.62 -10.45 -10.30
C ASP B 35 -23.36 -9.95 -9.61
N ILE B 36 -23.27 -8.63 -9.44
CA ILE B 36 -22.05 -8.00 -8.92
C ILE B 36 -22.03 -8.22 -7.41
N ALA B 37 -21.12 -9.07 -6.94
CA ALA B 37 -20.99 -9.28 -5.51
C ALA B 37 -20.32 -8.09 -4.85
N SER B 38 -19.33 -7.48 -5.51
CA SER B 38 -18.60 -6.37 -4.93
C SER B 38 -17.67 -5.78 -5.97
N ILE B 39 -17.48 -4.47 -5.91
CA ILE B 39 -16.42 -3.77 -6.62
C ILE B 39 -15.39 -3.41 -5.56
N ASP B 40 -14.22 -4.04 -5.62
CA ASP B 40 -13.32 -4.05 -4.47
C ASP B 40 -12.43 -2.82 -4.44
N MET B 41 -11.64 -2.61 -5.49
CA MET B 41 -10.64 -1.56 -5.54
C MET B 41 -10.81 -0.76 -6.81
N VAL B 42 -10.38 0.50 -6.75
CA VAL B 42 -10.35 1.39 -7.91
C VAL B 42 -9.01 2.12 -7.90
N SER B 43 -8.04 1.60 -8.64
CA SER B 43 -6.68 2.12 -8.60
C SER B 43 -6.53 3.19 -9.67
N GLU B 44 -6.36 4.44 -9.25
CA GLU B 44 -6.05 5.50 -10.20
C GLU B 44 -4.66 5.33 -10.78
N VAL B 45 -3.71 4.83 -9.97
CA VAL B 45 -2.34 4.67 -10.42
C VAL B 45 -2.26 3.64 -11.53
N ASN B 46 -2.84 2.46 -11.32
CA ASN B 46 -2.86 1.42 -12.33
C ASN B 46 -4.00 1.60 -13.34
N MET B 47 -4.94 2.50 -13.07
CA MET B 47 -6.06 2.78 -13.99
C MET B 47 -6.87 1.51 -14.25
N ASP B 48 -7.28 0.85 -13.17
CA ASP B 48 -8.12 -0.33 -13.28
C ASP B 48 -9.02 -0.40 -12.05
N TYR B 49 -9.85 -1.42 -12.01
CA TYR B 49 -10.72 -1.68 -10.88
C TYR B 49 -10.98 -3.16 -10.77
N THR B 50 -11.19 -3.64 -9.54
CA THR B 50 -11.43 -5.04 -9.27
C THR B 50 -12.92 -5.27 -9.04
N LEU B 51 -13.42 -6.41 -9.52
CA LEU B 51 -14.84 -6.67 -9.57
C LEU B 51 -15.08 -8.16 -9.37
N THR B 52 -15.87 -8.51 -8.35
CA THR B 52 -16.28 -9.88 -8.11
C THR B 52 -17.72 -10.05 -8.57
N MET B 53 -18.00 -11.13 -9.29
CA MET B 53 -19.32 -11.30 -9.88
C MET B 53 -19.65 -12.78 -10.00
N TYR B 54 -20.94 -13.06 -10.05
CA TYR B 54 -21.48 -14.33 -10.51
C TYR B 54 -21.87 -14.13 -11.97
N PHE B 55 -21.13 -14.76 -12.87
CA PHE B 55 -21.28 -14.60 -14.31
C PHE B 55 -21.90 -15.88 -14.85
N GLN B 56 -23.11 -15.77 -15.38
CA GLN B 56 -23.90 -16.91 -15.83
C GLN B 56 -24.18 -16.79 -17.32
N GLN B 57 -24.07 -17.92 -18.01
CA GLN B 57 -24.31 -18.00 -19.45
C GLN B 57 -25.34 -19.08 -19.70
N TYR B 58 -26.35 -18.75 -20.50
CA TYR B 58 -27.44 -19.65 -20.85
C TYR B 58 -27.39 -19.91 -22.34
N TRP B 59 -27.47 -21.18 -22.74
CA TRP B 59 -27.60 -21.48 -24.16
C TRP B 59 -28.38 -22.79 -24.29
N ARG B 60 -28.60 -23.21 -25.53
CA ARG B 60 -29.41 -24.39 -25.82
C ARG B 60 -28.54 -25.40 -26.57
N ASP B 61 -28.58 -26.65 -26.12
CA ASP B 61 -27.84 -27.74 -26.73
C ASP B 61 -28.79 -28.92 -26.91
N LYS B 62 -29.17 -29.19 -28.16
CA LYS B 62 -30.08 -30.30 -28.43
C LYS B 62 -29.47 -31.64 -28.05
N ARG B 63 -28.14 -31.74 -28.05
CA ARG B 63 -27.50 -33.00 -27.68
C ARG B 63 -27.80 -33.39 -26.25
N LEU B 64 -28.05 -32.42 -25.38
CA LEU B 64 -28.23 -32.66 -23.95
C LEU B 64 -29.70 -32.70 -23.53
N ALA B 65 -30.63 -32.67 -24.48
CA ALA B 65 -32.03 -32.78 -24.13
C ALA B 65 -32.33 -34.18 -23.61
N TYR B 66 -33.22 -34.27 -22.61
CA TYR B 66 -33.58 -35.54 -22.01
C TYR B 66 -35.04 -35.48 -21.61
N SER B 67 -35.63 -36.67 -21.43
CA SER B 67 -37.04 -36.80 -21.10
C SER B 67 -37.21 -37.88 -20.04
N GLY B 68 -38.33 -37.81 -19.34
CA GLY B 68 -38.63 -38.73 -18.27
C GLY B 68 -38.14 -38.32 -16.90
N ILE B 69 -37.44 -37.19 -16.79
CA ILE B 69 -36.93 -36.68 -15.52
C ILE B 69 -37.41 -35.23 -15.40
N PRO B 70 -38.63 -34.98 -14.92
CA PRO B 70 -39.10 -33.58 -14.88
C PRO B 70 -38.50 -32.79 -13.74
N LEU B 71 -37.21 -32.51 -13.85
CA LEU B 71 -36.51 -31.65 -12.90
C LEU B 71 -35.16 -31.28 -13.49
N ASN B 72 -34.70 -30.09 -13.12
CA ASN B 72 -33.44 -29.59 -13.66
C ASN B 72 -32.28 -30.29 -13.00
N LEU B 73 -31.36 -30.80 -13.82
CA LEU B 73 -30.26 -31.63 -13.34
C LEU B 73 -29.08 -30.71 -13.05
N THR B 74 -28.89 -30.38 -11.78
CA THR B 74 -27.70 -29.65 -11.35
C THR B 74 -26.59 -30.66 -11.16
N LEU B 75 -25.61 -30.67 -12.06
CA LEU B 75 -24.56 -31.67 -12.04
C LEU B 75 -23.33 -31.12 -11.34
N ASP B 76 -22.44 -32.03 -10.95
CA ASP B 76 -21.16 -31.64 -10.39
C ASP B 76 -20.38 -30.82 -11.41
N ASN B 77 -19.70 -29.78 -10.95
CA ASN B 77 -19.09 -28.82 -11.85
C ASN B 77 -18.00 -29.44 -12.72
N ARG B 78 -17.46 -30.60 -12.34
CA ARG B 78 -16.44 -31.24 -13.15
C ARG B 78 -16.96 -31.59 -14.54
N VAL B 79 -18.26 -31.84 -14.66
CA VAL B 79 -18.85 -32.15 -15.96
C VAL B 79 -18.69 -30.99 -16.94
N ALA B 80 -18.43 -29.78 -16.45
CA ALA B 80 -18.16 -28.66 -17.34
C ALA B 80 -16.96 -28.93 -18.22
N ASP B 81 -15.99 -29.72 -17.75
CA ASP B 81 -14.83 -30.03 -18.57
C ASP B 81 -15.18 -30.95 -19.73
N GLN B 82 -16.33 -31.62 -19.69
CA GLN B 82 -16.75 -32.53 -20.74
C GLN B 82 -17.69 -31.91 -21.75
N LEU B 83 -18.44 -30.90 -21.36
CA LEU B 83 -19.40 -30.27 -22.26
C LEU B 83 -18.77 -29.09 -22.99
N TRP B 84 -19.35 -28.78 -24.15
CA TRP B 84 -18.99 -27.56 -24.84
C TRP B 84 -19.52 -26.35 -24.08
N VAL B 85 -18.70 -25.31 -23.98
CA VAL B 85 -19.11 -24.03 -23.40
C VAL B 85 -18.58 -22.90 -24.26
N PRO B 86 -19.22 -21.73 -24.22
CA PRO B 86 -18.75 -20.63 -25.08
C PRO B 86 -17.35 -20.18 -24.72
N ASP B 87 -16.63 -19.69 -25.71
CA ASP B 87 -15.28 -19.16 -25.52
C ASP B 87 -15.32 -17.67 -25.17
N THR B 88 -16.12 -17.34 -24.16
CA THR B 88 -16.23 -15.97 -23.73
C THR B 88 -14.92 -15.50 -23.10
N TYR B 89 -14.66 -14.21 -23.20
CA TYR B 89 -13.51 -13.64 -22.53
C TYR B 89 -13.74 -12.14 -22.37
N PHE B 90 -13.11 -11.57 -21.35
CA PHE B 90 -13.27 -10.18 -21.02
C PHE B 90 -12.13 -9.39 -21.65
N LEU B 91 -12.46 -8.49 -22.57
CA LEU B 91 -11.45 -7.87 -23.41
C LEU B 91 -10.52 -6.98 -22.60
N ASN B 92 -11.06 -6.18 -21.70
CA ASN B 92 -10.26 -5.23 -20.91
C ASN B 92 -9.77 -5.82 -19.61
N ASP B 93 -9.58 -7.13 -19.56
CA ASP B 93 -9.12 -7.82 -18.37
C ASP B 93 -7.61 -7.73 -18.23
N LYS B 94 -7.14 -7.72 -16.99
CA LYS B 94 -5.72 -7.72 -16.64
C LYS B 94 -5.33 -8.93 -15.82
N LYS B 95 -6.17 -9.34 -14.87
CA LYS B 95 -5.84 -10.46 -14.00
C LYS B 95 -7.15 -10.96 -13.40
N SER B 96 -7.52 -12.20 -13.73
CA SER B 96 -8.78 -12.76 -13.29
C SER B 96 -8.60 -14.21 -12.89
N PHE B 97 -9.56 -14.68 -12.10
CA PHE B 97 -9.52 -16.06 -11.57
C PHE B 97 -10.90 -16.51 -11.19
N VAL B 98 -11.20 -17.79 -11.35
CA VAL B 98 -12.48 -18.35 -10.85
C VAL B 98 -12.18 -18.88 -9.45
N HIS B 99 -12.96 -18.51 -8.46
CA HIS B 99 -12.69 -18.91 -7.06
C HIS B 99 -12.60 -20.43 -6.97
N GLY B 100 -11.88 -20.98 -5.99
CA GLY B 100 -11.62 -22.40 -5.92
C GLY B 100 -11.80 -23.06 -4.57
N VAL B 101 -12.51 -22.40 -3.66
CA VAL B 101 -12.75 -22.90 -2.31
C VAL B 101 -14.27 -22.97 -2.09
N THR B 102 -14.80 -24.08 -1.56
CA THR B 102 -14.11 -25.32 -1.21
C THR B 102 -13.77 -26.12 -2.46
N VAL B 103 -14.60 -25.94 -3.49
CA VAL B 103 -14.40 -26.59 -4.82
C VAL B 103 -14.43 -25.43 -5.82
N LYS B 104 -14.16 -25.67 -7.10
CA LYS B 104 -14.24 -24.60 -8.10
C LYS B 104 -15.63 -23.98 -8.05
N ASN B 105 -15.72 -22.67 -7.85
CA ASN B 105 -17.02 -21.98 -7.82
C ASN B 105 -17.57 -22.00 -9.23
N ARG B 106 -18.13 -23.13 -9.64
CA ARG B 106 -18.65 -23.32 -10.98
C ARG B 106 -19.95 -24.11 -10.88
N MET B 107 -20.86 -23.85 -11.81
CA MET B 107 -22.18 -24.47 -11.80
C MET B 107 -22.52 -24.92 -13.21
N ILE B 108 -22.99 -26.15 -13.34
CA ILE B 108 -23.60 -26.67 -14.56
C ILE B 108 -24.99 -27.16 -14.19
N ARG B 109 -26.00 -26.62 -14.87
CA ARG B 109 -27.37 -27.06 -14.70
C ARG B 109 -27.97 -27.34 -16.07
N LEU B 110 -28.35 -28.59 -16.29
CA LEU B 110 -29.05 -28.99 -17.50
C LEU B 110 -30.56 -28.94 -17.26
N HIS B 111 -31.30 -28.79 -18.35
CA HIS B 111 -32.74 -28.65 -18.36
C HIS B 111 -33.31 -29.69 -19.31
N PRO B 112 -34.56 -30.13 -19.10
CA PRO B 112 -35.09 -31.21 -19.95
C PRO B 112 -35.17 -30.87 -21.42
N ASP B 113 -35.25 -29.58 -21.78
CA ASP B 113 -35.33 -29.17 -23.16
C ASP B 113 -33.95 -28.98 -23.80
N GLY B 114 -32.88 -29.27 -23.08
CA GLY B 114 -31.53 -29.10 -23.60
C GLY B 114 -30.88 -27.77 -23.28
N THR B 115 -31.48 -26.96 -22.42
CA THR B 115 -30.90 -25.69 -22.04
C THR B 115 -29.82 -25.89 -20.99
N VAL B 116 -28.64 -25.32 -21.23
CA VAL B 116 -27.50 -25.38 -20.33
C VAL B 116 -27.35 -24.02 -19.67
N LEU B 117 -27.24 -24.03 -18.34
CA LEU B 117 -26.91 -22.87 -17.54
C LEU B 117 -25.54 -23.10 -16.92
N TYR B 118 -24.63 -22.16 -17.14
CA TYR B 118 -23.22 -22.32 -16.80
C TYR B 118 -22.78 -21.09 -16.02
N GLY B 119 -22.52 -21.27 -14.73
CA GLY B 119 -22.20 -20.17 -13.84
C GLY B 119 -20.78 -20.25 -13.32
N LEU B 120 -20.16 -19.08 -13.14
CA LEU B 120 -18.81 -18.97 -12.61
C LEU B 120 -18.73 -17.78 -11.66
N ARG B 121 -18.07 -17.98 -10.52
CA ARG B 121 -17.76 -16.88 -9.62
C ARG B 121 -16.38 -16.36 -9.96
N ILE B 122 -16.31 -15.16 -10.51
CA ILE B 122 -15.10 -14.61 -11.11
C ILE B 122 -14.77 -13.31 -10.40
N THR B 123 -13.52 -13.17 -9.96
CA THR B 123 -12.95 -11.89 -9.54
C THR B 123 -11.98 -11.45 -10.61
N THR B 124 -12.22 -10.27 -11.18
CA THR B 124 -11.49 -9.80 -12.34
C THR B 124 -11.01 -8.38 -12.09
N THR B 125 -9.75 -8.13 -12.42
CA THR B 125 -9.22 -6.77 -12.50
C THR B 125 -9.37 -6.31 -13.94
N ALA B 126 -10.03 -5.18 -14.15
CA ALA B 126 -10.36 -4.68 -15.48
C ALA B 126 -9.79 -3.29 -15.64
N ALA B 127 -9.13 -3.05 -16.78
CA ALA B 127 -8.54 -1.75 -17.06
C ALA B 127 -9.62 -0.74 -17.34
N CYS B 128 -9.51 0.43 -16.72
CA CYS B 128 -10.47 1.52 -16.87
C CYS B 128 -9.69 2.79 -17.13
N MET B 129 -9.80 3.34 -18.34
CA MET B 129 -9.18 4.61 -18.65
C MET B 129 -9.76 5.71 -17.77
N MET B 130 -8.89 6.54 -17.21
CA MET B 130 -9.28 7.57 -16.26
C MET B 130 -8.73 8.92 -16.70
N ASP B 131 -9.55 9.96 -16.53
CA ASP B 131 -9.20 11.33 -16.84
C ASP B 131 -9.31 12.11 -15.54
N LEU B 132 -8.19 12.23 -14.83
CA LEU B 132 -8.16 12.79 -13.48
C LEU B 132 -7.79 14.26 -13.45
N ARG B 133 -7.97 14.97 -14.56
CA ARG B 133 -7.65 16.39 -14.58
C ARG B 133 -8.54 17.18 -13.65
N ARG B 134 -9.75 16.70 -13.38
CA ARG B 134 -10.69 17.33 -12.47
C ARG B 134 -10.69 16.69 -11.09
N TYR B 135 -9.70 15.87 -10.79
CA TYR B 135 -9.66 15.20 -9.49
C TYR B 135 -9.54 16.24 -8.37
N PRO B 136 -10.28 16.09 -7.27
CA PRO B 136 -11.22 15.04 -6.85
C PRO B 136 -12.65 15.25 -7.34
N LEU B 137 -12.86 16.25 -8.19
CA LEU B 137 -14.19 16.54 -8.74
C LEU B 137 -14.39 15.84 -10.08
N ASP B 138 -14.08 14.54 -10.13
CA ASP B 138 -14.03 13.79 -11.37
C ASP B 138 -15.10 12.72 -11.37
N GLU B 139 -15.64 12.44 -12.55
CA GLU B 139 -16.67 11.44 -12.78
C GLU B 139 -16.09 10.42 -13.75
N GLN B 140 -15.66 9.28 -13.23
CA GLN B 140 -15.00 8.28 -14.06
C GLN B 140 -16.02 7.33 -14.68
N ASN B 141 -15.60 6.66 -15.73
CA ASN B 141 -16.42 5.74 -16.49
C ASN B 141 -15.64 4.45 -16.68
N CYS B 142 -16.12 3.36 -16.08
CA CYS B 142 -15.40 2.10 -16.08
C CYS B 142 -16.30 0.99 -16.61
N THR B 143 -15.78 0.22 -17.55
CA THR B 143 -16.59 -0.75 -18.29
C THR B 143 -15.92 -2.12 -18.28
N LEU B 144 -16.76 -3.14 -18.45
CA LEU B 144 -16.33 -4.51 -18.70
C LEU B 144 -16.84 -4.91 -20.08
N GLU B 145 -15.93 -5.36 -20.93
CA GLU B 145 -16.24 -5.72 -22.31
C GLU B 145 -16.16 -7.22 -22.46
N ILE B 146 -17.26 -7.84 -22.86
CA ILE B 146 -17.38 -9.29 -23.00
C ILE B 146 -17.43 -9.61 -24.47
N GLU B 147 -16.61 -10.57 -24.91
CA GLU B 147 -16.47 -10.88 -26.33
C GLU B 147 -16.21 -12.37 -26.49
N SER B 148 -16.34 -12.84 -27.72
CA SER B 148 -16.03 -14.22 -28.09
C SER B 148 -14.67 -14.24 -28.77
N TYR B 149 -13.77 -15.10 -28.28
CA TYR B 149 -12.41 -15.09 -28.79
C TYR B 149 -12.35 -15.55 -30.24
N GLY B 150 -12.96 -16.69 -30.56
CA GLY B 150 -12.79 -17.32 -31.85
C GLY B 150 -14.01 -17.24 -32.75
N TYR B 151 -15.20 -17.33 -32.17
CA TYR B 151 -16.41 -17.42 -32.96
C TYR B 151 -16.90 -16.05 -33.40
N THR B 152 -17.28 -15.96 -34.68
CA THR B 152 -17.88 -14.76 -35.22
C THR B 152 -19.39 -14.81 -35.09
N THR B 153 -20.07 -13.78 -35.59
CA THR B 153 -21.51 -13.67 -35.41
C THR B 153 -22.26 -14.79 -36.12
N ASP B 154 -21.69 -15.35 -37.18
CA ASP B 154 -22.33 -16.47 -37.85
C ASP B 154 -22.41 -17.70 -36.96
N ASP B 155 -21.48 -17.84 -36.01
CA ASP B 155 -21.40 -19.02 -35.17
C ASP B 155 -21.98 -18.81 -33.77
N ILE B 156 -21.98 -17.58 -33.25
CA ILE B 156 -22.41 -17.33 -31.89
C ILE B 156 -22.96 -15.92 -31.81
N GLU B 157 -23.96 -15.73 -30.95
CA GLU B 157 -24.53 -14.41 -30.70
C GLU B 157 -24.77 -14.23 -29.21
N PHE B 158 -24.47 -13.04 -28.72
CA PHE B 158 -24.64 -12.69 -27.32
C PHE B 158 -25.86 -11.79 -27.16
N TYR B 159 -26.50 -11.90 -26.00
CA TYR B 159 -27.55 -10.97 -25.62
C TYR B 159 -27.61 -10.92 -24.10
N TRP B 160 -28.15 -9.84 -23.58
CA TRP B 160 -28.32 -9.67 -22.13
C TRP B 160 -29.62 -10.35 -21.74
N ARG B 161 -29.53 -11.42 -20.97
CA ARG B 161 -30.72 -12.15 -20.54
C ARG B 161 -31.48 -11.31 -19.52
N GLY B 162 -32.74 -11.04 -19.81
CA GLY B 162 -33.53 -10.13 -19.02
C GLY B 162 -33.42 -8.67 -19.42
N GLY B 163 -32.67 -8.37 -20.48
CA GLY B 163 -32.64 -7.00 -20.97
C GLY B 163 -31.88 -6.09 -20.03
N ASP B 164 -32.48 -4.92 -19.75
CA ASP B 164 -31.82 -3.94 -18.89
C ASP B 164 -31.65 -4.44 -17.46
N LYS B 165 -32.40 -5.45 -17.04
CA LYS B 165 -32.28 -6.04 -15.71
C LYS B 165 -31.36 -7.26 -15.70
N ALA B 166 -30.53 -7.44 -16.72
CA ALA B 166 -29.63 -8.59 -16.76
C ALA B 166 -28.59 -8.53 -15.66
N VAL B 167 -28.05 -7.35 -15.38
CA VAL B 167 -27.03 -7.16 -14.37
C VAL B 167 -27.70 -6.65 -13.10
N THR B 168 -27.48 -7.35 -12.00
CA THR B 168 -28.07 -7.03 -10.71
C THR B 168 -26.98 -6.83 -9.67
N GLY B 169 -27.39 -6.36 -8.50
CA GLY B 169 -26.48 -6.13 -7.40
C GLY B 169 -25.71 -4.84 -7.46
N VAL B 170 -25.91 -4.02 -8.49
CA VAL B 170 -25.16 -2.77 -8.60
C VAL B 170 -25.64 -1.79 -7.54
N GLU B 171 -26.94 -1.77 -7.25
CA GLU B 171 -27.47 -0.83 -6.27
C GLU B 171 -27.01 -1.17 -4.85
N ARG B 172 -26.66 -2.42 -4.58
CA ARG B 172 -26.22 -2.82 -3.25
C ARG B 172 -24.74 -2.56 -3.00
N ILE B 173 -24.00 -2.07 -4.00
CA ILE B 173 -22.57 -1.83 -3.84
C ILE B 173 -22.36 -0.53 -3.07
N GLU B 174 -21.52 -0.58 -2.05
CA GLU B 174 -21.03 0.60 -1.35
C GLU B 174 -19.53 0.71 -1.59
N LEU B 175 -19.11 1.87 -2.09
CA LEU B 175 -17.70 2.21 -2.27
C LEU B 175 -17.35 3.38 -1.36
N PRO B 176 -16.32 3.29 -0.51
CA PRO B 176 -16.03 4.42 0.37
C PRO B 176 -15.69 5.70 -0.36
N GLN B 177 -15.04 5.62 -1.52
CA GLN B 177 -14.58 6.79 -2.25
C GLN B 177 -15.53 7.24 -3.34
N PHE B 178 -16.31 6.33 -3.92
CA PHE B 178 -17.11 6.60 -5.10
C PHE B 178 -18.58 6.32 -4.82
N SER B 179 -19.42 6.80 -5.73
CA SER B 179 -20.84 6.48 -5.78
C SER B 179 -21.20 6.13 -7.22
N ILE B 180 -21.83 4.99 -7.41
CA ILE B 180 -22.21 4.53 -8.75
C ILE B 180 -23.44 5.34 -9.15
N VAL B 181 -23.24 6.36 -9.97
CA VAL B 181 -24.35 7.21 -10.41
C VAL B 181 -25.34 6.39 -11.21
N GLU B 182 -24.84 5.59 -12.15
CA GLU B 182 -25.71 4.70 -12.90
C GLU B 182 -24.84 3.67 -13.60
N HIS B 183 -25.51 2.69 -14.21
CA HIS B 183 -24.87 1.68 -15.02
C HIS B 183 -25.69 1.47 -16.29
N ARG B 184 -25.02 0.97 -17.32
CA ARG B 184 -25.62 0.76 -18.62
C ARG B 184 -25.16 -0.57 -19.20
N LEU B 185 -26.03 -1.18 -20.00
CA LEU B 185 -25.73 -2.41 -20.73
C LEU B 185 -25.89 -2.15 -22.22
N VAL B 186 -24.89 -2.55 -22.99
CA VAL B 186 -24.89 -2.39 -24.44
C VAL B 186 -24.60 -3.73 -25.07
N SER B 187 -25.24 -4.01 -26.20
CA SER B 187 -24.97 -5.19 -27.01
C SER B 187 -24.79 -4.74 -28.45
N ARG B 188 -23.68 -5.14 -29.05
CA ARG B 188 -23.38 -4.71 -30.41
C ARG B 188 -22.53 -5.77 -31.10
N ASN B 189 -22.16 -5.49 -32.35
CA ASN B 189 -21.32 -6.36 -33.15
C ASN B 189 -20.18 -5.53 -33.73
N VAL B 190 -18.96 -5.76 -33.25
CA VAL B 190 -17.82 -5.03 -33.78
C VAL B 190 -17.42 -5.65 -35.10
N VAL B 191 -17.28 -4.82 -36.13
CA VAL B 191 -17.04 -5.27 -37.50
C VAL B 191 -15.57 -5.14 -37.81
N PHE B 192 -14.95 -6.23 -38.23
CA PHE B 192 -13.57 -6.27 -38.70
C PHE B 192 -13.54 -6.95 -40.06
N ALA B 193 -12.34 -7.08 -40.62
CA ALA B 193 -12.18 -7.76 -41.89
C ALA B 193 -12.59 -9.22 -41.80
N THR B 194 -12.22 -9.89 -40.69
CA THR B 194 -12.57 -11.29 -40.52
C THR B 194 -14.09 -11.47 -40.46
N GLY B 195 -14.77 -10.60 -39.74
CA GLY B 195 -16.21 -10.69 -39.64
C GLY B 195 -16.72 -9.88 -38.46
N ALA B 196 -18.03 -9.93 -38.29
CA ALA B 196 -18.68 -9.25 -37.18
C ALA B 196 -18.62 -10.12 -35.94
N TYR B 197 -17.94 -9.65 -34.91
CA TYR B 197 -17.79 -10.37 -33.65
C TYR B 197 -18.76 -9.81 -32.63
N PRO B 198 -19.55 -10.63 -31.91
CA PRO B 198 -20.49 -10.07 -30.95
C PRO B 198 -19.77 -9.52 -29.74
N ARG B 199 -20.39 -8.53 -29.10
CA ARG B 199 -19.83 -7.95 -27.90
C ARG B 199 -20.94 -7.45 -26.99
N LEU B 200 -20.75 -7.65 -25.70
CA LEU B 200 -21.56 -7.03 -24.66
C LEU B 200 -20.68 -6.08 -23.86
N SER B 201 -21.30 -5.09 -23.26
CA SER B 201 -20.58 -4.06 -22.51
C SER B 201 -21.39 -3.68 -21.30
N LEU B 202 -20.85 -3.93 -20.11
CA LEU B 202 -21.35 -3.35 -18.89
C LEU B 202 -20.57 -2.09 -18.63
N SER B 203 -21.24 -1.03 -18.19
CA SER B 203 -20.59 0.24 -17.91
C SER B 203 -21.12 0.78 -16.59
N PHE B 204 -20.22 1.38 -15.80
CA PHE B 204 -20.58 2.09 -14.59
C PHE B 204 -20.03 3.50 -14.68
N ARG B 205 -20.78 4.45 -14.11
CA ARG B 205 -20.29 5.82 -13.92
C ARG B 205 -20.10 6.04 -12.43
N LEU B 206 -18.87 6.35 -12.03
CA LEU B 206 -18.49 6.56 -10.64
C LEU B 206 -18.28 8.04 -10.38
N LYS B 207 -19.00 8.58 -9.40
CA LYS B 207 -18.81 9.93 -8.93
C LYS B 207 -17.95 9.88 -7.67
N ARG B 208 -16.79 10.52 -7.71
CA ARG B 208 -15.92 10.56 -6.54
C ARG B 208 -16.56 11.41 -5.45
N ASN B 209 -16.58 10.90 -4.22
CA ASN B 209 -17.10 11.67 -3.10
C ASN B 209 -16.14 12.79 -2.75
N ILE B 210 -16.70 13.96 -2.41
CA ILE B 210 -15.92 15.16 -2.19
C ILE B 210 -15.70 15.48 -0.71
N GLY B 211 -16.48 14.89 0.20
CA GLY B 211 -16.42 15.27 1.59
C GLY B 211 -15.06 15.02 2.22
N TYR B 212 -14.42 13.91 1.85
CA TYR B 212 -13.10 13.59 2.37
C TYR B 212 -12.11 14.70 2.04
N PHE B 213 -12.14 15.18 0.80
CA PHE B 213 -11.24 16.25 0.40
C PHE B 213 -11.67 17.59 0.96
N ILE B 214 -12.97 17.77 1.21
CA ILE B 214 -13.43 18.99 1.85
C ILE B 214 -12.82 19.12 3.24
N LEU B 215 -12.82 18.01 3.98
CA LEU B 215 -12.33 18.09 5.35
C LEU B 215 -10.81 18.00 5.42
N GLN B 216 -10.17 17.27 4.51
CA GLN B 216 -8.73 17.03 4.61
C GLN B 216 -7.88 18.03 3.85
N THR B 217 -8.41 18.64 2.79
CA THR B 217 -7.65 19.51 1.91
C THR B 217 -8.14 20.95 1.91
N TYR B 218 -9.44 21.17 1.71
CA TYR B 218 -9.92 22.50 1.41
C TYR B 218 -10.05 23.36 2.67
N MET B 219 -10.70 22.84 3.70
CA MET B 219 -10.88 23.62 4.93
C MET B 219 -9.56 23.95 5.61
N PRO B 220 -8.59 23.04 5.77
CA PRO B 220 -7.30 23.47 6.34
C PRO B 220 -6.64 24.58 5.55
N SER B 221 -6.63 24.48 4.22
CA SER B 221 -5.97 25.50 3.41
C SER B 221 -6.69 26.84 3.52
N ILE B 222 -8.02 26.82 3.51
CA ILE B 222 -8.79 28.05 3.65
C ILE B 222 -8.51 28.70 5.00
N LEU B 223 -8.50 27.90 6.06
CA LEU B 223 -8.28 28.46 7.39
C LEU B 223 -6.88 29.02 7.52
N ILE B 224 -5.88 28.35 6.93
CA ILE B 224 -4.51 28.85 7.02
C ILE B 224 -4.38 30.15 6.23
N THR B 225 -5.04 30.26 5.09
CA THR B 225 -5.01 31.53 4.35
C THR B 225 -5.68 32.64 5.15
N ILE B 226 -6.82 32.34 5.79
CA ILE B 226 -7.49 33.34 6.61
C ILE B 226 -6.59 33.79 7.74
N LEU B 227 -5.85 32.85 8.35
CA LEU B 227 -4.91 33.23 9.40
C LEU B 227 -3.80 34.10 8.83
N SER B 228 -3.32 33.79 7.63
CA SER B 228 -2.27 34.58 7.01
C SER B 228 -2.73 36.02 6.80
N TRP B 229 -4.02 36.24 6.58
CA TRP B 229 -4.51 37.61 6.48
C TRP B 229 -4.48 38.36 7.80
N VAL B 230 -4.31 37.68 8.94
CA VAL B 230 -4.33 38.36 10.23
C VAL B 230 -3.19 39.36 10.36
N SER B 231 -2.10 39.17 9.61
CA SER B 231 -0.96 40.07 9.71
C SER B 231 -1.33 41.49 9.29
N PHE B 232 -2.31 41.64 8.40
CA PHE B 232 -2.66 42.97 7.92
C PHE B 232 -3.23 43.86 9.01
N TRP B 233 -3.79 43.27 10.06
CA TRP B 233 -4.31 44.03 11.19
C TRP B 233 -3.31 44.22 12.31
N ILE B 234 -2.14 43.57 12.24
CA ILE B 234 -1.10 43.77 13.24
C ILE B 234 -0.29 45.00 12.86
N ASN B 235 0.24 45.68 13.87
CA ASN B 235 0.93 46.94 13.66
C ASN B 235 2.18 46.74 12.81
N TYR B 236 2.51 47.77 12.02
CA TYR B 236 3.61 47.65 11.07
C TYR B 236 4.94 47.45 11.78
N ASP B 237 5.12 48.07 12.95
CA ASP B 237 6.40 48.00 13.64
C ASP B 237 6.63 46.66 14.35
N ALA B 238 5.61 45.83 14.48
CA ALA B 238 5.76 44.51 15.11
C ALA B 238 6.32 43.54 14.07
N SER B 239 7.59 43.74 13.74
CA SER B 239 8.23 42.98 12.67
C SER B 239 8.32 41.50 13.02
N ALA B 240 8.74 41.18 14.25
CA ALA B 240 8.90 39.78 14.61
C ALA B 240 7.58 39.04 14.55
N ALA B 241 6.50 39.65 15.04
CA ALA B 241 5.21 39.00 15.05
C ALA B 241 4.70 38.75 13.63
N ARG B 242 4.71 39.79 12.80
CA ARG B 242 4.19 39.65 11.45
C ARG B 242 5.03 38.69 10.61
N VAL B 243 6.35 38.77 10.74
CA VAL B 243 7.21 37.86 9.99
C VAL B 243 7.00 36.43 10.45
N ALA B 244 6.92 36.21 11.76
CA ALA B 244 6.69 34.86 12.27
C ALA B 244 5.37 34.32 11.79
N LEU B 245 4.32 35.14 11.84
CA LEU B 245 3.00 34.70 11.40
C LEU B 245 3.02 34.33 9.92
N GLY B 246 3.58 35.21 9.09
CA GLY B 246 3.59 34.93 7.66
C GLY B 246 4.41 33.71 7.30
N ILE B 247 5.62 33.61 7.85
CA ILE B 247 6.50 32.51 7.46
C ILE B 247 5.99 31.19 8.04
N THR B 248 5.35 31.21 9.21
CA THR B 248 4.78 29.99 9.75
C THR B 248 3.53 29.58 8.98
N THR B 249 2.76 30.53 8.48
CA THR B 249 1.66 30.16 7.59
C THR B 249 2.18 29.52 6.30
N VAL B 250 3.27 30.05 5.76
CA VAL B 250 3.89 29.45 4.59
C VAL B 250 4.34 28.02 4.90
N LEU B 251 4.99 27.84 6.05
CA LEU B 251 5.43 26.50 6.45
C LEU B 251 4.25 25.56 6.65
N THR B 252 3.15 26.05 7.21
CA THR B 252 1.98 25.21 7.42
C THR B 252 1.36 24.80 6.10
N MET B 253 1.28 25.72 5.13
CA MET B 253 0.77 25.37 3.82
C MET B 253 1.68 24.33 3.17
N THR B 254 3.00 24.50 3.31
CA THR B 254 3.92 23.51 2.77
C THR B 254 3.70 22.15 3.42
N THR B 255 3.51 22.11 4.73
CA THR B 255 3.27 20.85 5.43
C THR B 255 2.01 20.18 4.93
N ILE B 256 0.92 20.95 4.78
CA ILE B 256 -0.33 20.39 4.28
C ILE B 256 -0.13 19.83 2.88
N ASN B 257 0.56 20.59 2.02
CA ASN B 257 0.75 20.16 0.65
C ASN B 257 1.56 18.87 0.58
N THR B 258 2.65 18.79 1.34
CA THR B 258 3.49 17.60 1.29
C THR B 258 2.78 16.38 1.86
N HIS B 259 2.05 16.55 2.96
CA HIS B 259 1.32 15.43 3.53
CA HIS B 259 1.33 15.41 3.53
C HIS B 259 0.24 14.94 2.59
N LEU B 260 -0.47 15.87 1.93
CA LEU B 260 -1.47 15.46 0.95
C LEU B 260 -0.82 14.73 -0.22
N ARG B 261 0.35 15.19 -0.64
CA ARG B 261 1.09 14.51 -1.69
C ARG B 261 1.40 13.08 -1.30
N GLU B 262 1.74 12.86 -0.04
CA GLU B 262 2.09 11.51 0.38
C GLU B 262 0.86 10.62 0.53
N THR B 263 -0.23 11.15 1.10
CA THR B 263 -1.38 10.30 1.40
C THR B 263 -2.22 9.99 0.16
N LEU B 264 -2.35 10.94 -0.76
CA LEU B 264 -3.22 10.76 -1.91
C LEU B 264 -2.55 9.84 -2.94
N PRO B 265 -3.32 9.34 -3.91
CA PRO B 265 -2.69 8.57 -4.99
C PRO B 265 -1.71 9.41 -5.78
N LYS B 266 -0.67 8.75 -6.28
CA LYS B 266 0.38 9.41 -7.03
C LYS B 266 -0.05 9.47 -8.48
N ILE B 267 -0.48 10.65 -8.94
CA ILE B 267 -0.99 10.86 -10.29
C ILE B 267 -0.18 12.00 -10.90
N PRO B 268 1.02 11.75 -11.45
CA PRO B 268 1.89 12.88 -11.83
C PRO B 268 1.43 13.67 -13.05
N TYR B 269 0.34 14.40 -12.91
CA TYR B 269 0.05 15.53 -13.79
C TYR B 269 -0.90 16.46 -13.03
N VAL B 270 -1.06 17.66 -13.56
CA VAL B 270 -1.75 18.71 -12.82
C VAL B 270 -3.24 18.37 -12.70
N LYS B 271 -3.76 18.46 -11.48
CA LYS B 271 -5.16 18.19 -11.15
C LYS B 271 -5.76 19.43 -10.51
N ALA B 272 -7.05 19.34 -10.20
CA ALA B 272 -7.72 20.48 -9.55
C ALA B 272 -7.18 20.71 -8.15
N ILE B 273 -6.89 19.64 -7.42
CA ILE B 273 -6.38 19.78 -6.06
C ILE B 273 -5.02 20.47 -6.09
N ASP B 274 -4.18 20.14 -7.07
CA ASP B 274 -2.89 20.81 -7.19
C ASP B 274 -3.06 22.29 -7.43
N MET B 275 -4.00 22.66 -8.31
CA MET B 275 -4.24 24.08 -8.59
C MET B 275 -4.72 24.81 -7.34
N TYR B 276 -5.62 24.19 -6.57
CA TYR B 276 -6.12 24.85 -5.37
C TYR B 276 -5.00 25.04 -4.34
N LEU B 277 -4.22 24.00 -4.10
CA LEU B 277 -3.14 24.12 -3.13
C LEU B 277 -2.10 25.14 -3.58
N MET B 278 -1.81 25.17 -4.88
CA MET B 278 -0.89 26.17 -5.41
C MET B 278 -1.45 27.58 -5.22
N GLY B 279 -2.75 27.76 -5.44
CA GLY B 279 -3.34 29.07 -5.24
C GLY B 279 -3.25 29.53 -3.81
N CYS B 280 -3.53 28.64 -2.87
CA CYS B 280 -3.44 29.02 -1.46
C CYS B 280 -2.00 29.30 -1.05
N PHE B 281 -1.05 28.52 -1.56
CA PHE B 281 0.35 28.79 -1.29
C PHE B 281 0.75 30.16 -1.83
N VAL B 282 0.31 30.49 -3.05
CA VAL B 282 0.63 31.79 -3.63
C VAL B 282 0.02 32.90 -2.79
N PHE B 283 -1.19 32.68 -2.26
CA PHE B 283 -1.82 33.73 -1.47
C PHE B 283 -1.05 33.99 -0.18
N VAL B 284 -0.64 32.94 0.53
CA VAL B 284 0.11 33.18 1.76
C VAL B 284 1.47 33.80 1.45
N PHE B 285 2.08 33.37 0.33
CA PHE B 285 3.34 33.96 -0.09
C PHE B 285 3.19 35.46 -0.34
N LEU B 286 2.12 35.86 -1.03
CA LEU B 286 1.89 37.27 -1.29
C LEU B 286 1.54 38.02 -0.01
N ALA B 287 0.87 37.37 0.94
CA ALA B 287 0.58 38.02 2.21
C ALA B 287 1.87 38.35 2.95
N LEU B 288 2.85 37.45 2.92
CA LEU B 288 4.13 37.74 3.54
C LEU B 288 4.91 38.81 2.77
N LEU B 289 4.88 38.72 1.44
CA LEU B 289 5.51 39.74 0.60
C LEU B 289 4.92 41.11 0.86
N GLU B 290 3.64 41.17 1.22
CA GLU B 290 3.00 42.46 1.53
C GLU B 290 3.67 43.12 2.72
N TYR B 291 3.92 42.38 3.80
CA TYR B 291 4.59 42.99 4.94
C TYR B 291 6.02 43.36 4.59
N ALA B 292 6.68 42.54 3.76
CA ALA B 292 8.02 42.92 3.33
C ALA B 292 8.01 44.27 2.62
N PHE B 293 7.02 44.46 1.75
CA PHE B 293 6.89 45.73 1.04
C PHE B 293 6.61 46.87 2.01
N VAL B 294 5.74 46.65 2.99
CA VAL B 294 5.40 47.68 3.97
C VAL B 294 6.64 48.07 4.77
N ASN B 295 7.40 47.09 5.22
CA ASN B 295 8.61 47.37 6.00
C ASN B 295 9.62 48.14 5.18
N TYR B 296 9.81 47.76 3.91
CA TYR B 296 10.73 48.51 3.07
C TYR B 296 10.26 49.94 2.87
N ILE B 297 8.96 50.13 2.66
CA ILE B 297 8.43 51.47 2.44
C ILE B 297 8.65 52.34 3.67
N PHE B 298 8.42 51.79 4.86
CA PHE B 298 8.61 52.60 6.07
C PHE B 298 10.08 52.86 6.34
N PHE B 299 10.87 51.80 6.54
CA PHE B 299 12.24 51.97 6.98
C PHE B 299 13.20 52.26 5.82
N GLY B 300 12.90 51.75 4.63
CA GLY B 300 13.80 51.93 3.51
C GLY B 300 13.70 53.31 2.88
N ARG B 301 12.51 53.65 2.39
CA ARG B 301 12.27 54.91 1.70
C ARG B 301 11.80 56.03 2.62
N GLY B 302 11.58 55.75 3.90
CA GLY B 302 11.07 56.74 4.82
C GLY B 302 11.98 57.95 4.99
N PRO B 303 13.25 57.72 5.32
CA PRO B 303 14.17 58.87 5.48
C PRO B 303 14.31 59.71 4.23
N GLN B 304 14.22 59.10 3.05
CA GLN B 304 14.32 59.86 1.82
C GLN B 304 13.17 60.85 1.68
N ARG B 305 11.97 60.47 2.12
CA ARG B 305 10.83 61.38 2.04
C ARG B 305 11.06 62.63 2.89
N GLN B 306 11.60 62.45 4.09
CA GLN B 306 11.89 63.58 4.96
C GLN B 306 13.25 64.18 4.62
N ASP B 411 2.50 55.65 2.26
CA ASP B 411 1.84 55.47 3.55
C ASP B 411 1.62 54.00 3.85
N VAL B 412 2.21 53.52 4.94
CA VAL B 412 2.08 52.11 5.30
C VAL B 412 0.64 51.77 5.68
N ASN B 413 -0.04 52.71 6.34
CA ASN B 413 -1.43 52.47 6.69
C ASN B 413 -2.29 52.30 5.45
N ALA B 414 -1.98 53.05 4.39
CA ALA B 414 -2.70 52.90 3.14
C ALA B 414 -2.52 51.49 2.56
N ILE B 415 -1.28 50.99 2.58
CA ILE B 415 -1.03 49.65 2.03
C ILE B 415 -1.75 48.60 2.86
N ASP B 416 -1.71 48.73 4.19
CA ASP B 416 -2.39 47.74 5.03
C ASP B 416 -3.89 47.79 4.83
N ARG B 417 -4.48 48.99 4.76
CA ARG B 417 -5.92 49.09 4.54
C ARG B 417 -6.30 48.52 3.18
N TRP B 418 -5.47 48.75 2.16
CA TRP B 418 -5.73 48.18 0.84
C TRP B 418 -5.67 46.66 0.89
N SER B 419 -4.68 46.11 1.59
CA SER B 419 -4.53 44.67 1.65
C SER B 419 -5.69 44.01 2.39
N ARG B 420 -6.16 44.63 3.48
CA ARG B 420 -7.24 44.06 4.26
C ARG B 420 -8.49 43.82 3.42
N ILE B 421 -8.74 44.68 2.44
CA ILE B 421 -9.88 44.52 1.56
C ILE B 421 -9.57 43.61 0.39
N VAL B 422 -8.39 43.79 -0.23
CA VAL B 422 -8.12 43.11 -1.49
C VAL B 422 -7.89 41.62 -1.28
N PHE B 423 -7.15 41.25 -0.24
CA PHE B 423 -6.81 39.84 -0.06
C PHE B 423 -8.03 38.97 0.15
N PRO B 424 -8.95 39.27 1.07
CA PRO B 424 -10.19 38.47 1.13
C PRO B 424 -11.00 38.50 -0.15
N PHE B 425 -11.10 39.66 -0.81
CA PHE B 425 -11.88 39.74 -2.03
C PHE B 425 -11.25 38.94 -3.15
N THR B 426 -9.93 39.04 -3.31
CA THR B 426 -9.25 38.27 -4.34
C THR B 426 -9.35 36.77 -4.06
N PHE B 427 -9.24 36.38 -2.79
CA PHE B 427 -9.37 34.96 -2.46
C PHE B 427 -10.78 34.47 -2.75
N SER B 428 -11.79 35.30 -2.48
CA SER B 428 -13.16 34.94 -2.80
C SER B 428 -13.35 34.77 -4.29
N LEU B 429 -12.78 35.68 -5.10
CA LEU B 429 -12.88 35.53 -6.54
C LEU B 429 -12.17 34.26 -7.01
N PHE B 430 -11.00 33.97 -6.43
CA PHE B 430 -10.29 32.75 -6.79
C PHE B 430 -11.12 31.52 -6.47
N ASN B 431 -11.74 31.48 -5.30
CA ASN B 431 -12.59 30.35 -4.94
C ASN B 431 -13.78 30.24 -5.88
N LEU B 432 -14.40 31.36 -6.21
CA LEU B 432 -15.55 31.34 -7.12
C LEU B 432 -15.14 30.79 -8.48
N VAL B 433 -14.02 31.28 -9.02
CA VAL B 433 -13.55 30.82 -10.32
C VAL B 433 -13.26 29.33 -10.27
N TYR B 434 -12.57 28.88 -9.21
CA TYR B 434 -12.21 27.46 -9.10
C TYR B 434 -13.45 26.59 -9.05
N TRP B 435 -14.37 26.90 -8.14
CA TRP B 435 -15.53 26.05 -7.92
C TRP B 435 -16.54 26.14 -9.05
N LEU B 436 -16.49 27.20 -9.87
CA LEU B 436 -17.33 27.25 -11.06
C LEU B 436 -16.70 26.56 -12.25
N TYR B 437 -15.37 26.61 -12.36
CA TYR B 437 -14.70 25.99 -13.49
C TYR B 437 -14.62 24.49 -13.35
N TYR B 438 -14.50 23.97 -12.13
CA TYR B 438 -14.32 22.53 -11.92
C TYR B 438 -15.60 21.78 -11.59
N VAL B 439 -16.60 22.43 -11.00
CA VAL B 439 -17.87 21.78 -10.76
C VAL B 439 -18.72 21.81 -12.02
N VAL C 1 -9.90 -54.40 3.65
CA VAL C 1 -10.38 -53.03 3.65
C VAL C 1 -10.35 -52.46 2.25
N THR C 2 -9.31 -52.83 1.48
CA THR C 2 -9.26 -52.40 0.08
C THR C 2 -10.43 -52.96 -0.70
N VAL C 3 -10.90 -54.15 -0.34
CA VAL C 3 -12.09 -54.72 -0.99
C VAL C 3 -13.29 -53.82 -0.74
N ILE C 4 -13.43 -53.31 0.47
CA ILE C 4 -14.57 -52.45 0.80
C ILE C 4 -14.52 -51.18 -0.05
N LEU C 5 -13.35 -50.56 -0.15
CA LEU C 5 -13.23 -49.33 -0.94
C LEU C 5 -13.50 -49.59 -2.41
N ASN C 6 -12.98 -50.70 -2.93
CA ASN C 6 -13.22 -51.03 -4.34
C ASN C 6 -14.70 -51.28 -4.60
N ASN C 7 -15.37 -51.97 -3.68
CA ASN C 7 -16.81 -52.19 -3.83
C ASN C 7 -17.58 -50.88 -3.77
N LEU C 8 -17.20 -49.98 -2.86
CA LEU C 8 -17.90 -48.71 -2.76
C LEU C 8 -17.74 -47.89 -4.03
N LEU C 9 -16.54 -47.87 -4.59
CA LEU C 9 -16.32 -47.06 -5.79
C LEU C 9 -16.90 -47.67 -7.05
N GLU C 10 -17.25 -48.95 -7.03
CA GLU C 10 -17.81 -49.59 -8.21
C GLU C 10 -19.21 -49.08 -8.49
N GLY C 11 -19.46 -48.68 -9.73
CA GLY C 11 -20.77 -48.17 -10.11
C GLY C 11 -21.18 -46.93 -9.35
N TYR C 12 -20.23 -46.06 -9.02
CA TYR C 12 -20.47 -44.84 -8.26
C TYR C 12 -20.28 -43.66 -9.19
N ASP C 13 -21.31 -42.84 -9.33
CA ASP C 13 -21.29 -41.65 -10.17
C ASP C 13 -21.22 -40.44 -9.26
N ASN C 14 -20.01 -39.87 -9.13
CA ASN C 14 -19.82 -38.72 -8.25
C ASN C 14 -20.44 -37.45 -8.80
N LYS C 15 -20.94 -37.45 -10.03
CA LYS C 15 -21.62 -36.28 -10.56
C LYS C 15 -22.99 -36.07 -9.94
N LEU C 16 -23.59 -37.10 -9.36
CA LEU C 16 -24.95 -37.06 -8.83
C LEU C 16 -24.90 -36.97 -7.32
N ARG C 17 -25.65 -36.03 -6.76
CA ARG C 17 -25.73 -35.92 -5.31
C ARG C 17 -26.52 -37.11 -4.76
N PRO C 18 -26.34 -37.44 -3.49
CA PRO C 18 -27.18 -38.49 -2.91
C PRO C 18 -28.64 -38.05 -2.86
N ASP C 19 -29.54 -39.01 -3.05
CA ASP C 19 -30.98 -38.76 -3.01
C ASP C 19 -31.37 -37.69 -4.04
N ILE C 20 -30.85 -37.85 -5.25
CA ILE C 20 -30.99 -36.80 -6.26
C ILE C 20 -32.45 -36.61 -6.65
N GLY C 21 -33.22 -37.69 -6.70
CA GLY C 21 -34.63 -37.64 -7.01
C GLY C 21 -35.56 -37.75 -5.82
N VAL C 22 -35.03 -38.00 -4.62
CA VAL C 22 -35.87 -38.38 -3.49
C VAL C 22 -36.14 -37.18 -2.59
N LYS C 23 -35.09 -36.55 -2.07
CA LYS C 23 -35.24 -35.50 -1.08
C LYS C 23 -33.99 -34.62 -1.12
N PRO C 24 -34.03 -33.45 -0.45
CA PRO C 24 -32.81 -32.65 -0.36
C PRO C 24 -31.74 -33.34 0.48
N THR C 25 -30.48 -33.08 0.13
CA THR C 25 -29.35 -33.63 0.86
C THR C 25 -29.06 -32.74 2.06
N LEU C 26 -29.28 -33.28 3.26
CA LEU C 26 -29.04 -32.52 4.48
C LEU C 26 -27.57 -32.60 4.86
N ILE C 27 -26.98 -31.43 5.14
CA ILE C 27 -25.56 -31.32 5.50
C ILE C 27 -25.47 -30.62 6.84
N HIS C 28 -24.68 -31.17 7.74
CA HIS C 28 -24.42 -30.61 9.07
C HIS C 28 -23.03 -30.02 9.09
N THR C 29 -22.92 -28.74 9.40
CA THR C 29 -21.67 -27.99 9.29
C THR C 29 -21.12 -27.64 10.66
N ASP C 30 -19.79 -27.70 10.78
CA ASP C 30 -19.08 -27.26 11.98
C ASP C 30 -17.87 -26.44 11.57
N MET C 31 -17.51 -25.50 12.46
CA MET C 31 -16.36 -24.63 12.28
C MET C 31 -15.57 -24.59 13.56
N TYR C 32 -14.25 -24.70 13.44
CA TYR C 32 -13.33 -24.39 14.52
C TYR C 32 -12.43 -23.26 14.05
N VAL C 33 -12.53 -22.10 14.69
CA VAL C 33 -11.80 -20.91 14.28
C VAL C 33 -10.44 -20.94 14.97
N ASN C 34 -9.38 -21.18 14.19
CA ASN C 34 -8.04 -21.10 14.75
C ASN C 34 -7.69 -19.67 15.09
N SER C 35 -7.98 -18.75 14.17
CA SER C 35 -7.63 -17.36 14.37
C SER C 35 -8.37 -16.45 13.41
N ILE C 36 -9.08 -15.46 13.94
CA ILE C 36 -9.59 -14.36 13.12
C ILE C 36 -8.43 -13.40 12.91
N GLY C 37 -7.89 -13.38 11.70
CA GLY C 37 -6.74 -12.59 11.39
C GLY C 37 -7.00 -11.10 11.51
N PRO C 38 -6.05 -10.28 11.06
CA PRO C 38 -6.22 -8.83 11.21
C PRO C 38 -7.38 -8.32 10.39
N VAL C 39 -8.05 -7.29 10.90
CA VAL C 39 -9.12 -6.60 10.19
C VAL C 39 -8.49 -5.48 9.40
N ASN C 40 -8.44 -5.63 8.08
CA ASN C 40 -7.88 -4.62 7.19
C ASN C 40 -9.00 -3.65 6.82
N ALA C 41 -9.08 -2.54 7.56
CA ALA C 41 -10.13 -1.57 7.32
C ALA C 41 -9.97 -0.82 6.00
N ILE C 42 -8.76 -0.79 5.44
CA ILE C 42 -8.56 -0.09 4.16
C ILE C 42 -9.34 -0.80 3.07
N ASN C 43 -9.17 -2.11 2.95
CA ASN C 43 -9.85 -2.90 1.93
C ASN C 43 -11.16 -3.48 2.40
N MET C 44 -11.59 -3.19 3.63
CA MET C 44 -12.87 -3.65 4.17
C MET C 44 -12.95 -5.17 4.13
N GLU C 45 -11.95 -5.80 4.77
CA GLU C 45 -11.83 -7.25 4.75
C GLU C 45 -11.12 -7.69 6.03
N TYR C 46 -11.27 -8.97 6.35
CA TYR C 46 -10.59 -9.56 7.49
C TYR C 46 -10.25 -10.99 7.17
N THR C 47 -9.11 -11.46 7.67
CA THR C 47 -8.68 -12.82 7.47
C THR C 47 -9.19 -13.71 8.59
N ILE C 48 -9.47 -14.97 8.26
CA ILE C 48 -9.93 -15.95 9.23
C ILE C 48 -9.44 -17.33 8.78
N ASP C 49 -8.95 -18.10 9.74
CA ASP C 49 -8.48 -19.47 9.52
C ASP C 49 -9.41 -20.42 10.25
N ILE C 50 -9.94 -21.41 9.55
CA ILE C 50 -10.94 -22.31 10.10
C ILE C 50 -10.64 -23.76 9.72
N PHE C 51 -11.06 -24.66 10.59
CA PHE C 51 -11.28 -26.06 10.25
C PHE C 51 -12.78 -26.19 9.96
N PHE C 52 -13.12 -26.44 8.70
CA PHE C 52 -14.50 -26.49 8.24
C PHE C 52 -14.85 -27.95 7.97
N ALA C 53 -15.91 -28.43 8.64
CA ALA C 53 -16.32 -29.82 8.57
C ALA C 53 -17.77 -29.92 8.13
N GLN C 54 -18.05 -30.88 7.25
CA GLN C 54 -19.38 -31.12 6.72
C GLN C 54 -19.70 -32.59 6.85
N THR C 55 -20.90 -32.90 7.34
CA THR C 55 -21.37 -34.26 7.53
C THR C 55 -22.65 -34.46 6.76
N TRP C 56 -22.73 -35.53 5.98
CA TRP C 56 -23.96 -35.84 5.26
C TRP C 56 -24.08 -37.36 5.15
N TYR C 57 -25.14 -37.80 4.48
CA TYR C 57 -25.44 -39.21 4.31
C TYR C 57 -25.44 -39.57 2.84
N ASP C 58 -24.77 -40.66 2.50
CA ASP C 58 -24.72 -41.17 1.13
C ASP C 58 -25.10 -42.65 1.18
N ARG C 59 -26.30 -42.98 0.70
CA ARG C 59 -26.74 -44.37 0.71
C ARG C 59 -25.83 -45.24 -0.14
N ARG C 60 -25.22 -44.67 -1.17
CA ARG C 60 -24.36 -45.44 -2.05
C ARG C 60 -23.10 -45.94 -1.36
N LEU C 61 -22.68 -45.27 -0.29
CA LEU C 61 -21.44 -45.62 0.41
C LEU C 61 -21.67 -46.50 1.62
N LYS C 62 -22.86 -47.10 1.74
CA LYS C 62 -23.08 -48.08 2.80
C LYS C 62 -22.25 -49.33 2.56
N PHE C 63 -21.68 -49.87 3.63
CA PHE C 63 -20.95 -51.13 3.54
C PHE C 63 -21.18 -51.90 4.83
N ASN C 64 -21.38 -53.22 4.68
CA ASN C 64 -21.59 -54.13 5.81
C ASN C 64 -20.26 -54.80 6.12
N SER C 65 -19.70 -54.50 7.29
CA SER C 65 -18.49 -55.15 7.75
C SER C 65 -18.30 -54.82 9.21
N THR C 66 -17.33 -55.50 9.83
CA THR C 66 -17.03 -55.29 11.24
C THR C 66 -16.10 -54.10 11.50
N ILE C 67 -15.62 -53.43 10.45
CA ILE C 67 -14.73 -52.29 10.65
C ILE C 67 -15.50 -51.10 11.22
N LYS C 68 -16.66 -50.81 10.63
CA LYS C 68 -17.61 -49.81 11.12
C LYS C 68 -17.20 -48.36 10.91
N VAL C 69 -15.96 -48.10 10.48
CA VAL C 69 -15.57 -46.75 10.09
C VAL C 69 -14.27 -46.84 9.29
N LEU C 70 -14.23 -46.10 8.19
CA LEU C 70 -13.04 -45.96 7.35
C LEU C 70 -12.55 -44.53 7.53
N ARG C 71 -11.35 -44.39 8.08
CA ARG C 71 -10.72 -43.09 8.27
C ARG C 71 -9.65 -42.93 7.19
N LEU C 72 -9.74 -41.82 6.45
CA LEU C 72 -8.96 -41.67 5.22
C LEU C 72 -8.46 -40.25 5.10
N ASN C 73 -7.32 -40.12 4.43
CA ASN C 73 -6.77 -38.83 4.06
C ASN C 73 -7.48 -38.36 2.78
N SER C 74 -6.92 -37.34 2.13
CA SER C 74 -7.57 -36.69 0.99
C SER C 74 -7.64 -37.57 -0.27
N ASN C 75 -7.06 -38.77 -0.25
CA ASN C 75 -6.87 -39.55 -1.48
C ASN C 75 -8.20 -39.82 -2.19
N MET C 76 -9.24 -40.18 -1.44
CA MET C 76 -10.53 -40.49 -2.04
C MET C 76 -11.47 -39.29 -2.10
N VAL C 77 -11.03 -38.11 -1.67
CA VAL C 77 -11.94 -36.97 -1.61
C VAL C 77 -12.45 -36.61 -3.01
N GLY C 78 -11.60 -36.74 -4.01
CA GLY C 78 -12.02 -36.50 -5.37
C GLY C 78 -12.78 -37.63 -6.01
N LYS C 79 -12.87 -38.79 -5.37
CA LYS C 79 -13.49 -39.96 -5.97
C LYS C 79 -14.98 -40.07 -5.67
N ILE C 80 -15.53 -39.24 -4.79
CA ILE C 80 -16.93 -39.31 -4.39
C ILE C 80 -17.56 -37.94 -4.53
N TRP C 81 -18.86 -37.87 -4.32
CA TRP C 81 -19.57 -36.61 -4.33
C TRP C 81 -19.20 -35.80 -3.09
N ILE C 82 -18.96 -34.51 -3.29
CA ILE C 82 -18.65 -33.57 -2.22
C ILE C 82 -19.62 -32.40 -2.39
N PRO C 83 -20.07 -31.73 -1.32
CA PRO C 83 -20.94 -30.57 -1.52
C PRO C 83 -20.22 -29.44 -2.26
N ASP C 84 -21.04 -28.56 -2.84
CA ASP C 84 -20.55 -27.43 -3.62
C ASP C 84 -20.33 -26.18 -2.77
N THR C 85 -20.02 -26.36 -1.48
CA THR C 85 -20.01 -25.24 -0.55
C THR C 85 -18.96 -24.22 -0.91
N PHE C 86 -19.35 -22.95 -0.84
CA PHE C 86 -18.44 -21.84 -1.10
C PHE C 86 -18.87 -20.68 -0.21
N PHE C 87 -17.91 -19.79 0.06
CA PHE C 87 -18.11 -18.68 0.97
C PHE C 87 -18.49 -17.43 0.18
N ARG C 88 -19.70 -16.94 0.42
CA ARG C 88 -20.28 -15.92 -0.46
C ARG C 88 -19.50 -14.61 -0.37
N ASN C 89 -19.05 -14.23 0.82
CA ASN C 89 -18.39 -12.94 1.04
C ASN C 89 -16.87 -13.07 1.12
N SER C 90 -16.30 -14.05 0.44
CA SER C 90 -14.85 -14.30 0.47
C SER C 90 -14.21 -13.64 -0.75
N LYS C 91 -13.44 -12.58 -0.51
CA LYS C 91 -12.67 -11.98 -1.60
C LYS C 91 -11.61 -12.94 -2.12
N LYS C 92 -10.95 -13.65 -1.21
CA LYS C 92 -9.92 -14.61 -1.59
C LYS C 92 -9.85 -15.68 -0.51
N ALA C 93 -9.94 -16.94 -0.92
CA ALA C 93 -9.86 -18.07 -0.01
C ALA C 93 -8.89 -19.09 -0.58
N ASP C 94 -8.18 -19.77 0.31
CA ASP C 94 -7.19 -20.76 -0.06
C ASP C 94 -7.28 -21.95 0.87
N ALA C 95 -7.09 -23.15 0.31
CA ALA C 95 -6.89 -24.35 1.10
C ALA C 95 -5.41 -24.47 1.44
N HIS C 96 -5.05 -25.55 2.14
CA HIS C 96 -3.68 -25.80 2.57
C HIS C 96 -3.20 -27.12 2.01
N TRP C 97 -1.96 -27.13 1.51
CA TRP C 97 -1.40 -28.27 0.79
C TRP C 97 -0.02 -28.69 1.29
N ILE C 98 0.40 -28.21 2.46
CA ILE C 98 1.71 -28.54 3.03
C ILE C 98 1.46 -29.26 4.35
N THR C 99 2.09 -30.43 4.58
CA THR C 99 2.95 -31.18 3.67
C THR C 99 2.13 -31.84 2.57
N THR C 100 0.93 -32.29 2.93
CA THR C 100 -0.02 -32.93 2.02
C THR C 100 -1.32 -32.12 2.06
N PRO C 101 -2.31 -32.45 1.24
CA PRO C 101 -3.59 -31.72 1.33
C PRO C 101 -4.23 -31.90 2.71
N ASN C 102 -4.48 -30.77 3.37
CA ASN C 102 -5.05 -30.77 4.72
C ASN C 102 -6.54 -31.06 4.64
N ARG C 103 -6.85 -32.33 4.34
CA ARG C 103 -8.22 -32.79 4.21
C ARG C 103 -8.36 -34.15 4.89
N MET C 104 -9.56 -34.42 5.35
CA MET C 104 -9.87 -35.65 6.07
C MET C 104 -11.24 -36.14 5.63
N LEU C 105 -11.37 -37.45 5.43
CA LEU C 105 -12.62 -38.06 4.98
C LEU C 105 -12.86 -39.32 5.80
N ARG C 106 -13.98 -39.36 6.51
CA ARG C 106 -14.38 -40.51 7.31
C ARG C 106 -15.72 -41.01 6.80
N ILE C 107 -15.83 -42.32 6.61
CA ILE C 107 -17.05 -42.93 6.08
C ILE C 107 -17.46 -44.04 7.03
N TRP C 108 -18.68 -43.97 7.55
CA TRP C 108 -19.21 -44.98 8.45
C TRP C 108 -19.95 -46.06 7.67
N ASN C 109 -20.20 -47.17 8.34
CA ASN C 109 -20.87 -48.29 7.68
C ASN C 109 -22.30 -47.95 7.29
N ASP C 110 -22.94 -47.05 8.03
CA ASP C 110 -24.32 -46.66 7.72
C ASP C 110 -24.43 -45.63 6.61
N GLY C 111 -23.31 -45.21 6.03
CA GLY C 111 -23.32 -44.29 4.92
C GLY C 111 -23.02 -42.84 5.26
N ARG C 112 -22.75 -42.54 6.53
CA ARG C 112 -22.44 -41.18 6.93
C ARG C 112 -21.03 -40.82 6.50
N VAL C 113 -20.87 -39.66 5.87
CA VAL C 113 -19.60 -39.15 5.40
C VAL C 113 -19.31 -37.86 6.15
N LEU C 114 -18.13 -37.77 6.74
CA LEU C 114 -17.60 -36.56 7.35
C LEU C 114 -16.40 -36.10 6.54
N TYR C 115 -16.41 -34.85 6.10
CA TYR C 115 -15.37 -34.29 5.26
C TYR C 115 -14.91 -32.98 5.88
N THR C 116 -13.64 -32.93 6.26
CA THR C 116 -13.07 -31.78 6.96
C THR C 116 -11.89 -31.24 6.17
N LEU C 117 -11.71 -29.92 6.23
CA LEU C 117 -10.56 -29.30 5.57
C LEU C 117 -10.24 -27.98 6.24
N ARG C 118 -8.97 -27.58 6.13
CA ARG C 118 -8.49 -26.33 6.67
C ARG C 118 -8.53 -25.25 5.60
N LEU C 119 -9.05 -24.08 5.96
CA LEU C 119 -9.23 -22.98 5.03
C LEU C 119 -8.73 -21.68 5.64
N THR C 120 -8.19 -20.82 4.78
CA THR C 120 -7.86 -19.44 5.12
C THR C 120 -8.66 -18.55 4.18
N ILE C 121 -9.51 -17.70 4.74
CA ILE C 121 -10.48 -16.92 3.98
C ILE C 121 -10.26 -15.45 4.28
N ASP C 122 -10.19 -14.63 3.23
CA ASP C 122 -10.18 -13.17 3.37
C ASP C 122 -11.60 -12.70 3.09
N ALA C 123 -12.40 -12.61 4.15
CA ALA C 123 -13.83 -12.33 4.01
C ALA C 123 -14.09 -10.83 4.03
N GLU C 124 -14.99 -10.40 3.15
CA GLU C 124 -15.41 -9.01 3.10
C GLU C 124 -16.21 -8.65 4.34
N CYS C 125 -15.98 -7.45 4.84
CA CYS C 125 -16.74 -6.91 5.97
C CYS C 125 -16.84 -5.41 5.77
N GLN C 126 -18.03 -4.91 5.45
CA GLN C 126 -18.22 -3.49 5.19
C GLN C 126 -18.36 -2.78 6.53
N LEU C 127 -17.27 -2.17 6.98
CA LEU C 127 -17.23 -1.53 8.28
C LEU C 127 -17.83 -0.13 8.21
N GLN C 128 -18.77 0.16 9.11
CA GLN C 128 -19.32 1.50 9.26
C GLN C 128 -18.43 2.23 10.25
N LEU C 129 -17.50 3.03 9.74
CA LEU C 129 -16.47 3.64 10.56
C LEU C 129 -16.94 4.93 11.23
N HIS C 130 -18.24 5.21 11.25
CA HIS C 130 -18.73 6.24 12.15
C HIS C 130 -18.44 5.80 13.58
N ASN C 131 -18.29 6.78 14.46
CA ASN C 131 -17.93 6.56 15.86
C ASN C 131 -16.51 6.04 16.02
N PHE C 132 -15.71 6.03 14.96
CA PHE C 132 -14.32 5.60 15.10
C PHE C 132 -13.58 6.58 16.01
N PRO C 133 -12.80 6.12 17.00
CA PRO C 133 -12.43 4.77 17.42
C PRO C 133 -13.35 4.10 18.45
N MET C 134 -14.54 4.64 18.69
CA MET C 134 -15.54 3.98 19.51
C MET C 134 -16.40 3.02 18.71
N ASP C 135 -16.07 2.76 17.45
CA ASP C 135 -16.89 1.93 16.58
C ASP C 135 -16.83 0.47 16.99
N GLU C 136 -17.95 -0.22 16.77
CA GLU C 136 -18.06 -1.67 16.94
C GLU C 136 -18.70 -2.25 15.69
N HIS C 137 -18.31 -3.48 15.35
CA HIS C 137 -18.75 -4.13 14.13
C HIS C 137 -19.15 -5.57 14.44
N SER C 138 -19.93 -6.14 13.52
CA SER C 138 -20.31 -7.56 13.55
C SER C 138 -19.99 -8.10 12.18
N CYS C 139 -18.77 -8.56 11.99
CA CYS C 139 -18.33 -8.98 10.67
C CYS C 139 -18.88 -10.37 10.34
N PRO C 140 -19.49 -10.57 9.16
CA PRO C 140 -20.05 -11.88 8.84
C PRO C 140 -19.08 -12.77 8.06
N LEU C 141 -19.39 -14.06 8.08
CA LEU C 141 -18.76 -15.04 7.21
C LEU C 141 -19.87 -15.95 6.73
N GLU C 142 -20.24 -15.81 5.46
CA GLU C 142 -21.38 -16.50 4.88
C GLU C 142 -20.92 -17.62 3.97
N PHE C 143 -21.73 -18.67 3.88
CA PHE C 143 -21.45 -19.73 2.93
C PHE C 143 -22.74 -20.44 2.54
N SER C 144 -22.70 -21.07 1.37
CA SER C 144 -23.83 -21.81 0.83
C SER C 144 -23.33 -22.64 -0.33
N SER C 145 -24.19 -23.53 -0.83
CA SER C 145 -23.86 -24.30 -2.01
C SER C 145 -23.94 -23.43 -3.24
N TYR C 146 -22.96 -23.58 -4.13
CA TYR C 146 -22.91 -22.71 -5.30
C TYR C 146 -24.00 -23.05 -6.30
N GLY C 147 -24.21 -24.32 -6.58
CA GLY C 147 -25.10 -24.75 -7.64
C GLY C 147 -26.45 -25.30 -7.19
N TYR C 148 -26.50 -25.90 -6.01
CA TYR C 148 -27.68 -26.65 -5.59
C TYR C 148 -28.63 -25.75 -4.82
N PRO C 149 -29.88 -25.52 -5.28
CA PRO C 149 -30.80 -24.70 -4.50
C PRO C 149 -31.29 -25.38 -3.23
N ARG C 150 -32.21 -24.73 -2.51
CA ARG C 150 -32.69 -25.27 -1.25
C ARG C 150 -33.39 -26.61 -1.42
N GLU C 151 -33.98 -26.87 -2.58
CA GLU C 151 -34.67 -28.13 -2.81
C GLU C 151 -33.71 -29.30 -3.00
N GLU C 152 -32.41 -29.06 -3.14
CA GLU C 152 -31.43 -30.09 -3.42
C GLU C 152 -30.38 -30.24 -2.32
N ILE C 153 -29.90 -29.14 -1.75
CA ILE C 153 -29.01 -29.19 -0.59
C ILE C 153 -29.56 -28.25 0.46
N VAL C 154 -29.59 -28.73 1.71
CA VAL C 154 -29.97 -27.93 2.86
C VAL C 154 -28.88 -28.10 3.90
N TYR C 155 -28.34 -26.99 4.37
CA TYR C 155 -27.37 -27.01 5.45
C TYR C 155 -28.09 -26.91 6.79
N GLN C 156 -27.43 -27.40 7.85
CA GLN C 156 -27.96 -27.30 9.20
C GLN C 156 -26.81 -27.10 10.16
N TRP C 157 -26.99 -26.20 11.13
CA TRP C 157 -26.01 -26.03 12.19
C TRP C 157 -26.19 -27.10 13.26
N LYS C 158 -25.08 -27.60 13.78
CA LYS C 158 -25.10 -28.55 14.88
C LYS C 158 -25.17 -27.80 16.20
N ARG C 159 -25.24 -28.55 17.30
CA ARG C 159 -25.27 -27.92 18.62
C ARG C 159 -24.00 -27.15 18.88
N SER C 160 -22.85 -27.81 18.71
CA SER C 160 -21.55 -27.15 18.80
C SER C 160 -21.20 -26.60 17.42
N SER C 161 -21.95 -25.58 17.04
CA SER C 161 -21.87 -24.99 15.71
C SER C 161 -20.48 -24.46 15.41
N VAL C 162 -20.07 -23.42 16.14
CA VAL C 162 -18.79 -22.75 15.94
C VAL C 162 -18.04 -22.78 17.25
N GLU C 163 -16.78 -23.19 17.20
CA GLU C 163 -15.90 -23.22 18.36
C GLU C 163 -14.71 -22.31 18.12
N VAL C 164 -14.17 -21.76 19.20
CA VAL C 164 -13.03 -20.85 19.16
C VAL C 164 -11.99 -21.35 20.14
N GLY C 165 -10.73 -21.03 19.85
CA GLY C 165 -9.64 -21.43 20.71
C GLY C 165 -9.46 -20.50 21.89
N ASP C 166 -8.21 -20.15 22.18
CA ASP C 166 -7.93 -19.26 23.31
C ASP C 166 -8.46 -17.86 23.05
N THR C 167 -8.33 -17.36 21.83
CA THR C 167 -8.66 -16.01 21.37
C THR C 167 -7.62 -14.99 21.82
N ARG C 168 -6.64 -15.35 22.64
CA ARG C 168 -5.50 -14.49 22.91
C ARG C 168 -4.36 -14.70 21.93
N SER C 169 -4.34 -15.84 21.23
CA SER C 169 -3.37 -16.10 20.18
C SER C 169 -3.82 -15.58 18.82
N TRP C 170 -4.94 -14.86 18.75
CA TRP C 170 -5.45 -14.36 17.50
C TRP C 170 -4.70 -13.09 17.10
N ARG C 171 -4.78 -12.75 15.81
CA ARG C 171 -4.00 -11.67 15.24
C ARG C 171 -4.73 -10.33 15.26
N LEU C 172 -5.66 -10.15 16.19
CA LEU C 172 -6.42 -8.90 16.27
C LEU C 172 -5.54 -7.82 16.89
N TYR C 173 -5.11 -6.85 16.08
CA TYR C 173 -4.35 -5.73 16.60
C TYR C 173 -5.29 -4.71 17.23
N GLN C 174 -6.26 -4.24 16.45
CA GLN C 174 -7.09 -3.10 16.82
C GLN C 174 -8.27 -3.48 17.69
N PHE C 175 -8.90 -4.62 17.42
CA PHE C 175 -10.17 -4.98 18.00
C PHE C 175 -10.01 -6.05 19.07
N SER C 176 -11.09 -6.24 19.83
CA SER C 176 -11.21 -7.30 20.82
C SER C 176 -12.40 -8.17 20.45
N PHE C 177 -12.21 -9.48 20.46
CA PHE C 177 -13.30 -10.40 20.12
C PHE C 177 -14.35 -10.36 21.20
N VAL C 178 -15.51 -9.80 20.90
CA VAL C 178 -16.57 -9.63 21.89
C VAL C 178 -17.41 -10.90 21.99
N GLY C 179 -17.91 -11.38 20.86
CA GLY C 179 -18.80 -12.53 20.89
C GLY C 179 -19.03 -13.09 19.51
N LEU C 180 -19.93 -14.05 19.43
CA LEU C 180 -20.14 -14.83 18.22
C LEU C 180 -21.61 -15.20 18.12
N ARG C 181 -22.08 -15.39 16.90
CA ARG C 181 -23.40 -15.97 16.69
C ARG C 181 -23.48 -16.54 15.29
N ASN C 182 -24.54 -17.32 15.06
CA ASN C 182 -24.76 -18.02 13.80
C ASN C 182 -26.19 -17.77 13.35
N THR C 183 -26.40 -17.81 12.04
CA THR C 183 -27.74 -17.59 11.49
C THR C 183 -27.89 -18.37 10.20
N THR C 184 -29.14 -18.71 9.90
CA THR C 184 -29.54 -19.36 8.66
C THR C 184 -30.58 -18.48 7.97
N GLU C 185 -30.45 -18.34 6.66
CA GLU C 185 -31.41 -17.59 5.86
C GLU C 185 -31.56 -18.29 4.51
N VAL C 186 -32.60 -17.89 3.79
CA VAL C 186 -32.83 -18.34 2.42
C VAL C 186 -32.72 -17.13 1.52
N VAL C 187 -31.77 -17.16 0.59
CA VAL C 187 -31.45 -16.04 -0.28
C VAL C 187 -31.91 -16.40 -1.69
N LYS C 188 -32.73 -15.53 -2.28
CA LYS C 188 -33.22 -15.73 -3.63
C LYS C 188 -32.24 -15.12 -4.62
N THR C 189 -31.91 -15.88 -5.66
CA THR C 189 -31.03 -15.43 -6.73
C THR C 189 -31.67 -15.78 -8.07
N THR C 190 -30.99 -15.41 -9.15
CA THR C 190 -31.48 -15.77 -10.48
C THR C 190 -31.50 -17.28 -10.66
N SER C 191 -30.49 -17.97 -10.12
CA SER C 191 -30.46 -19.43 -10.21
C SER C 191 -31.56 -20.06 -9.38
N GLY C 192 -31.82 -19.54 -8.19
CA GLY C 192 -32.84 -20.11 -7.34
C GLY C 192 -32.70 -19.60 -5.91
N ASP C 193 -33.33 -20.32 -4.99
CA ASP C 193 -33.29 -20.00 -3.56
C ASP C 193 -32.28 -20.91 -2.88
N TYR C 194 -31.34 -20.32 -2.15
CA TYR C 194 -30.22 -21.03 -1.57
C TYR C 194 -30.22 -20.86 -0.06
N VAL C 195 -29.87 -21.93 0.65
CA VAL C 195 -29.79 -21.92 2.11
C VAL C 195 -28.43 -21.34 2.47
N VAL C 196 -28.39 -20.06 2.78
CA VAL C 196 -27.16 -19.39 3.19
C VAL C 196 -27.05 -19.48 4.70
N MET C 197 -25.83 -19.64 5.20
CA MET C 197 -25.54 -19.55 6.63
C MET C 197 -24.37 -18.64 6.92
N SER C 198 -24.58 -17.79 7.91
CA SER C 198 -23.62 -16.78 8.31
C SER C 198 -23.17 -17.03 9.73
N VAL C 199 -21.92 -16.69 9.99
CA VAL C 199 -21.36 -16.62 11.33
C VAL C 199 -20.91 -15.19 11.54
N TYR C 200 -21.48 -14.53 12.53
CA TYR C 200 -21.16 -13.14 12.85
C TYR C 200 -20.20 -13.12 14.03
N PHE C 201 -19.03 -12.51 13.82
CA PHE C 201 -18.07 -12.26 14.89
C PHE C 201 -18.17 -10.79 15.28
N ASP C 202 -18.40 -10.52 16.56
CA ASP C 202 -18.56 -9.16 17.05
C ASP C 202 -17.23 -8.65 17.56
N LEU C 203 -16.85 -7.47 17.08
CA LEU C 203 -15.54 -6.87 17.34
C LEU C 203 -15.74 -5.44 17.83
N SER C 204 -14.91 -5.03 18.78
CA SER C 204 -14.93 -3.67 19.33
C SER C 204 -13.51 -3.14 19.38
N ARG C 205 -13.30 -1.93 18.88
CA ARG C 205 -11.97 -1.36 18.81
C ARG C 205 -11.51 -0.91 20.19
N ARG C 206 -10.19 -0.97 20.38
CA ARG C 206 -9.55 -0.47 21.59
C ARG C 206 -9.11 0.96 21.40
N MET C 207 -9.22 1.77 22.45
CA MET C 207 -8.96 3.21 22.38
C MET C 207 -7.66 3.63 23.03
N GLY C 208 -6.85 2.69 23.54
CA GLY C 208 -5.65 3.09 24.26
C GLY C 208 -4.67 3.85 23.40
N TYR C 209 -4.38 3.32 22.20
CA TYR C 209 -3.46 4.00 21.30
C TYR C 209 -4.00 5.36 20.89
N PHE C 210 -5.29 5.43 20.56
CA PHE C 210 -5.87 6.70 20.14
C PHE C 210 -5.94 7.69 21.28
N THR C 211 -6.19 7.21 22.50
CA THR C 211 -6.18 8.10 23.65
C THR C 211 -4.79 8.70 23.85
N ILE C 212 -3.75 7.85 23.79
CA ILE C 212 -2.41 8.35 24.07
C ILE C 212 -1.89 9.21 22.93
N GLN C 213 -2.27 8.90 21.70
CA GLN C 213 -1.57 9.42 20.53
C GLN C 213 -2.17 10.72 20.00
N THR C 214 -3.48 10.89 20.05
CA THR C 214 -4.15 12.02 19.40
C THR C 214 -5.14 12.76 20.27
N TYR C 215 -5.89 12.08 21.14
CA TYR C 215 -6.85 12.79 21.98
C TYR C 215 -6.12 13.68 23.00
N ILE C 216 -5.26 13.08 23.81
CA ILE C 216 -4.56 13.83 24.84
C ILE C 216 -3.65 14.90 24.24
N PRO C 217 -2.83 14.61 23.23
CA PRO C 217 -2.02 15.68 22.63
C PRO C 217 -2.84 16.81 22.05
N CYS C 218 -3.98 16.52 21.40
CA CYS C 218 -4.80 17.59 20.86
C CYS C 218 -5.37 18.45 21.98
N THR C 219 -5.82 17.81 23.06
CA THR C 219 -6.31 18.57 24.21
C THR C 219 -5.21 19.46 24.79
N LEU C 220 -3.99 18.93 24.90
CA LEU C 220 -2.90 19.70 25.47
C LEU C 220 -2.52 20.87 24.57
N ILE C 221 -2.57 20.67 23.26
CA ILE C 221 -2.30 21.77 22.34
C ILE C 221 -3.37 22.85 22.48
N VAL C 222 -4.62 22.45 22.69
CA VAL C 222 -5.67 23.44 22.90
C VAL C 222 -5.40 24.23 24.19
N VAL C 223 -4.96 23.55 25.24
CA VAL C 223 -4.64 24.23 26.48
C VAL C 223 -3.48 25.21 26.28
N LEU C 224 -2.46 24.80 25.53
CA LEU C 224 -1.36 25.70 25.24
C LEU C 224 -1.81 26.89 24.41
N SER C 225 -2.82 26.69 23.56
CA SER C 225 -3.39 27.84 22.85
C SER C 225 -4.05 28.80 23.84
N TRP C 226 -4.73 28.24 24.86
CA TRP C 226 -5.32 29.10 25.88
C TRP C 226 -4.26 29.88 26.65
N VAL C 227 -3.07 29.32 26.79
CA VAL C 227 -2.01 29.98 27.56
C VAL C 227 -1.70 31.38 27.01
N SER C 228 -1.98 31.62 25.73
CA SER C 228 -1.79 32.95 25.15
C SER C 228 -2.61 34.01 25.87
N PHE C 229 -3.78 33.65 26.41
CA PHE C 229 -4.63 34.65 27.02
C PHE C 229 -4.02 35.23 28.29
N TRP C 230 -3.18 34.46 28.97
CA TRP C 230 -2.52 34.95 30.17
C TRP C 230 -1.22 35.68 29.87
N ILE C 231 -0.64 35.47 28.69
CA ILE C 231 0.54 36.24 28.31
C ILE C 231 0.14 37.70 28.23
N ASN C 232 1.01 38.57 28.75
CA ASN C 232 0.69 39.99 28.81
C ASN C 232 0.50 40.56 27.42
N LYS C 233 -0.52 41.39 27.27
CA LYS C 233 -0.68 42.16 26.05
C LYS C 233 0.55 43.04 25.83
N ASP C 234 0.81 43.37 24.57
CA ASP C 234 1.98 44.08 24.04
C ASP C 234 3.18 43.15 23.91
N ALA C 235 3.10 41.90 24.37
CA ALA C 235 4.08 40.88 24.02
C ALA C 235 3.67 40.26 22.68
N VAL C 236 3.69 41.11 21.65
CA VAL C 236 3.10 40.74 20.38
C VAL C 236 3.82 39.58 19.72
N PRO C 237 5.17 39.57 19.60
CA PRO C 237 5.82 38.41 18.98
C PRO C 237 5.55 37.11 19.71
N ALA C 238 5.53 37.15 21.05
CA ALA C 238 5.33 35.92 21.81
C ALA C 238 3.95 35.34 21.56
N ARG C 239 2.91 36.16 21.68
CA ARG C 239 1.55 35.65 21.51
C ARG C 239 1.30 35.23 20.08
N THR C 240 1.80 35.99 19.10
CA THR C 240 1.61 35.60 17.71
C THR C 240 2.31 34.29 17.40
N SER C 241 3.55 34.14 17.86
CA SER C 241 4.30 32.91 17.63
C SER C 241 3.60 31.73 18.30
N LEU C 242 3.15 31.91 19.53
CA LEU C 242 2.47 30.84 20.25
C LEU C 242 1.23 30.39 19.50
N GLY C 243 0.39 31.35 19.10
CA GLY C 243 -0.83 30.98 18.39
C GLY C 243 -0.55 30.27 17.08
N ILE C 244 0.33 30.83 16.25
CA ILE C 244 0.51 30.25 14.93
C ILE C 244 1.23 28.91 15.01
N THR C 245 2.15 28.76 15.96
CA THR C 245 2.85 27.48 16.08
C THR C 245 1.96 26.42 16.70
N THR C 246 1.03 26.79 17.58
CA THR C 246 0.03 25.80 18.02
C THR C 246 -0.87 25.39 16.85
N VAL C 247 -1.19 26.33 15.97
CA VAL C 247 -1.96 25.98 14.77
C VAL C 247 -1.18 25.00 13.91
N LEU C 248 0.13 25.25 13.74
CA LEU C 248 0.96 24.34 12.97
C LEU C 248 1.02 22.97 13.63
N THR C 249 1.08 22.92 14.96
CA THR C 249 1.13 21.65 15.64
C THR C 249 -0.17 20.88 15.50
N MET C 250 -1.32 21.57 15.54
CA MET C 250 -2.57 20.89 15.26
C MET C 250 -2.63 20.40 13.81
N THR C 251 -2.10 21.17 12.87
CA THR C 251 -2.06 20.70 11.49
C THR C 251 -1.23 19.43 11.39
N THR C 252 -0.10 19.38 12.10
CA THR C 252 0.71 18.17 12.12
C THR C 252 -0.06 17.01 12.75
N LEU C 253 -0.75 17.25 13.86
CA LEU C 253 -1.44 16.17 14.57
C LEU C 253 -2.62 15.64 13.77
N SER C 254 -3.28 16.49 13.00
CA SER C 254 -4.45 16.04 12.25
C SER C 254 -4.10 15.05 11.15
N THR C 255 -2.83 14.96 10.76
CA THR C 255 -2.44 14.05 9.68
C THR C 255 -2.67 12.61 10.08
N ILE C 256 -2.36 12.24 11.33
CA ILE C 256 -2.45 10.85 11.76
C ILE C 256 -3.86 10.43 12.15
N ALA C 257 -4.85 11.31 11.99
CA ALA C 257 -6.22 10.93 12.35
C ALA C 257 -6.74 9.84 11.44
N ARG C 258 -6.41 9.90 10.15
CA ARG C 258 -6.97 9.02 9.13
C ARG C 258 -5.94 8.06 8.56
N LYS C 259 -4.86 7.77 9.30
CA LYS C 259 -3.85 6.88 8.77
C LYS C 259 -4.36 5.44 8.71
N SER C 260 -5.18 5.04 9.67
CA SER C 260 -5.68 3.68 9.72
C SER C 260 -6.84 3.46 8.76
N LEU C 261 -7.63 4.49 8.52
CA LEU C 261 -8.92 4.35 7.86
C LEU C 261 -8.80 4.41 6.34
N PRO C 262 -9.80 3.91 5.62
CA PRO C 262 -9.90 4.23 4.19
C PRO C 262 -10.42 5.65 4.02
N LYS C 263 -10.49 6.10 2.78
CA LYS C 263 -10.88 7.47 2.46
C LYS C 263 -12.41 7.60 2.41
N VAL C 264 -13.04 7.34 3.56
CA VAL C 264 -14.47 7.55 3.66
C VAL C 264 -14.77 9.04 3.65
N SER C 265 -15.95 9.38 3.13
CA SER C 265 -16.34 10.77 2.88
C SER C 265 -17.31 11.29 3.93
N TYR C 266 -17.19 10.81 5.16
CA TYR C 266 -17.96 11.32 6.28
C TYR C 266 -17.03 11.55 7.45
N VAL C 267 -17.47 12.42 8.36
CA VAL C 267 -16.66 12.78 9.52
C VAL C 267 -16.83 11.69 10.57
N THR C 268 -15.71 11.13 11.02
CA THR C 268 -15.71 10.20 12.15
C THR C 268 -15.60 10.98 13.45
N ALA C 269 -15.71 10.27 14.57
CA ALA C 269 -15.59 10.93 15.86
C ALA C 269 -14.21 11.55 16.04
N MET C 270 -13.17 10.83 15.62
CA MET C 270 -11.82 11.37 15.69
C MET C 270 -11.68 12.62 14.85
N ASP C 271 -12.21 12.59 13.62
CA ASP C 271 -12.15 13.75 12.75
C ASP C 271 -12.86 14.94 13.38
N LEU C 272 -14.02 14.70 13.98
CA LEU C 272 -14.76 15.78 14.61
C LEU C 272 -13.98 16.37 15.78
N PHE C 273 -13.38 15.53 16.62
CA PHE C 273 -12.61 16.03 17.74
C PHE C 273 -11.44 16.88 17.27
N VAL C 274 -10.72 16.39 16.26
CA VAL C 274 -9.57 17.13 15.75
C VAL C 274 -10.02 18.44 15.10
N SER C 275 -11.12 18.40 14.36
CA SER C 275 -11.63 19.61 13.72
C SER C 275 -12.02 20.66 14.75
N VAL C 276 -12.71 20.24 15.81
CA VAL C 276 -13.14 21.20 16.82
C VAL C 276 -11.93 21.79 17.54
N CYS C 277 -10.92 20.96 17.82
CA CYS C 277 -9.72 21.50 18.45
C CYS C 277 -9.00 22.47 17.53
N PHE C 278 -8.99 22.20 16.22
CA PHE C 278 -8.39 23.12 15.27
C PHE C 278 -9.15 24.45 15.27
N ILE C 279 -10.48 24.41 15.28
CA ILE C 279 -11.25 25.64 15.36
C ILE C 279 -10.94 26.37 16.66
N PHE C 280 -10.71 25.64 17.74
CA PHE C 280 -10.43 26.30 19.01
C PHE C 280 -9.11 27.07 18.96
N VAL C 281 -8.05 26.45 18.43
CA VAL C 281 -6.77 27.16 18.37
C VAL C 281 -6.84 28.31 17.37
N PHE C 282 -7.54 28.10 16.25
CA PHE C 282 -7.73 29.17 15.28
C PHE C 282 -8.47 30.34 15.91
N SER C 283 -9.48 30.05 16.72
CA SER C 283 -10.24 31.09 17.38
C SER C 283 -9.39 31.83 18.40
N ALA C 284 -8.49 31.13 19.10
CA ALA C 284 -7.61 31.81 20.03
C ALA C 284 -6.71 32.80 19.29
N LEU C 285 -6.13 32.38 18.17
CA LEU C 285 -5.27 33.29 17.41
C LEU C 285 -6.05 34.48 16.87
N VAL C 286 -7.26 34.23 16.34
CA VAL C 286 -8.06 35.33 15.82
C VAL C 286 -8.49 36.26 16.94
N GLU C 287 -8.75 35.71 18.13
CA GLU C 287 -9.08 36.53 19.29
C GLU C 287 -7.95 37.49 19.61
N TYR C 288 -6.72 36.98 19.65
CA TYR C 288 -5.61 37.88 19.93
C TYR C 288 -5.45 38.92 18.83
N GLY C 289 -5.62 38.51 17.57
CA GLY C 289 -5.52 39.48 16.49
C GLY C 289 -6.52 40.62 16.64
N THR C 290 -7.78 40.28 16.95
CA THR C 290 -8.80 41.30 17.16
C THR C 290 -8.46 42.20 18.34
N LEU C 291 -8.03 41.60 19.45
CA LEU C 291 -7.70 42.38 20.63
C LEU C 291 -6.56 43.36 20.33
N HIS C 292 -5.51 42.87 19.67
CA HIS C 292 -4.38 43.72 19.37
C HIS C 292 -4.77 44.85 18.42
N TYR C 293 -5.57 44.54 17.40
CA TYR C 293 -5.98 45.58 16.47
C TYR C 293 -6.79 46.66 17.16
N PHE C 294 -7.71 46.26 18.03
CA PHE C 294 -8.58 47.25 18.66
C PHE C 294 -7.92 47.97 19.81
N VAL C 295 -6.84 47.43 20.36
CA VAL C 295 -6.11 48.11 21.43
C VAL C 295 -5.04 49.04 20.88
N SER C 296 -4.35 48.64 19.81
CA SER C 296 -3.30 49.49 19.25
C SER C 296 -3.87 50.81 18.74
N ASN C 297 -5.01 50.75 18.07
CA ASN C 297 -5.63 51.92 17.45
C ASN C 297 -6.83 52.40 18.25
N CYS C 343 -45.24 46.95 24.64
CA CYS C 343 -45.94 48.22 24.96
C CYS C 343 -46.31 48.20 26.44
N LEU C 344 -46.57 47.03 27.00
CA LEU C 344 -47.07 46.93 28.39
C LEU C 344 -46.16 46.03 29.21
N ASP C 345 -45.27 45.30 28.55
CA ASP C 345 -44.36 44.35 29.26
C ASP C 345 -43.42 45.14 30.15
N GLY C 346 -42.79 46.21 29.64
CA GLY C 346 -41.95 47.04 30.53
C GLY C 346 -41.57 48.36 29.90
N LYS C 347 -41.26 48.37 28.60
CA LYS C 347 -40.82 49.60 27.92
C LYS C 347 -41.03 49.47 26.41
N ASP C 348 -39.96 49.20 25.65
CA ASP C 348 -40.09 49.17 24.17
C ASP C 348 -39.28 48.04 23.55
N CYS C 349 -39.25 47.99 22.21
CA CYS C 349 -38.55 46.88 21.50
C CYS C 349 -37.09 47.26 21.23
N ALA C 350 -36.52 48.15 22.05
CA ALA C 350 -35.11 48.54 21.89
C ALA C 350 -34.45 48.56 23.26
N SER C 351 -35.27 48.61 24.32
CA SER C 351 -34.73 48.62 25.70
C SER C 351 -35.17 47.34 26.41
N PHE C 352 -36.17 46.67 25.87
CA PHE C 352 -36.59 45.38 26.47
C PHE C 352 -35.93 44.28 25.65
N PHE C 353 -34.97 44.65 24.82
CA PHE C 353 -34.26 43.67 23.97
C PHE C 353 -32.93 44.29 23.53
O P1L C 354 -31.51 46.91 22.51
N P1L C 354 -32.54 44.12 22.27
CA P1L C 354 -31.30 44.74 21.74
CB P1L C 354 -31.62 45.33 20.40
SG P1L C 354 -30.58 44.68 19.07
C7 P1L C 354 -31.09 43.00 19.01
O7 P1L C 354 -32.12 42.63 18.50
C8 P1L C 354 -30.11 42.08 19.68
C9 P1L C 354 -29.44 41.15 18.73
C10 P1L C 354 -30.39 40.19 18.03
C11 P1L C 354 -29.69 39.20 17.14
C12 P1L C 354 -28.62 38.38 17.84
C13 P1L C 354 -27.61 37.75 16.93
C14 P1L C 354 -28.19 36.90 15.84
C15 P1L C 354 -27.24 35.84 15.31
C16 P1L C 354 -27.73 35.15 14.06
C17 P1L C 354 -26.92 33.93 13.67
C18 P1L C 354 -27.19 32.71 14.51
C19 P1L C 354 -28.61 32.23 14.46
C20 P1L C 354 -29.09 31.89 13.07
C P1L C 354 -30.86 45.87 22.66
C21 P1L C 354 -30.53 31.46 13.02
C22 P1L C 354 -31.51 32.51 13.47
O P1L C 355 -27.46 48.39 23.51
N P1L C 355 -29.62 45.82 23.16
CA P1L C 355 -29.15 46.84 24.14
CB P1L C 355 -28.01 46.30 24.97
SG P1L C 355 -27.93 44.49 25.05
C7 P1L C 355 -27.40 44.13 23.42
O7 P1L C 355 -26.65 44.83 22.79
C8 P1L C 355 -27.98 42.85 22.88
C9 P1L C 355 -26.93 41.87 22.49
C10 P1L C 355 -27.47 40.65 21.75
C11 P1L C 355 -26.39 39.78 21.19
C12 P1L C 355 -26.84 38.45 20.68
C13 P1L C 355 -25.70 37.54 20.29
C14 P1L C 355 -26.10 36.26 19.63
C15 P1L C 355 -24.94 35.44 19.14
C16 P1L C 355 -25.35 34.27 18.28
C17 P1L C 355 -24.20 33.37 17.89
C18 P1L C 355 -24.63 32.20 17.03
C19 P1L C 355 -23.51 31.23 16.70
C20 P1L C 355 -23.87 30.25 15.63
C P1L C 355 -28.67 48.11 23.43
C21 P1L C 355 -22.70 29.50 15.04
C22 P1L C 355 -23.09 28.62 13.88
N PHE C 356 -29.56 48.85 22.79
CA PHE C 356 -29.17 50.11 22.18
C PHE C 356 -29.30 51.27 23.18
N GLU C 357 -28.40 51.27 24.16
CA GLU C 357 -28.19 52.39 25.06
C GLU C 357 -26.73 52.80 25.14
N ASP C 358 -25.80 51.84 24.98
CA ASP C 358 -24.37 52.13 24.88
C ASP C 358 -23.70 51.22 23.86
O P1L C 359 -24.03 48.65 20.52
N P1L C 359 -24.13 49.96 23.80
CA P1L C 359 -23.61 48.98 22.88
CB P1L C 359 -23.22 47.67 23.59
SG P1L C 359 -23.63 46.18 22.71
C7 P1L C 359 -22.39 45.03 23.11
O7 P1L C 359 -21.21 45.29 23.28
C8 P1L C 359 -22.94 43.63 23.07
C9 P1L C 359 -23.36 43.19 21.68
C10 P1L C 359 -23.36 41.68 21.54
C11 P1L C 359 -22.00 41.12 21.20
C12 P1L C 359 -21.58 39.97 22.11
C13 P1L C 359 -22.40 38.71 21.92
C14 P1L C 359 -21.75 37.53 22.64
C15 P1L C 359 -20.81 36.74 21.76
C16 P1L C 359 -20.43 35.42 22.40
C17 P1L C 359 -21.46 34.34 22.11
C18 P1L C 359 -21.10 33.51 20.88
C19 P1L C 359 -20.36 32.23 21.24
C20 P1L C 359 -20.35 31.24 20.10
C P1L C 359 -24.59 48.65 21.76
C21 P1L C 359 -21.31 30.09 20.32
C22 P1L C 359 -22.74 30.56 20.36
N HIS C 370 -16.63 47.34 19.79
CA HIS C 370 -17.40 47.80 20.93
C HIS C 370 -16.51 48.55 21.91
N ILE C 371 -17.08 48.99 23.03
CA ILE C 371 -16.32 49.83 23.96
C ILE C 371 -15.31 48.99 24.71
N ARG C 372 -15.79 48.02 25.50
CA ARG C 372 -14.92 47.17 26.32
C ARG C 372 -14.42 46.00 25.48
N ILE C 373 -13.32 46.26 24.76
CA ILE C 373 -12.58 45.24 24.03
C ILE C 373 -11.28 44.96 24.77
N ALA C 374 -10.81 45.90 25.60
CA ALA C 374 -9.58 45.68 26.33
C ALA C 374 -9.67 44.47 27.25
N LYS C 375 -10.88 44.16 27.74
CA LYS C 375 -11.09 43.01 28.61
C LYS C 375 -11.39 41.72 27.86
N MET C 376 -11.10 41.68 26.56
CA MET C 376 -11.39 40.46 25.80
C MET C 376 -10.56 39.29 26.29
N ASP C 377 -9.35 39.54 26.79
CA ASP C 377 -8.56 38.46 27.37
C ASP C 377 -9.23 37.92 28.63
N SER C 378 -9.82 38.79 29.43
CA SER C 378 -10.51 38.34 30.64
C SER C 378 -11.66 37.42 30.28
N TYR C 379 -12.38 37.73 29.21
CA TYR C 379 -13.47 36.87 28.78
C TYR C 379 -12.93 35.55 28.27
N ALA C 380 -11.92 35.60 27.39
CA ALA C 380 -11.40 34.39 26.78
C ALA C 380 -10.73 33.47 27.78
N ARG C 381 -10.30 33.99 28.93
CA ARG C 381 -9.67 33.13 29.92
C ARG C 381 -10.64 32.10 30.47
N ILE C 382 -11.92 32.48 30.61
CA ILE C 382 -12.95 31.58 31.09
C ILE C 382 -13.89 31.10 29.99
N PHE C 383 -14.08 31.90 28.93
CA PHE C 383 -14.96 31.48 27.85
C PHE C 383 -14.39 30.27 27.12
N PHE C 384 -13.10 30.30 26.79
CA PHE C 384 -12.52 29.21 26.02
C PHE C 384 -12.51 27.90 26.80
N PRO C 385 -12.03 27.86 28.05
CA PRO C 385 -12.15 26.59 28.81
C PRO C 385 -13.58 26.13 29.00
N THR C 386 -14.52 27.05 29.18
CA THR C 386 -15.92 26.63 29.33
C THR C 386 -16.44 26.02 28.04
N ALA C 387 -16.16 26.64 26.90
CA ALA C 387 -16.65 26.11 25.63
C ALA C 387 -16.04 24.74 25.34
N PHE C 388 -14.75 24.57 25.64
CA PHE C 388 -14.11 23.29 25.38
C PHE C 388 -14.61 22.21 26.34
N CYS C 389 -14.84 22.57 27.60
CA CYS C 389 -15.37 21.60 28.55
C CYS C 389 -16.80 21.20 28.20
N LEU C 390 -17.64 22.15 27.81
CA LEU C 390 -18.97 21.80 27.36
C LEU C 390 -18.93 20.94 26.12
N PHE C 391 -18.03 21.24 25.18
CA PHE C 391 -17.93 20.42 23.98
C PHE C 391 -17.51 19.01 24.34
N ASN C 392 -16.58 18.86 25.27
CA ASN C 392 -16.15 17.52 25.68
C ASN C 392 -17.25 16.77 26.41
N LEU C 393 -18.05 17.46 27.21
CA LEU C 393 -19.15 16.80 27.92
C LEU C 393 -20.18 16.27 26.93
N VAL C 394 -20.57 17.10 25.95
CA VAL C 394 -21.52 16.64 24.95
C VAL C 394 -20.87 15.61 24.03
N TYR C 395 -19.58 15.79 23.72
CA TYR C 395 -18.91 14.88 22.81
C TYR C 395 -18.80 13.49 23.41
N TRP C 396 -18.30 13.38 24.65
CA TRP C 396 -18.03 12.07 25.22
C TRP C 396 -19.31 11.39 25.68
N VAL C 397 -20.26 12.15 26.22
CA VAL C 397 -21.54 11.55 26.61
C VAL C 397 -22.28 11.03 25.39
N SER C 398 -22.17 11.74 24.26
CA SER C 398 -22.89 11.34 23.06
C SER C 398 -22.36 10.03 22.50
N TYR C 399 -21.04 9.91 22.37
CA TYR C 399 -20.47 8.77 21.67
C TYR C 399 -20.37 7.51 22.53
N LEU C 400 -20.56 7.62 23.85
CA LEU C 400 -20.43 6.49 24.75
C LEU C 400 -21.76 5.97 25.27
N TYR C 401 -22.70 6.87 25.61
CA TYR C 401 -23.93 6.48 26.30
C TYR C 401 -25.17 6.64 25.42
N LEU C 402 -25.43 7.85 24.90
CA LEU C 402 -26.67 8.05 24.14
C LEU C 402 -26.65 7.26 22.85
N GLY C 403 -25.51 7.16 22.19
CA GLY C 403 -25.40 6.44 20.94
C GLY C 403 -24.02 5.91 20.66
N THR D 1 20.54 -51.50 -14.05
CA THR D 1 20.51 -52.75 -14.80
C THR D 1 19.12 -53.38 -14.71
N THR D 2 19.01 -54.62 -15.21
CA THR D 2 17.71 -55.28 -15.28
C THR D 2 17.12 -55.52 -13.89
N VAL D 3 17.95 -55.94 -12.94
CA VAL D 3 17.43 -56.31 -11.63
C VAL D 3 16.87 -55.09 -10.91
N PHE D 4 17.48 -53.92 -11.11
CA PHE D 4 16.96 -52.69 -10.52
C PHE D 4 15.56 -52.39 -11.03
N THR D 5 15.38 -52.47 -12.35
CA THR D 5 14.06 -52.20 -12.94
C THR D 5 13.04 -53.24 -12.51
N ARG D 6 13.45 -54.50 -12.41
CA ARG D 6 12.52 -55.53 -11.95
C ARG D 6 12.08 -55.29 -10.52
N ILE D 7 13.02 -54.90 -9.66
CA ILE D 7 12.66 -54.61 -8.26
C ILE D 7 11.72 -53.42 -8.20
N LEU D 8 12.02 -52.36 -8.96
CA LEU D 8 11.19 -51.16 -8.91
C LEU D 8 9.80 -51.41 -9.45
N ASP D 9 9.69 -52.14 -10.57
CA ASP D 9 8.39 -52.32 -11.22
C ASP D 9 7.45 -53.16 -10.36
N ARG D 10 7.97 -54.22 -9.74
CA ARG D 10 7.15 -55.13 -8.95
C ARG D 10 6.93 -54.64 -7.52
N LEU D 11 7.51 -53.50 -7.14
CA LEU D 11 7.43 -53.05 -5.74
C LEU D 11 6.00 -52.74 -5.34
N LEU D 12 5.24 -52.07 -6.21
CA LEU D 12 3.89 -51.62 -5.90
C LEU D 12 2.82 -52.58 -6.40
N ASP D 13 3.12 -53.87 -6.44
CA ASP D 13 2.13 -54.87 -6.82
C ASP D 13 1.19 -55.11 -5.65
N GLY D 14 -0.10 -54.85 -5.85
CA GLY D 14 -1.06 -55.02 -4.78
C GLY D 14 -0.83 -54.11 -3.60
N TYR D 15 -0.45 -52.86 -3.86
CA TYR D 15 -0.21 -51.86 -2.84
C TYR D 15 -1.31 -50.81 -2.89
N ASP D 16 -1.95 -50.57 -1.75
CA ASP D 16 -3.02 -49.59 -1.62
C ASP D 16 -2.48 -48.41 -0.82
N ASN D 17 -2.25 -47.28 -1.50
CA ASN D 17 -1.76 -46.09 -0.83
C ASN D 17 -2.83 -45.40 -0.01
N ARG D 18 -4.10 -45.81 -0.11
CA ARG D 18 -5.15 -45.23 0.70
C ARG D 18 -5.08 -45.69 2.15
N LEU D 19 -4.39 -46.78 2.44
CA LEU D 19 -4.32 -47.36 3.77
C LEU D 19 -2.94 -47.15 4.36
N ARG D 20 -2.90 -46.78 5.64
CA ARG D 20 -1.64 -46.56 6.32
C ARG D 20 -0.94 -47.89 6.59
N PRO D 21 0.38 -47.88 6.81
CA PRO D 21 1.06 -49.12 7.20
C PRO D 21 0.53 -49.65 8.53
N GLY D 22 0.44 -50.97 8.62
CA GLY D 22 -0.04 -51.59 9.84
C GLY D 22 -1.45 -51.20 10.22
N LEU D 23 -2.33 -51.05 9.22
CA LEU D 23 -3.71 -50.70 9.51
C LEU D 23 -4.40 -51.87 10.19
N GLY D 24 -5.06 -51.59 11.31
CA GLY D 24 -5.74 -52.63 12.06
C GLY D 24 -4.83 -53.60 12.76
N GLU D 25 -3.52 -53.36 12.78
CA GLU D 25 -2.55 -54.21 13.45
C GLU D 25 -1.77 -53.47 14.52
N ARG D 26 -1.24 -52.29 14.20
CA ARG D 26 -0.43 -51.52 15.13
C ARG D 26 -0.68 -50.05 14.89
N VAL D 27 0.11 -49.20 15.56
CA VAL D 27 0.03 -47.75 15.44
C VAL D 27 1.26 -47.30 14.66
N THR D 28 1.04 -46.58 13.57
CA THR D 28 2.13 -46.11 12.73
C THR D 28 2.93 -45.07 13.48
N GLU D 29 4.18 -45.40 13.81
CA GLU D 29 5.08 -44.49 14.50
C GLU D 29 5.97 -43.79 13.48
N VAL D 30 6.08 -42.47 13.60
CA VAL D 30 6.84 -41.64 12.67
C VAL D 30 7.91 -40.90 13.48
N LYS D 31 9.16 -41.05 13.08
CA LYS D 31 10.29 -40.36 13.67
C LYS D 31 10.57 -39.10 12.87
N THR D 32 10.47 -37.94 13.52
CA THR D 32 10.60 -36.66 12.87
C THR D 32 11.93 -36.01 13.24
N ASP D 33 12.47 -35.23 12.30
CA ASP D 33 13.72 -34.52 12.52
C ASP D 33 13.63 -33.27 11.64
N ILE D 34 14.16 -32.17 12.15
CA ILE D 34 14.14 -30.88 11.45
C ILE D 34 15.54 -30.30 11.46
N PHE D 35 16.00 -29.85 10.31
CA PHE D 35 17.24 -29.08 10.18
C PHE D 35 16.87 -27.70 9.65
N VAL D 36 16.88 -26.70 10.53
CA VAL D 36 16.54 -25.33 10.16
C VAL D 36 17.74 -24.75 9.44
N THR D 37 17.68 -24.69 8.11
CA THR D 37 18.79 -24.12 7.36
C THR D 37 18.91 -22.61 7.61
N SER D 38 17.80 -21.95 7.89
CA SER D 38 17.84 -20.53 8.22
C SER D 38 16.54 -20.14 8.90
N PHE D 39 16.65 -19.40 10.00
CA PHE D 39 15.48 -18.85 10.68
C PHE D 39 15.15 -17.52 10.01
N GLY D 40 14.09 -17.52 9.20
CA GLY D 40 13.79 -16.41 8.36
C GLY D 40 13.37 -15.20 9.14
N PRO D 41 13.07 -14.11 8.42
CA PRO D 41 12.69 -12.86 9.09
C PRO D 41 11.39 -13.01 9.86
N VAL D 42 11.31 -12.29 10.98
CA VAL D 42 10.12 -12.26 11.83
C VAL D 42 9.40 -10.96 11.56
N SER D 43 8.11 -11.05 11.24
CA SER D 43 7.29 -9.89 10.91
C SER D 43 6.37 -9.57 12.08
N ASP D 44 6.58 -8.40 12.68
CA ASP D 44 5.70 -7.95 13.75
C ASP D 44 4.36 -7.48 13.20
N HIS D 45 4.35 -6.98 11.97
CA HIS D 45 3.11 -6.49 11.36
C HIS D 45 2.14 -7.61 11.01
N ASP D 46 2.56 -8.87 11.10
CA ASP D 46 1.71 -10.02 10.79
C ASP D 46 1.60 -11.04 11.90
N MET D 47 2.40 -10.95 12.97
CA MET D 47 2.61 -12.08 13.87
C MET D 47 2.96 -13.33 13.07
N GLU D 48 3.87 -13.16 12.13
CA GLU D 48 4.28 -14.19 11.18
C GLU D 48 5.80 -14.25 11.17
N TYR D 49 6.32 -15.47 11.03
CA TYR D 49 7.76 -15.65 10.86
C TYR D 49 8.00 -16.79 9.89
N THR D 50 9.07 -16.64 9.10
CA THR D 50 9.47 -17.61 8.10
C THR D 50 10.61 -18.46 8.63
N ILE D 51 10.64 -19.71 8.20
CA ILE D 51 11.68 -20.64 8.59
C ILE D 51 11.88 -21.63 7.46
N ASP D 52 13.12 -21.75 6.98
CA ASP D 52 13.47 -22.70 5.92
C ASP D 52 14.04 -23.94 6.58
N VAL D 53 13.43 -25.09 6.29
CA VAL D 53 13.70 -26.32 7.02
C VAL D 53 13.87 -27.48 6.06
N PHE D 54 14.78 -28.38 6.38
CA PHE D 54 14.78 -29.74 5.87
C PHE D 54 14.00 -30.60 6.85
N PHE D 55 12.87 -31.13 6.39
CA PHE D 55 11.91 -31.86 7.22
C PHE D 55 12.03 -33.34 6.88
N ARG D 56 12.49 -34.14 7.82
CA ARG D 56 12.70 -35.57 7.63
C ARG D 56 11.71 -36.35 8.47
N GLN D 57 11.05 -37.33 7.85
CA GLN D 57 10.13 -38.22 8.52
C GLN D 57 10.48 -39.65 8.15
N SER D 58 10.62 -40.51 9.15
CA SER D 58 10.97 -41.91 8.95
C SER D 58 9.89 -42.79 9.54
N TRP D 59 9.50 -43.83 8.82
CA TRP D 59 8.53 -44.78 9.34
C TRP D 59 8.83 -46.15 8.72
N LYS D 60 7.95 -47.12 8.98
CA LYS D 60 8.13 -48.48 8.51
C LYS D 60 6.88 -48.91 7.75
N ASP D 61 7.09 -49.56 6.61
CA ASP D 61 6.00 -50.05 5.76
C ASP D 61 6.39 -51.46 5.31
N GLU D 62 5.76 -52.47 5.92
CA GLU D 62 6.10 -53.84 5.60
C GLU D 62 5.71 -54.21 4.16
N ARG D 63 4.71 -53.53 3.61
CA ARG D 63 4.25 -53.86 2.26
C ARG D 63 5.32 -53.59 1.22
N LEU D 64 6.22 -52.63 1.48
CA LEU D 64 7.24 -52.22 0.52
C LEU D 64 8.57 -52.94 0.73
N LYS D 65 8.59 -54.02 1.50
CA LYS D 65 9.83 -54.76 1.69
C LYS D 65 10.30 -55.36 0.37
N PHE D 66 11.61 -55.36 0.17
CA PHE D 66 12.22 -55.93 -1.02
C PHE D 66 13.54 -56.55 -0.63
N LYS D 67 14.02 -57.44 -1.50
CA LYS D 67 15.31 -58.10 -1.33
C LYS D 67 16.10 -57.99 -2.63
N GLY D 68 17.41 -57.91 -2.49
CA GLY D 68 18.30 -57.80 -3.63
C GLY D 68 19.70 -57.43 -3.19
N PRO D 69 20.58 -57.21 -4.17
CA PRO D 69 21.94 -56.73 -3.82
C PRO D 69 21.94 -55.37 -3.16
N MET D 70 20.87 -54.60 -3.32
CA MET D 70 20.81 -53.25 -2.80
C MET D 70 20.67 -53.25 -1.28
N THR D 71 20.82 -52.07 -0.70
CA THR D 71 20.46 -51.81 0.69
C THR D 71 19.52 -50.63 0.85
N VAL D 72 19.61 -49.62 -0.02
CA VAL D 72 18.71 -48.47 -0.03
C VAL D 72 18.34 -48.18 -1.48
N LEU D 73 17.04 -48.00 -1.72
CA LEU D 73 16.51 -47.75 -3.05
C LEU D 73 15.71 -46.47 -3.00
N ARG D 74 16.11 -45.47 -3.78
CA ARG D 74 15.41 -44.19 -3.83
C ARG D 74 14.40 -44.18 -4.97
N LEU D 75 13.25 -43.57 -4.71
CA LEU D 75 12.14 -43.53 -5.64
C LEU D 75 11.96 -42.12 -6.19
N ASN D 76 11.56 -42.04 -7.44
CA ASN D 76 11.33 -40.75 -8.08
C ASN D 76 9.96 -40.22 -7.66
N ASN D 77 9.64 -39.00 -8.09
CA ASN D 77 8.44 -38.31 -7.61
C ASN D 77 7.17 -39.03 -8.04
N LEU D 78 7.14 -39.53 -9.28
CA LEU D 78 5.94 -40.22 -9.76
C LEU D 78 5.65 -41.47 -8.93
N MET D 79 6.70 -42.23 -8.60
CA MET D 79 6.52 -43.43 -7.80
C MET D 79 6.31 -43.07 -6.34
N ALA D 80 6.96 -42.02 -5.86
CA ALA D 80 6.77 -41.60 -4.47
C ALA D 80 5.34 -41.12 -4.22
N SER D 81 4.70 -40.55 -5.23
CA SER D 81 3.31 -40.14 -5.09
C SER D 81 2.35 -41.31 -5.03
N LYS D 82 2.79 -42.52 -5.36
CA LYS D 82 1.95 -43.71 -5.33
C LYS D 82 2.15 -44.53 -4.05
N ILE D 83 2.73 -43.93 -3.01
CA ILE D 83 3.02 -44.61 -1.76
C ILE D 83 2.45 -43.76 -0.62
N TRP D 84 1.90 -44.43 0.39
CA TRP D 84 1.41 -43.72 1.56
C TRP D 84 2.57 -43.01 2.25
N THR D 85 2.34 -41.75 2.58
CA THR D 85 3.25 -40.95 3.40
C THR D 85 2.41 -40.22 4.44
N PRO D 86 3.01 -39.83 5.57
CA PRO D 86 2.23 -39.14 6.60
C PRO D 86 1.65 -37.83 6.09
N ASP D 87 0.44 -37.52 6.53
CA ASP D 87 -0.22 -36.26 6.20
C ASP D 87 0.10 -35.19 7.23
N THR D 88 1.39 -35.00 7.48
CA THR D 88 1.82 -34.00 8.45
C THR D 88 1.45 -32.61 7.97
N PHE D 89 0.99 -31.78 8.91
CA PHE D 89 0.69 -30.38 8.63
C PHE D 89 1.05 -29.58 9.87
N PHE D 90 1.32 -28.30 9.66
CA PHE D 90 1.71 -27.39 10.73
C PHE D 90 0.48 -26.71 11.28
N HIS D 91 0.22 -26.91 12.58
CA HIS D 91 -1.02 -26.45 13.17
C HIS D 91 -1.13 -24.94 13.13
N ASN D 92 -0.04 -24.23 13.45
CA ASN D 92 0.01 -22.78 13.37
C ASN D 92 0.64 -22.31 12.06
N GLY D 93 0.56 -23.13 11.02
CA GLY D 93 1.14 -22.76 9.75
C GLY D 93 0.28 -21.79 8.98
N LYS D 94 0.85 -21.31 7.87
CA LYS D 94 0.21 -20.36 6.99
C LYS D 94 0.56 -20.77 5.57
N LYS D 95 0.43 -19.85 4.62
CA LYS D 95 0.88 -20.12 3.26
C LYS D 95 2.35 -20.51 3.29
N SER D 96 2.63 -21.79 3.03
CA SER D 96 3.96 -22.36 3.07
C SER D 96 4.28 -22.92 1.69
N VAL D 97 5.58 -22.99 1.40
CA VAL D 97 6.08 -23.34 0.08
C VAL D 97 6.80 -24.67 0.14
N ALA D 98 6.52 -25.53 -0.84
CA ALA D 98 7.30 -26.73 -1.10
C ALA D 98 8.05 -26.47 -2.40
N HIS D 99 9.35 -26.21 -2.28
CA HIS D 99 10.14 -25.79 -3.43
C HIS D 99 10.24 -26.93 -4.45
N ASN D 100 10.14 -26.58 -5.73
CA ASN D 100 10.33 -27.53 -6.81
C ASN D 100 11.14 -26.91 -7.93
N MET D 101 12.23 -26.23 -7.57
CA MET D 101 13.21 -25.68 -8.49
C MET D 101 14.54 -26.39 -8.25
N THR D 102 15.16 -27.00 -9.28
CA THR D 102 14.67 -27.17 -10.65
C THR D 102 13.64 -28.30 -10.76
N MET D 103 13.62 -29.19 -9.78
CA MET D 103 12.70 -30.31 -9.68
C MET D 103 12.20 -30.40 -8.25
N PRO D 104 11.11 -31.17 -8.00
CA PRO D 104 10.55 -31.24 -6.64
C PRO D 104 11.56 -31.63 -5.58
N ASN D 105 11.80 -30.72 -4.63
CA ASN D 105 12.79 -30.93 -3.59
C ASN D 105 12.30 -31.92 -2.55
N LYS D 106 12.17 -33.18 -2.96
CA LYS D 106 11.72 -34.26 -2.11
C LYS D 106 12.61 -35.47 -2.37
N LEU D 107 12.65 -36.36 -1.39
CA LEU D 107 13.43 -37.58 -1.55
C LEU D 107 12.83 -38.67 -0.68
N LEU D 108 12.38 -39.74 -1.32
CA LEU D 108 11.86 -40.92 -0.64
C LEU D 108 12.81 -42.09 -0.88
N ARG D 109 13.25 -42.73 0.20
CA ARG D 109 14.18 -43.85 0.14
C ARG D 109 13.61 -44.99 0.96
N ILE D 110 13.83 -46.22 0.50
CA ILE D 110 13.35 -47.42 1.17
C ILE D 110 14.56 -48.31 1.45
N THR D 111 14.69 -48.71 2.72
CA THR D 111 15.67 -49.71 3.12
C THR D 111 15.11 -51.09 2.80
N GLU D 112 15.98 -52.10 2.77
CA GLU D 112 15.55 -53.45 2.41
C GLU D 112 14.48 -53.99 3.35
N ASP D 113 14.48 -53.54 4.61
CA ASP D 113 13.52 -54.00 5.60
C ASP D 113 12.26 -53.15 5.65
N GLY D 114 11.98 -52.37 4.62
CA GLY D 114 10.76 -51.60 4.55
C GLY D 114 10.77 -50.28 5.27
N THR D 115 11.93 -49.81 5.73
CA THR D 115 12.00 -48.52 6.42
C THR D 115 12.03 -47.40 5.39
N LEU D 116 11.04 -46.52 5.45
CA LEU D 116 10.92 -45.39 4.55
C LEU D 116 11.48 -44.15 5.21
N LEU D 117 12.33 -43.43 4.49
CA LEU D 117 12.83 -42.12 4.89
C LEU D 117 12.39 -41.10 3.85
N TYR D 118 11.76 -40.03 4.31
CA TYR D 118 11.11 -39.05 3.44
C TYR D 118 11.60 -37.66 3.85
N THR D 119 12.35 -37.01 2.98
CA THR D 119 12.93 -35.71 3.24
C THR D 119 12.32 -34.68 2.31
N MET D 120 12.02 -33.50 2.86
CA MET D 120 11.43 -32.39 2.12
C MET D 120 12.19 -31.12 2.46
N ARG D 121 12.16 -30.15 1.55
CA ARG D 121 12.65 -28.80 1.81
C ARG D 121 11.46 -27.86 1.78
N LEU D 122 11.25 -27.13 2.86
CA LEU D 122 10.06 -26.31 3.04
C LEU D 122 10.45 -24.92 3.51
N THR D 123 9.60 -23.95 3.18
CA THR D 123 9.67 -22.60 3.71
C THR D 123 8.36 -22.39 4.48
N VAL D 124 8.38 -22.76 5.76
CA VAL D 124 7.20 -22.68 6.60
C VAL D 124 7.02 -21.24 7.06
N ARG D 125 5.85 -20.67 6.78
CA ARG D 125 5.43 -19.40 7.32
C ARG D 125 4.43 -19.67 8.44
N ALA D 126 4.82 -19.36 9.67
CA ALA D 126 4.07 -19.80 10.85
C ALA D 126 3.69 -18.60 11.70
N GLU D 127 2.59 -18.77 12.44
CA GLU D 127 2.05 -17.71 13.28
C GLU D 127 2.78 -17.67 14.61
N CYS D 128 3.24 -16.47 14.98
CA CYS D 128 3.89 -16.20 16.25
C CYS D 128 3.06 -15.16 16.98
N PRO D 129 2.12 -15.56 17.84
CA PRO D 129 1.34 -14.56 18.59
C PRO D 129 2.22 -13.70 19.46
N MET D 130 2.15 -12.39 19.25
CA MET D 130 2.98 -11.42 19.93
C MET D 130 2.12 -10.56 20.85
N HIS D 131 2.62 -10.32 22.05
CA HIS D 131 2.02 -9.40 23.02
C HIS D 131 3.02 -8.26 23.18
N LEU D 132 2.76 -7.16 22.49
CA LEU D 132 3.70 -6.06 22.37
C LEU D 132 3.47 -4.97 23.41
N GLU D 133 2.98 -5.34 24.59
CA GLU D 133 2.81 -4.35 25.66
C GLU D 133 4.16 -3.79 26.08
N ASP D 134 5.19 -4.63 26.13
CA ASP D 134 6.53 -4.25 26.55
C ASP D 134 7.41 -3.85 25.38
N PHE D 135 6.84 -3.50 24.24
CA PHE D 135 7.65 -3.09 23.10
C PHE D 135 8.42 -1.83 23.45
N PRO D 136 9.70 -1.71 23.06
CA PRO D 136 10.62 -2.60 22.36
C PRO D 136 11.48 -3.49 23.27
N MET D 137 11.15 -3.55 24.56
CA MET D 137 11.85 -4.41 25.51
C MET D 137 11.21 -5.79 25.62
N ASP D 138 10.44 -6.20 24.62
CA ASP D 138 9.66 -7.43 24.69
C ASP D 138 10.48 -8.63 24.20
N ALA D 139 10.05 -9.80 24.65
CA ALA D 139 10.60 -11.08 24.21
C ALA D 139 9.45 -12.01 23.89
N HIS D 140 9.71 -12.96 22.99
CA HIS D 140 8.67 -13.84 22.47
C HIS D 140 9.19 -15.27 22.39
N ALA D 141 8.25 -16.22 22.33
CA ALA D 141 8.54 -17.63 22.13
C ALA D 141 7.67 -18.08 20.96
N CYS D 142 8.19 -17.95 19.75
CA CYS D 142 7.40 -18.27 18.57
C CYS D 142 7.28 -19.79 18.45
N PRO D 143 6.07 -20.36 18.33
CA PRO D 143 5.95 -21.80 18.26
C PRO D 143 5.95 -22.34 16.83
N LEU D 144 6.19 -23.64 16.73
CA LEU D 144 6.05 -24.40 15.50
C LEU D 144 5.49 -25.75 15.91
N LYS D 145 4.19 -25.95 15.70
CA LYS D 145 3.49 -27.17 16.04
C LYS D 145 3.11 -27.90 14.77
N PHE D 146 3.27 -29.22 14.78
CA PHE D 146 2.85 -30.00 13.62
C PHE D 146 2.38 -31.38 14.05
N GLY D 147 1.62 -32.01 13.18
CA GLY D 147 1.11 -33.34 13.44
C GLY D 147 0.24 -33.80 12.30
N SER D 148 -0.30 -35.00 12.45
CA SER D 148 -1.19 -35.55 11.44
C SER D 148 -2.50 -34.77 11.41
N TYR D 149 -3.05 -34.62 10.21
CA TYR D 149 -4.35 -34.00 10.05
C TYR D 149 -5.48 -35.00 10.21
N ALA D 150 -5.40 -36.12 9.50
CA ALA D 150 -6.51 -37.06 9.42
C ALA D 150 -6.43 -38.20 10.43
N TYR D 151 -5.25 -38.52 10.93
CA TYR D 151 -5.04 -39.68 11.78
C TYR D 151 -4.92 -39.26 13.23
N THR D 152 -5.68 -39.92 14.10
CA THR D 152 -5.71 -39.59 15.51
C THR D 152 -4.55 -40.28 16.23
N ARG D 153 -4.50 -40.11 17.55
CA ARG D 153 -3.44 -40.72 18.35
C ARG D 153 -3.46 -42.24 18.27
N ALA D 154 -4.64 -42.82 18.06
CA ALA D 154 -4.77 -44.27 17.97
C ALA D 154 -4.28 -44.84 16.64
N GLU D 155 -3.96 -43.99 15.67
CA GLU D 155 -3.55 -44.42 14.33
C GLU D 155 -2.12 -44.02 14.00
N VAL D 156 -1.76 -42.76 14.22
CA VAL D 156 -0.42 -42.25 13.92
C VAL D 156 0.09 -41.51 15.13
N VAL D 157 1.33 -41.82 15.53
CA VAL D 157 2.01 -41.13 16.63
C VAL D 157 3.35 -40.65 16.12
N TYR D 158 3.68 -39.40 16.41
CA TYR D 158 4.95 -38.80 16.00
C TYR D 158 5.95 -38.89 17.14
N GLU D 159 7.23 -38.96 16.77
CA GLU D 159 8.30 -38.98 17.75
C GLU D 159 9.51 -38.31 17.12
N TRP D 160 10.48 -37.99 17.96
CA TRP D 160 11.72 -37.37 17.53
C TRP D 160 12.76 -38.44 17.26
N THR D 161 13.48 -38.28 16.15
CA THR D 161 14.46 -39.29 15.74
C THR D 161 15.54 -39.48 16.79
N ARG D 162 15.91 -38.42 17.48
CA ARG D 162 16.91 -38.42 18.54
C ARG D 162 16.25 -37.84 19.78
N GLU D 163 17.07 -37.49 20.77
CA GLU D 163 16.53 -36.81 21.94
C GLU D 163 15.86 -35.50 21.49
N PRO D 164 14.81 -35.06 22.19
CA PRO D 164 14.04 -33.91 21.66
C PRO D 164 14.86 -32.65 21.48
N ALA D 165 15.84 -32.40 22.36
CA ALA D 165 16.65 -31.21 22.23
C ALA D 165 17.52 -31.25 20.98
N ARG D 166 18.01 -32.44 20.63
CA ARG D 166 18.94 -32.60 19.53
C ARG D 166 18.27 -32.94 18.20
N SER D 167 16.95 -33.08 18.17
CA SER D 167 16.24 -33.46 16.96
C SER D 167 15.80 -32.28 16.11
N VAL D 168 15.96 -31.05 16.61
CA VAL D 168 15.72 -29.84 15.83
C VAL D 168 17.03 -29.07 15.85
N VAL D 169 17.76 -29.12 14.74
CA VAL D 169 19.12 -28.59 14.67
C VAL D 169 19.09 -27.32 13.82
N VAL D 170 19.54 -26.21 14.40
CA VAL D 170 19.58 -24.92 13.72
C VAL D 170 20.97 -24.69 13.17
N ALA D 171 21.05 -24.19 11.95
CA ALA D 171 22.34 -23.93 11.32
C ALA D 171 23.08 -22.83 12.08
N GLU D 172 24.41 -22.91 12.05
CA GLU D 172 25.23 -21.96 12.80
C GLU D 172 25.06 -20.54 12.25
N ASP D 173 24.96 -20.39 10.94
CA ASP D 173 24.87 -19.09 10.27
C ASP D 173 23.49 -18.87 9.65
N GLY D 174 22.47 -19.59 10.13
CA GLY D 174 21.15 -19.49 9.55
C GLY D 174 20.29 -18.35 10.07
N SER D 175 20.73 -17.65 11.11
CA SER D 175 19.92 -16.58 11.69
C SER D 175 19.81 -15.45 10.69
N ARG D 176 18.64 -15.34 10.06
CA ARG D 176 18.31 -14.24 9.15
C ARG D 176 17.51 -13.15 9.84
N LEU D 177 17.75 -12.95 11.14
CA LEU D 177 16.98 -12.01 11.94
C LEU D 177 17.71 -10.69 12.04
N ASN D 178 17.00 -9.61 11.73
CA ASN D 178 17.50 -8.25 11.92
C ASN D 178 17.00 -7.63 13.20
N GLN D 179 15.72 -7.81 13.52
CA GLN D 179 15.12 -7.18 14.68
C GLN D 179 15.49 -7.89 15.97
N TYR D 180 15.57 -9.22 15.94
CA TYR D 180 15.65 -10.04 17.14
C TYR D 180 17.00 -10.75 17.23
N ASP D 181 17.19 -11.41 18.37
CA ASP D 181 18.31 -12.32 18.60
C ASP D 181 17.73 -13.65 19.06
N LEU D 182 18.14 -14.73 18.41
CA LEU D 182 17.63 -16.06 18.74
C LEU D 182 18.37 -16.60 19.95
N LEU D 183 17.70 -16.64 21.10
CA LEU D 183 18.33 -17.12 22.32
C LEU D 183 18.48 -18.64 22.32
N GLY D 184 17.45 -19.35 21.88
CA GLY D 184 17.49 -20.80 21.90
C GLY D 184 16.17 -21.38 21.48
N GLN D 185 16.04 -22.69 21.68
CA GLN D 185 14.85 -23.43 21.28
C GLN D 185 14.50 -24.47 22.32
N THR D 186 13.21 -24.75 22.44
CA THR D 186 12.68 -25.77 23.33
C THR D 186 11.79 -26.72 22.53
N VAL D 187 12.09 -28.01 22.60
CA VAL D 187 11.43 -29.03 21.80
C VAL D 187 10.63 -29.95 22.73
N ASP D 188 9.38 -30.20 22.39
CA ASP D 188 8.49 -30.97 23.24
C ASP D 188 7.42 -31.65 22.38
N SER D 189 6.57 -32.43 23.04
CA SER D 189 5.51 -33.19 22.39
C SER D 189 4.29 -33.20 23.31
N GLY D 190 3.12 -33.37 22.71
CA GLY D 190 1.90 -33.36 23.49
C GLY D 190 0.75 -33.93 22.70
N ILE D 191 -0.43 -33.88 23.33
CA ILE D 191 -1.68 -34.34 22.74
C ILE D 191 -2.65 -33.18 22.72
N VAL D 192 -3.31 -32.97 21.58
CA VAL D 192 -4.30 -31.93 21.40
C VAL D 192 -5.66 -32.58 21.20
N GLN D 193 -6.65 -32.10 21.93
CA GLN D 193 -8.01 -32.58 21.83
C GLN D 193 -8.73 -31.87 20.69
N SER D 194 -9.75 -32.53 20.16
CA SER D 194 -10.56 -31.96 19.10
C SER D 194 -11.89 -32.70 19.06
N SER D 195 -12.84 -32.11 18.34
CA SER D 195 -14.11 -32.78 18.14
C SER D 195 -13.94 -34.06 17.33
N THR D 196 -12.92 -34.12 16.47
CA THR D 196 -12.65 -35.33 15.72
C THR D 196 -11.92 -36.38 16.55
N GLY D 197 -11.06 -35.97 17.47
CA GLY D 197 -10.36 -36.92 18.32
C GLY D 197 -9.10 -36.30 18.89
N GLU D 198 -8.27 -37.17 19.48
CA GLU D 198 -6.99 -36.77 20.03
C GLU D 198 -5.91 -36.92 18.97
N TYR D 199 -5.02 -35.94 18.90
CA TYR D 199 -3.96 -35.91 17.90
C TYR D 199 -2.63 -35.63 18.57
N VAL D 200 -1.59 -36.33 18.15
CA VAL D 200 -0.24 -36.07 18.63
C VAL D 200 0.29 -34.82 17.95
N VAL D 201 0.93 -33.94 18.73
CA VAL D 201 1.46 -32.68 18.24
C VAL D 201 2.91 -32.58 18.70
N MET D 202 3.82 -32.45 17.74
CA MET D 202 5.22 -32.17 18.01
C MET D 202 5.42 -30.66 17.95
N THR D 203 6.00 -30.09 19.01
CA THR D 203 6.08 -28.65 19.16
C THR D 203 7.53 -28.21 19.36
N THR D 204 7.86 -27.07 18.78
CA THR D 204 9.11 -26.37 19.03
C THR D 204 8.76 -24.94 19.41
N HIS D 205 9.62 -24.31 20.20
CA HIS D 205 9.44 -22.92 20.61
C HIS D 205 10.78 -22.23 20.48
N PHE D 206 10.88 -21.29 19.53
CA PHE D 206 12.09 -20.51 19.33
C PHE D 206 11.97 -19.22 20.14
N HIS D 207 12.94 -18.98 21.02
CA HIS D 207 12.90 -17.82 21.91
C HIS D 207 13.66 -16.67 21.28
N LEU D 208 12.99 -15.52 21.17
CA LEU D 208 13.51 -14.34 20.51
C LEU D 208 13.48 -13.16 21.46
N LYS D 209 14.52 -12.32 21.40
CA LYS D 209 14.63 -11.10 22.18
C LYS D 209 14.87 -9.95 21.22
N ARG D 210 14.08 -8.89 21.36
CA ARG D 210 14.20 -7.76 20.45
C ARG D 210 15.46 -6.97 20.73
N LYS D 211 16.04 -6.41 19.67
CA LYS D 211 17.21 -5.55 19.81
C LYS D 211 16.76 -4.14 20.17
N ILE D 212 17.34 -3.60 21.24
CA ILE D 212 16.88 -2.34 21.81
C ILE D 212 17.66 -1.12 21.31
N GLY D 213 18.86 -1.32 20.77
CA GLY D 213 19.74 -0.18 20.48
C GLY D 213 19.16 0.77 19.46
N TYR D 214 18.48 0.24 18.44
CA TYR D 214 17.90 1.10 17.42
C TYR D 214 16.87 2.05 18.01
N PHE D 215 15.99 1.54 18.86
CA PHE D 215 14.97 2.40 19.44
C PHE D 215 15.58 3.38 20.43
N VAL D 216 16.69 3.01 21.07
CA VAL D 216 17.36 3.92 21.98
C VAL D 216 17.94 5.09 21.22
N ILE D 217 18.67 4.82 20.14
CA ILE D 217 19.32 5.91 19.42
C ILE D 217 18.29 6.72 18.63
N GLN D 218 17.22 6.08 18.16
CA GLN D 218 16.29 6.73 17.25
C GLN D 218 15.15 7.42 17.95
N THR D 219 14.63 6.84 19.04
CA THR D 219 13.44 7.35 19.71
C THR D 219 13.73 7.87 21.11
N TYR D 220 14.29 7.05 22.00
CA TYR D 220 14.40 7.43 23.40
C TYR D 220 15.35 8.61 23.58
N LEU D 221 16.51 8.55 22.93
CA LEU D 221 17.50 9.60 23.14
C LEU D 221 17.03 10.96 22.64
N PRO D 222 16.50 11.10 21.42
CA PRO D 222 15.97 12.41 21.02
C PRO D 222 14.85 12.91 21.90
N CYS D 223 14.00 12.02 22.40
CA CYS D 223 12.94 12.46 23.32
C CYS D 223 13.52 12.99 24.62
N ILE D 224 14.52 12.28 25.17
CA ILE D 224 15.16 12.75 26.40
C ILE D 224 15.84 14.09 26.18
N MET D 225 16.51 14.25 25.04
CA MET D 225 17.18 15.50 24.75
C MET D 225 16.18 16.64 24.54
N THR D 226 15.03 16.35 23.93
CA THR D 226 13.99 17.37 23.80
C THR D 226 13.45 17.78 25.16
N VAL D 227 13.26 16.81 26.06
CA VAL D 227 12.82 17.14 27.41
C VAL D 227 13.86 18.01 28.12
N ILE D 228 15.14 17.68 27.94
CA ILE D 228 16.21 18.48 28.54
C ILE D 228 16.18 19.90 27.97
N LEU D 229 15.96 20.03 26.67
CA LEU D 229 15.87 21.36 26.07
C LEU D 229 14.68 22.13 26.63
N SER D 230 13.56 21.45 26.84
CA SER D 230 12.40 22.11 27.44
C SER D 230 12.72 22.61 28.84
N GLN D 231 13.46 21.81 29.62
CA GLN D 231 13.81 22.21 30.97
C GLN D 231 14.91 23.27 30.99
N VAL D 232 15.69 23.39 29.91
CA VAL D 232 16.71 24.41 29.84
C VAL D 232 16.12 25.81 29.87
N SER D 233 14.85 25.97 29.46
CA SER D 233 14.22 27.27 29.46
C SER D 233 14.12 27.89 30.85
N PHE D 234 14.16 27.09 31.91
CA PHE D 234 14.04 27.64 33.25
C PHE D 234 15.25 28.48 33.65
N TRP D 235 16.38 28.33 32.97
CA TRP D 235 17.60 29.01 33.36
C TRP D 235 17.75 30.38 32.70
N LEU D 236 16.80 30.82 31.91
CA LEU D 236 16.84 32.13 31.27
C LEU D 236 16.04 33.14 32.06
N ASN D 237 16.39 34.41 31.89
CA ASN D 237 15.71 35.48 32.61
C ASN D 237 14.25 35.53 32.21
N ARG D 238 13.41 35.87 33.18
CA ARG D 238 11.96 35.85 32.97
C ARG D 238 11.49 36.89 31.96
N GLU D 239 12.30 37.90 31.68
CA GLU D 239 11.88 38.96 30.77
C GLU D 239 11.96 38.57 29.30
N SER D 240 12.62 37.47 28.97
CA SER D 240 12.76 37.03 27.59
C SER D 240 11.52 36.23 27.20
N VAL D 241 10.39 36.94 27.17
CA VAL D 241 9.10 36.29 26.95
C VAL D 241 9.02 35.62 25.58
N PRO D 242 9.36 36.29 24.46
CA PRO D 242 9.33 35.58 23.17
C PRO D 242 10.26 34.39 23.13
N ALA D 243 11.44 34.51 23.73
CA ALA D 243 12.41 33.41 23.71
C ALA D 243 11.87 32.17 24.42
N ARG D 244 11.33 32.35 25.62
CA ARG D 244 10.84 31.20 26.38
C ARG D 244 9.57 30.64 25.77
N THR D 245 8.72 31.49 25.21
CA THR D 245 7.58 31.00 24.45
C THR D 245 8.04 30.14 23.28
N VAL D 246 9.11 30.58 22.59
CA VAL D 246 9.59 29.87 21.43
C VAL D 246 10.15 28.51 21.83
N PHE D 247 10.97 28.45 22.90
CA PHE D 247 11.29 27.15 23.49
C PHE D 247 10.08 26.28 23.73
N GLY D 248 9.11 26.78 24.50
CA GLY D 248 8.00 25.93 24.90
C GLY D 248 7.27 25.35 23.71
N VAL D 249 6.84 26.22 22.79
CA VAL D 249 5.97 25.74 21.73
C VAL D 249 6.77 24.94 20.71
N THR D 250 8.01 25.33 20.41
CA THR D 250 8.76 24.56 19.43
C THR D 250 9.21 23.21 19.99
N THR D 251 9.45 23.11 21.29
CA THR D 251 9.71 21.81 21.89
C THR D 251 8.46 20.94 21.86
N VAL D 252 7.29 21.55 22.05
CA VAL D 252 6.05 20.80 21.90
C VAL D 252 5.93 20.27 20.48
N LEU D 253 6.22 21.10 19.49
CA LEU D 253 6.15 20.66 18.10
C LEU D 253 7.16 19.56 17.80
N THR D 254 8.37 19.70 18.34
CA THR D 254 9.39 18.68 18.14
C THR D 254 8.98 17.35 18.77
N MET D 255 8.40 17.40 19.97
CA MET D 255 7.93 16.17 20.60
C MET D 255 6.79 15.55 19.80
N THR D 256 5.93 16.39 19.22
CA THR D 256 4.86 15.86 18.37
C THR D 256 5.44 15.13 17.16
N THR D 257 6.44 15.73 16.51
CA THR D 257 7.07 15.10 15.36
C THR D 257 7.73 13.79 15.76
N LEU D 258 8.47 13.78 16.87
CA LEU D 258 9.12 12.56 17.32
C LEU D 258 8.11 11.48 17.66
N SER D 259 7.00 11.86 18.30
CA SER D 259 5.98 10.88 18.67
C SER D 259 5.37 10.25 17.43
N ILE D 260 5.02 11.09 16.44
CA ILE D 260 4.42 10.56 15.22
C ILE D 260 5.40 9.63 14.51
N SER D 261 6.67 10.03 14.41
CA SER D 261 7.65 9.19 13.74
C SER D 261 7.86 7.88 14.48
N ALA D 262 7.95 7.93 15.81
CA ALA D 262 8.20 6.71 16.58
C ALA D 262 7.02 5.75 16.45
N ARG D 263 5.80 6.28 16.42
CA ARG D 263 4.64 5.42 16.27
C ARG D 263 4.45 4.91 14.86
N ASN D 264 4.99 5.62 13.85
CA ASN D 264 4.78 5.20 12.46
C ASN D 264 5.41 3.83 12.20
N SER D 265 6.63 3.62 12.69
CA SER D 265 7.36 2.39 12.45
C SER D 265 7.14 1.42 13.61
N LEU D 266 5.89 0.96 13.71
CA LEU D 266 5.51 0.06 14.80
C LEU D 266 4.23 -0.62 14.34
N PRO D 267 4.02 -1.91 14.64
CA PRO D 267 2.78 -2.57 14.19
C PRO D 267 1.54 -1.88 14.75
N LYS D 268 0.51 -1.76 13.92
CA LYS D 268 -0.62 -0.93 14.24
C LYS D 268 -1.48 -1.58 15.30
N VAL D 269 -1.02 -1.56 16.55
CA VAL D 269 -1.75 -2.10 17.69
C VAL D 269 -2.49 -0.96 18.38
N ALA D 270 -3.72 -1.22 18.79
CA ALA D 270 -4.57 -0.19 19.38
C ALA D 270 -4.33 0.00 20.87
N TYR D 271 -3.53 -0.84 21.51
CA TYR D 271 -3.18 -0.67 22.92
C TYR D 271 -1.82 0.00 23.04
N ALA D 272 -1.57 0.56 24.22
CA ALA D 272 -0.38 1.36 24.45
C ALA D 272 0.79 0.49 24.86
N THR D 273 1.92 0.67 24.18
CA THR D 273 3.15 -0.06 24.49
C THR D 273 4.01 0.77 25.46
N ALA D 274 5.17 0.22 25.82
CA ALA D 274 6.05 0.92 26.74
C ALA D 274 6.58 2.21 26.12
N MET D 275 6.94 2.16 24.84
CA MET D 275 7.45 3.36 24.19
C MET D 275 6.38 4.43 24.10
N ASP D 276 5.13 4.03 23.93
CA ASP D 276 4.03 4.99 23.95
C ASP D 276 3.93 5.68 25.29
N TRP D 277 4.06 4.94 26.39
CA TRP D 277 4.02 5.56 27.71
C TRP D 277 5.19 6.50 27.92
N PHE D 278 6.39 6.11 27.46
CA PHE D 278 7.55 6.99 27.60
C PHE D 278 7.33 8.28 26.84
N ILE D 279 6.83 8.19 25.60
CA ILE D 279 6.62 9.39 24.80
C ILE D 279 5.51 10.24 25.41
N ALA D 280 4.47 9.62 25.96
CA ALA D 280 3.41 10.38 26.59
C ALA D 280 3.92 11.15 27.80
N VAL D 281 4.74 10.51 28.63
CA VAL D 281 5.27 11.19 29.80
C VAL D 281 6.20 12.32 29.38
N CYS D 282 7.02 12.10 28.36
CA CYS D 282 7.89 13.18 27.89
C CYS D 282 7.07 14.35 27.34
N TYR D 283 6.00 14.05 26.61
CA TYR D 283 5.15 15.09 26.08
C TYR D 283 4.50 15.89 27.21
N ALA D 284 4.06 15.19 28.26
CA ALA D 284 3.49 15.87 29.42
C ALA D 284 4.53 16.74 30.10
N PHE D 285 5.78 16.27 30.18
CA PHE D 285 6.83 17.09 30.79
C PHE D 285 7.06 18.36 30.01
N VAL D 286 7.09 18.28 28.68
CA VAL D 286 7.30 19.46 27.87
C VAL D 286 6.13 20.44 28.02
N PHE D 287 4.90 19.91 28.00
CA PHE D 287 3.73 20.75 28.21
C PHE D 287 3.79 21.44 29.57
N SER D 288 4.22 20.71 30.60
CA SER D 288 4.33 21.27 31.93
C SER D 288 5.37 22.36 31.99
N ALA D 289 6.48 22.20 31.27
CA ALA D 289 7.49 23.26 31.25
C ALA D 289 6.93 24.54 30.63
N LEU D 290 6.17 24.40 29.54
CA LEU D 290 5.56 25.59 28.96
C LEU D 290 4.55 26.24 29.92
N ILE D 291 3.76 25.42 30.61
CA ILE D 291 2.80 25.98 31.57
C ILE D 291 3.53 26.66 32.72
N GLU D 292 4.67 26.11 33.13
CA GLU D 292 5.47 26.72 34.17
C GLU D 292 5.96 28.10 33.73
N PHE D 293 6.40 28.21 32.47
CA PHE D 293 6.80 29.54 32.00
C PHE D 293 5.62 30.50 32.00
N ALA D 294 4.44 30.02 31.61
CA ALA D 294 3.27 30.89 31.63
C ALA D 294 2.99 31.40 33.03
N THR D 295 3.06 30.52 34.03
CA THR D 295 2.85 30.93 35.41
C THR D 295 3.91 31.93 35.85
N VAL D 296 5.17 31.71 35.46
CA VAL D 296 6.23 32.64 35.83
C VAL D 296 5.98 34.01 35.21
N ASN D 297 5.63 34.03 33.93
CA ASN D 297 5.43 35.30 33.23
C ASN D 297 4.23 36.06 33.76
N TYR D 298 3.24 35.35 34.29
CA TYR D 298 2.08 36.04 34.86
C TYR D 298 2.49 36.96 36.01
N PHE D 299 3.55 36.60 36.74
CA PHE D 299 4.02 37.37 37.87
C PHE D 299 5.17 38.32 37.55
N THR D 300 5.64 38.35 36.31
CA THR D 300 6.67 39.31 35.93
C THR D 300 6.09 40.72 35.97
N LYS D 301 6.80 41.63 36.63
CA LYS D 301 6.31 42.99 36.83
C LYS D 301 6.85 43.94 35.76
N ARG D 302 8.17 44.06 35.66
CA ARG D 302 8.79 45.02 34.76
C ARG D 302 9.06 44.37 33.40
N GLY D 303 8.88 45.16 32.35
CA GLY D 303 9.11 44.69 31.00
C GLY D 303 10.55 44.73 30.52
N TYR D 304 11.48 45.21 31.33
CA TYR D 304 12.88 45.33 30.94
C TYR D 304 13.73 44.41 31.81
N ALA D 305 14.71 43.77 31.17
CA ALA D 305 15.62 42.88 31.88
C ALA D 305 16.72 43.69 32.56
N TRP D 306 17.60 42.99 33.28
CA TRP D 306 18.71 43.66 33.94
C TRP D 306 19.70 44.19 32.90
N ASP D 307 20.18 45.41 33.15
CA ASP D 307 21.05 46.09 32.20
C ASP D 307 22.53 45.73 32.35
N GLY D 308 22.89 44.99 33.38
CA GLY D 308 24.28 44.60 33.59
C GLY D 308 25.09 45.55 34.44
N LYS D 309 25.12 46.84 34.06
CA LYS D 309 25.91 47.81 34.79
C LYS D 309 25.25 48.21 36.12
N SER D 310 23.93 48.38 36.12
CA SER D 310 23.26 48.83 37.34
C SER D 310 23.28 47.74 38.41
N VAL D 311 23.38 48.17 39.66
CA VAL D 311 23.44 47.26 40.80
C VAL D 311 22.02 46.90 41.22
N VAL D 312 21.81 45.64 41.59
CA VAL D 312 20.51 45.13 41.98
C VAL D 312 20.45 45.09 43.49
N PRO D 313 19.71 45.99 44.17
CA PRO D 313 19.64 45.89 45.64
C PRO D 313 18.80 44.70 46.08
N GLU D 314 19.45 43.68 46.63
CA GLU D 314 18.74 42.48 47.05
C GLU D 314 17.76 42.81 48.17
N LYS D 315 16.52 42.35 48.03
CA LYS D 315 15.48 42.62 49.02
C LYS D 315 15.47 41.56 50.12
N LYS D 372 17.76 51.30 34.87
CA LYS D 372 16.62 51.69 35.68
C LYS D 372 16.89 51.40 37.14
N LYS D 373 16.07 51.98 38.03
CA LYS D 373 16.33 51.85 39.46
C LYS D 373 16.07 50.43 39.94
N THR D 374 14.92 49.85 39.58
CA THR D 374 14.47 48.56 40.07
C THR D 374 14.47 47.52 38.97
N PHE D 375 14.67 46.26 39.36
CA PHE D 375 14.68 45.14 38.44
C PHE D 375 13.89 43.99 39.06
N ASN D 376 13.39 43.11 38.21
CA ASN D 376 12.65 41.95 38.69
C ASN D 376 13.62 40.94 39.32
N SER D 377 13.16 40.32 40.41
CA SER D 377 13.94 39.27 41.03
C SER D 377 13.87 37.99 40.20
N VAL D 378 14.82 37.09 40.43
CA VAL D 378 14.76 35.77 39.83
C VAL D 378 13.56 35.03 40.39
N SER D 379 12.75 34.45 39.51
CA SER D 379 11.50 33.85 39.94
C SER D 379 11.75 32.64 40.83
N LYS D 380 11.16 32.65 42.01
CA LYS D 380 11.24 31.48 42.88
C LYS D 380 10.56 30.27 42.24
N ILE D 381 9.58 30.50 41.37
CA ILE D 381 9.01 29.40 40.61
C ILE D 381 10.06 28.77 39.71
N ASP D 382 10.86 29.61 39.05
CA ASP D 382 11.95 29.08 38.22
C ASP D 382 12.96 28.33 39.07
N ARG D 383 13.32 28.88 40.23
CA ARG D 383 14.30 28.23 41.08
C ARG D 383 13.80 26.87 41.55
N LEU D 384 12.52 26.78 41.90
CA LEU D 384 11.96 25.50 42.31
C LEU D 384 11.87 24.54 41.14
N SER D 385 11.48 25.03 39.96
CA SER D 385 11.34 24.16 38.80
C SER D 385 12.69 23.60 38.36
N ARG D 386 13.76 24.39 38.50
CA ARG D 386 15.09 23.92 38.11
C ARG D 386 15.48 22.65 38.84
N ILE D 387 14.98 22.46 40.06
CA ILE D 387 15.22 21.22 40.80
C ILE D 387 14.12 20.21 40.55
N ALA D 388 12.86 20.66 40.53
CA ALA D 388 11.74 19.73 40.48
C ALA D 388 11.68 18.98 39.16
N PHE D 389 11.77 19.70 38.04
CA PHE D 389 11.59 19.06 36.74
C PHE D 389 12.67 18.04 36.43
N PRO D 390 13.97 18.36 36.51
CA PRO D 390 14.98 17.31 36.26
C PRO D 390 14.90 16.15 37.23
N LEU D 391 14.59 16.43 38.50
CA LEU D 391 14.49 15.35 39.48
C LEU D 391 13.32 14.42 39.14
N LEU D 392 12.17 14.99 38.81
CA LEU D 392 11.02 14.18 38.46
C LEU D 392 11.29 13.35 37.22
N PHE D 393 11.89 13.96 36.20
CA PHE D 393 12.20 13.21 34.98
C PHE D 393 13.22 12.11 35.26
N GLY D 394 14.20 12.39 36.12
CA GLY D 394 15.19 11.37 36.45
C GLY D 394 14.58 10.18 37.16
N ILE D 395 13.72 10.43 38.15
CA ILE D 395 13.13 9.30 38.87
C ILE D 395 12.17 8.55 37.95
N PHE D 396 11.47 9.26 37.06
CA PHE D 396 10.62 8.57 36.10
C PHE D 396 11.44 7.64 35.22
N ASN D 397 12.59 8.12 34.75
CA ASN D 397 13.45 7.28 33.93
C ASN D 397 13.96 6.09 34.72
N LEU D 398 14.34 6.30 35.97
CA LEU D 398 14.84 5.21 36.80
C LEU D 398 13.79 4.12 36.96
N VAL D 399 12.57 4.51 37.34
CA VAL D 399 11.52 3.50 37.55
C VAL D 399 11.14 2.85 36.23
N TYR D 400 11.09 3.62 35.14
CA TYR D 400 10.71 3.06 33.85
C TYR D 400 11.71 2.01 33.39
N TRP D 401 13.00 2.35 33.41
CA TRP D 401 14.01 1.43 32.93
C TRP D 401 14.21 0.26 33.88
N ALA D 402 14.01 0.47 35.18
CA ALA D 402 14.05 -0.66 36.10
C ALA D 402 12.87 -1.59 35.90
N THR D 403 11.71 -1.04 35.56
CA THR D 403 10.53 -1.87 35.35
C THR D 403 10.67 -2.71 34.10
N TYR D 404 11.08 -2.09 32.98
CA TYR D 404 10.99 -2.77 31.70
C TYR D 404 12.24 -3.58 31.36
N LEU D 405 13.40 -3.20 31.85
CA LEU D 405 14.61 -3.99 31.63
C LEU D 405 14.70 -5.12 32.65
N MET E 1 13.14 -36.49 -43.10
CA MET E 1 12.68 -36.11 -41.77
C MET E 1 12.18 -37.33 -41.01
N SER E 2 11.63 -38.31 -41.74
CA SER E 2 11.17 -39.53 -41.09
C SER E 2 12.34 -40.31 -40.49
N PHE E 3 13.54 -40.16 -41.06
CA PHE E 3 14.72 -40.77 -40.45
C PHE E 3 14.95 -40.20 -39.06
N VAL E 4 14.84 -38.88 -38.91
CA VAL E 4 14.97 -38.27 -37.59
C VAL E 4 13.88 -38.76 -36.66
N LYS E 5 12.66 -38.91 -37.19
CA LYS E 5 11.54 -39.35 -36.36
C LYS E 5 11.78 -40.75 -35.82
N GLU E 6 12.20 -41.67 -36.69
CA GLU E 6 12.44 -43.04 -36.21
C GLU E 6 13.63 -43.09 -35.27
N THR E 7 14.67 -42.27 -35.53
CA THR E 7 15.80 -42.22 -34.61
C THR E 7 15.36 -41.76 -33.23
N VAL E 8 14.54 -40.72 -33.17
CA VAL E 8 14.06 -40.22 -31.89
C VAL E 8 13.20 -41.28 -31.19
N ASP E 9 12.34 -41.96 -31.95
CA ASP E 9 11.49 -42.99 -31.36
C ASP E 9 12.34 -44.12 -30.79
N LYS E 10 13.40 -44.52 -31.49
CA LYS E 10 14.30 -45.52 -30.95
C LYS E 10 14.96 -45.03 -29.67
N LEU E 11 15.42 -43.78 -29.65
CA LEU E 11 16.12 -43.28 -28.47
C LEU E 11 15.21 -43.27 -27.25
N LEU E 12 13.98 -42.79 -27.41
CA LEU E 12 13.08 -42.70 -26.26
C LEU E 12 12.49 -44.05 -25.88
N LYS E 13 12.19 -44.90 -26.86
CA LYS E 13 11.60 -46.20 -26.56
C LYS E 13 12.58 -47.07 -25.79
N GLY E 14 12.08 -47.72 -24.74
CA GLY E 14 12.94 -48.50 -23.88
C GLY E 14 13.92 -47.66 -23.07
N TYR E 15 13.49 -46.49 -22.63
CA TYR E 15 14.30 -45.56 -21.85
C TYR E 15 13.74 -45.47 -20.45
N ASP E 16 14.58 -45.73 -19.45
CA ASP E 16 14.17 -45.70 -18.05
C ASP E 16 14.57 -44.36 -17.44
N ILE E 17 13.59 -43.51 -17.16
CA ILE E 17 13.87 -42.19 -16.60
C ILE E 17 14.47 -42.31 -15.20
N ARG E 18 14.16 -43.40 -14.49
CA ARG E 18 14.57 -43.50 -13.10
C ARG E 18 16.07 -43.69 -12.93
N LEU E 19 16.77 -44.24 -13.93
CA LEU E 19 18.18 -44.54 -13.83
C LEU E 19 19.00 -43.41 -14.45
N ARG E 20 20.00 -42.95 -13.71
CA ARG E 20 20.89 -41.92 -14.22
C ARG E 20 21.81 -42.51 -15.29
N PRO E 21 22.45 -41.67 -16.10
CA PRO E 21 23.49 -42.19 -16.99
C PRO E 21 24.61 -42.83 -16.19
N ASP E 22 25.10 -43.97 -16.68
CA ASP E 22 26.08 -44.77 -15.97
C ASP E 22 25.59 -45.07 -14.55
N PHE E 23 24.42 -45.71 -14.47
CA PHE E 23 23.75 -45.85 -13.19
C PHE E 23 24.59 -46.70 -12.23
N GLY E 24 25.19 -47.78 -12.74
CA GLY E 24 26.14 -48.57 -11.97
C GLY E 24 27.58 -48.18 -12.16
N GLY E 25 27.88 -47.33 -13.13
CA GLY E 25 29.23 -46.99 -13.48
C GLY E 25 29.75 -45.80 -12.69
N PRO E 26 30.75 -45.10 -13.23
CA PRO E 26 31.27 -43.92 -12.54
C PRO E 26 30.19 -42.84 -12.44
N PRO E 27 30.39 -41.83 -11.60
CA PRO E 27 29.39 -40.77 -11.50
C PRO E 27 29.28 -39.96 -12.78
N VAL E 28 28.07 -39.48 -13.04
CA VAL E 28 27.84 -38.61 -14.19
C VAL E 28 28.33 -37.21 -13.87
N CYS E 29 29.08 -36.63 -14.80
CA CYS E 29 29.71 -35.33 -14.61
C CYS E 29 28.84 -34.28 -15.29
N VAL E 30 28.33 -33.32 -14.50
CA VAL E 30 27.39 -32.32 -14.98
C VAL E 30 28.08 -30.97 -14.98
N GLY E 31 28.21 -30.37 -16.16
CA GLY E 31 28.70 -29.01 -16.27
C GLY E 31 27.54 -28.02 -16.23
N MET E 32 27.82 -26.81 -15.77
CA MET E 32 26.80 -25.80 -15.60
C MET E 32 27.25 -24.46 -16.17
N ASN E 33 26.29 -23.75 -16.74
CA ASN E 33 26.48 -22.41 -17.29
C ASN E 33 25.34 -21.53 -16.80
N ILE E 34 25.64 -20.25 -16.59
CA ILE E 34 24.63 -19.26 -16.22
C ILE E 34 24.85 -18.04 -17.09
N ASP E 35 23.76 -17.49 -17.63
CA ASP E 35 23.76 -16.20 -18.30
C ASP E 35 22.82 -15.28 -17.53
N ILE E 36 23.38 -14.29 -16.85
CA ILE E 36 22.60 -13.44 -15.97
C ILE E 36 21.84 -12.44 -16.84
N ALA E 37 20.52 -12.63 -16.94
CA ALA E 37 19.72 -11.69 -17.72
C ALA E 37 19.58 -10.36 -17.01
N SER E 38 19.32 -10.40 -15.70
CA SER E 38 19.16 -9.18 -14.93
C SER E 38 19.11 -9.54 -13.45
N ILE E 39 19.68 -8.66 -12.62
CA ILE E 39 19.49 -8.69 -11.17
C ILE E 39 18.53 -7.56 -10.86
N ASP E 40 17.30 -7.92 -10.49
CA ASP E 40 16.20 -6.96 -10.51
C ASP E 40 16.15 -6.08 -9.26
N MET E 41 16.07 -6.70 -8.08
CA MET E 41 15.63 -5.99 -6.88
C MET E 41 16.42 -6.54 -5.68
N VAL E 42 17.39 -5.75 -5.21
CA VAL E 42 18.20 -6.09 -4.06
C VAL E 42 17.56 -5.42 -2.84
N SER E 43 17.07 -6.22 -1.91
CA SER E 43 16.32 -5.73 -0.75
C SER E 43 17.22 -5.78 0.48
N GLU E 44 17.38 -4.63 1.14
CA GLU E 44 18.03 -4.58 2.43
C GLU E 44 17.07 -4.82 3.58
N VAL E 45 15.77 -4.86 3.32
CA VAL E 45 14.79 -5.19 4.36
C VAL E 45 14.58 -6.70 4.44
N ASN E 46 14.42 -7.34 3.30
CA ASN E 46 14.08 -8.75 3.23
C ASN E 46 15.31 -9.67 3.15
N MET E 47 16.52 -9.11 3.07
CA MET E 47 17.74 -9.91 3.02
C MET E 47 17.72 -10.87 1.83
N ASP E 48 17.44 -10.33 0.64
CA ASP E 48 17.45 -11.15 -0.55
C ASP E 48 17.59 -10.26 -1.78
N TYR E 49 17.90 -10.91 -2.90
CA TYR E 49 18.00 -10.27 -4.20
C TYR E 49 17.33 -11.15 -5.24
N THR E 50 16.71 -10.51 -6.22
CA THR E 50 16.05 -11.21 -7.31
C THR E 50 17.00 -11.29 -8.50
N LEU E 51 17.01 -12.45 -9.16
CA LEU E 51 17.97 -12.75 -10.21
C LEU E 51 17.29 -13.56 -11.29
N THR E 52 17.30 -13.05 -12.51
CA THR E 52 16.83 -13.78 -13.69
C THR E 52 18.03 -14.28 -14.47
N MET E 53 17.96 -15.54 -14.90
CA MET E 53 19.12 -16.18 -15.51
C MET E 53 18.68 -17.25 -16.48
N TYR E 54 19.52 -17.49 -17.48
CA TYR E 54 19.46 -18.70 -18.30
C TYR E 54 20.43 -19.70 -17.68
N PHE E 55 19.89 -20.78 -17.13
CA PHE E 55 20.63 -21.79 -16.40
C PHE E 55 20.71 -23.03 -17.28
N GLN E 56 21.92 -23.38 -17.72
CA GLN E 56 22.16 -24.51 -18.61
C GLN E 56 22.95 -25.59 -17.89
N GLN E 57 22.60 -26.84 -18.17
CA GLN E 57 23.28 -28.01 -17.62
C GLN E 57 23.63 -28.95 -18.75
N TYR E 58 24.89 -29.40 -18.78
CA TYR E 58 25.41 -30.29 -19.81
CA TYR E 58 25.41 -30.29 -19.81
C TYR E 58 25.81 -31.61 -19.16
N TRP E 59 25.41 -32.72 -19.77
CA TRP E 59 25.87 -34.00 -19.24
C TRP E 59 25.82 -35.05 -20.33
N ARG E 60 26.75 -36.00 -20.26
CA ARG E 60 26.80 -37.09 -21.22
C ARG E 60 25.81 -38.18 -20.83
N ASP E 61 25.10 -38.72 -21.82
CA ASP E 61 24.19 -39.84 -21.63
C ASP E 61 24.33 -40.76 -22.82
N LYS E 62 24.97 -41.91 -22.62
CA LYS E 62 25.20 -42.83 -23.72
C LYS E 62 23.89 -43.41 -24.26
N ARG E 63 22.85 -43.49 -23.41
CA ARG E 63 21.58 -44.05 -23.85
C ARG E 63 20.97 -43.22 -24.98
N LEU E 64 21.24 -41.92 -25.02
CA LEU E 64 20.67 -41.02 -26.01
C LEU E 64 21.61 -40.75 -27.19
N ALA E 65 22.72 -41.49 -27.30
CA ALA E 65 23.61 -41.31 -28.43
C ALA E 65 22.92 -41.78 -29.71
N TYR E 66 23.12 -41.02 -30.78
CA TYR E 66 22.56 -41.35 -32.08
C TYR E 66 23.61 -41.07 -33.16
N SER E 67 23.45 -41.75 -34.30
CA SER E 67 24.38 -41.66 -35.41
C SER E 67 23.62 -41.48 -36.70
N GLY E 68 24.34 -41.02 -37.73
CA GLY E 68 23.77 -40.82 -39.05
C GLY E 68 23.03 -39.52 -39.25
N ILE E 69 22.94 -38.68 -38.23
CA ILE E 69 22.24 -37.39 -38.30
C ILE E 69 23.26 -36.31 -37.91
N PRO E 70 23.90 -35.61 -38.86
CA PRO E 70 25.02 -34.74 -38.48
C PRO E 70 24.64 -33.50 -37.68
N LEU E 71 23.34 -33.24 -37.50
CA LEU E 71 22.87 -32.04 -36.84
C LEU E 71 22.55 -32.31 -35.37
N ASN E 72 22.47 -31.23 -34.60
CA ASN E 72 22.14 -31.30 -33.18
C ASN E 72 20.64 -31.23 -33.00
N LEU E 73 20.05 -32.28 -32.43
CA LEU E 73 18.61 -32.40 -32.32
C LEU E 73 18.10 -31.56 -31.16
N THR E 74 17.73 -30.32 -31.44
CA THR E 74 16.95 -29.55 -30.48
C THR E 74 15.50 -29.97 -30.60
N LEU E 75 14.93 -30.40 -29.48
CA LEU E 75 13.60 -31.01 -29.46
C LEU E 75 12.61 -30.09 -28.74
N ASP E 76 11.33 -30.43 -28.89
CA ASP E 76 10.28 -29.74 -28.15
C ASP E 76 10.55 -29.88 -26.66
N ASN E 77 10.27 -28.82 -25.92
CA ASN E 77 10.67 -28.76 -24.52
C ASN E 77 9.99 -29.84 -23.69
N ARG E 78 8.81 -30.31 -24.10
CA ARG E 78 8.08 -31.30 -23.32
C ARG E 78 8.83 -32.61 -23.19
N VAL E 79 9.78 -32.90 -24.09
CA VAL E 79 10.57 -34.12 -23.99
C VAL E 79 11.44 -34.11 -22.75
N ALA E 80 11.65 -32.94 -22.14
CA ALA E 80 12.35 -32.89 -20.85
C ALA E 80 11.63 -33.73 -19.81
N ASP E 81 10.31 -33.87 -19.92
CA ASP E 81 9.57 -34.71 -18.98
C ASP E 81 9.91 -36.18 -19.14
N GLN E 82 10.44 -36.60 -20.29
CA GLN E 82 10.71 -38.01 -20.56
C GLN E 82 12.15 -38.43 -20.27
N LEU E 83 13.09 -37.50 -20.25
CA LEU E 83 14.50 -37.80 -20.04
C LEU E 83 14.88 -37.60 -18.57
N TRP E 84 15.93 -38.31 -18.16
CA TRP E 84 16.53 -38.06 -16.86
C TRP E 84 17.27 -36.74 -16.88
N VAL E 85 17.06 -35.94 -15.84
CA VAL E 85 17.79 -34.69 -15.64
C VAL E 85 18.28 -34.64 -14.20
N PRO E 86 19.33 -33.86 -13.93
CA PRO E 86 19.86 -33.82 -12.57
C PRO E 86 18.86 -33.22 -11.60
N ASP E 87 19.09 -33.50 -10.32
CA ASP E 87 18.26 -32.98 -9.24
C ASP E 87 18.81 -31.66 -8.68
N THR E 88 19.40 -30.84 -9.55
CA THR E 88 19.96 -29.57 -9.16
C THR E 88 18.92 -28.67 -8.50
N TYR E 89 19.32 -27.99 -7.43
CA TYR E 89 18.45 -27.04 -6.75
C TYR E 89 19.31 -25.96 -6.13
N PHE E 90 18.67 -24.83 -5.83
CA PHE E 90 19.34 -23.68 -5.25
C PHE E 90 19.08 -23.68 -3.76
N LEU E 91 20.14 -23.84 -2.97
CA LEU E 91 19.97 -24.04 -1.53
C LEU E 91 19.39 -22.80 -0.87
N ASN E 92 19.80 -21.62 -1.29
CA ASN E 92 19.44 -20.38 -0.63
C ASN E 92 18.30 -19.62 -1.30
N ASP E 93 17.57 -20.26 -2.21
CA ASP E 93 16.42 -19.59 -2.82
C ASP E 93 15.24 -19.56 -1.86
N LYS E 94 14.40 -18.55 -2.05
CA LYS E 94 13.16 -18.38 -1.30
C LYS E 94 11.93 -18.50 -2.17
N LYS E 95 12.00 -18.05 -3.41
CA LYS E 95 10.89 -18.12 -4.34
C LYS E 95 11.44 -18.12 -5.75
N SER E 96 11.22 -19.20 -6.49
CA SER E 96 11.75 -19.35 -7.83
C SER E 96 10.66 -19.89 -8.74
N PHE E 97 10.78 -19.58 -10.03
CA PHE E 97 9.84 -20.09 -11.01
C PHE E 97 10.49 -20.06 -12.39
N VAL E 98 10.11 -21.03 -13.21
CA VAL E 98 10.48 -21.05 -14.63
C VAL E 98 9.43 -20.25 -15.38
N HIS E 99 9.89 -19.33 -16.23
CA HIS E 99 8.98 -18.52 -17.01
C HIS E 99 8.17 -19.40 -17.96
N GLY E 100 6.91 -19.03 -18.16
CA GLY E 100 5.97 -19.88 -18.87
C GLY E 100 5.13 -19.19 -19.94
N VAL E 101 5.71 -18.20 -20.63
CA VAL E 101 5.06 -17.51 -21.73
C VAL E 101 6.07 -17.38 -22.86
N THR E 102 5.70 -17.68 -24.11
CA THR E 102 4.40 -18.23 -24.54
C THR E 102 4.26 -19.69 -24.14
N VAL E 103 5.39 -20.37 -23.95
CA VAL E 103 5.44 -21.73 -23.46
C VAL E 103 6.47 -21.78 -22.34
N LYS E 104 6.58 -22.94 -21.69
CA LYS E 104 7.59 -23.13 -20.67
C LYS E 104 8.97 -22.95 -21.27
N ASN E 105 9.71 -21.96 -20.79
CA ASN E 105 11.02 -21.66 -21.37
C ASN E 105 12.03 -22.70 -20.95
N ARG E 106 11.91 -23.89 -21.53
CA ARG E 106 12.84 -25.00 -21.38
C ARG E 106 13.49 -25.28 -22.73
N MET E 107 14.61 -25.99 -22.67
CA MET E 107 15.33 -26.35 -23.89
C MET E 107 16.00 -27.70 -23.65
N ILE E 108 15.73 -28.66 -24.52
CA ILE E 108 16.43 -29.93 -24.56
C ILE E 108 17.09 -30.01 -25.92
N ARG E 109 18.41 -30.18 -25.92
CA ARG E 109 19.19 -30.33 -27.14
C ARG E 109 20.09 -31.54 -27.00
N LEU E 110 19.83 -32.56 -27.80
CA LEU E 110 20.62 -33.78 -27.83
C LEU E 110 21.70 -33.64 -28.90
N HIS E 111 22.92 -34.02 -28.56
CA HIS E 111 24.03 -34.02 -29.48
C HIS E 111 24.36 -35.46 -29.90
N PRO E 112 24.94 -35.67 -31.08
CA PRO E 112 25.14 -37.06 -31.56
C PRO E 112 25.98 -37.92 -30.63
N ASP E 113 26.99 -37.34 -29.99
CA ASP E 113 27.86 -38.11 -29.10
C ASP E 113 27.15 -38.57 -27.83
N GLY E 114 25.94 -38.07 -27.56
CA GLY E 114 25.19 -38.41 -26.37
C GLY E 114 25.07 -37.28 -25.39
N THR E 115 25.78 -36.18 -25.59
CA THR E 115 25.67 -35.04 -24.70
C THR E 115 24.27 -34.46 -24.76
N VAL E 116 23.75 -34.07 -23.59
CA VAL E 116 22.43 -33.48 -23.44
C VAL E 116 22.62 -32.11 -22.82
N LEU E 117 22.05 -31.10 -23.47
CA LEU E 117 21.98 -29.74 -22.95
C LEU E 117 20.56 -29.45 -22.50
N TYR E 118 20.42 -29.06 -21.23
CA TYR E 118 19.14 -28.79 -20.59
C TYR E 118 19.17 -27.35 -20.10
N GLY E 119 18.39 -26.49 -20.75
CA GLY E 119 18.38 -25.07 -20.45
C GLY E 119 17.04 -24.66 -19.85
N LEU E 120 17.10 -23.75 -18.87
CA LEU E 120 15.92 -23.19 -18.23
C LEU E 120 16.10 -21.69 -18.11
N ARG E 121 14.98 -20.96 -18.08
CA ARG E 121 14.99 -19.53 -17.81
C ARG E 121 14.29 -19.31 -16.48
N ILE E 122 15.07 -18.96 -15.46
CA ILE E 122 14.61 -18.99 -14.08
C ILE E 122 14.76 -17.59 -13.49
N THR E 123 13.71 -17.10 -12.86
CA THR E 123 13.79 -15.94 -11.99
C THR E 123 13.64 -16.43 -10.56
N THR E 124 14.66 -16.17 -9.74
CA THR E 124 14.73 -16.66 -8.38
C THR E 124 15.08 -15.52 -7.44
N THR E 125 14.35 -15.44 -6.33
CA THR E 125 14.75 -14.60 -5.21
C THR E 125 15.62 -15.44 -4.29
N ALA E 126 16.82 -14.96 -3.99
CA ALA E 126 17.81 -15.69 -3.22
C ALA E 126 18.18 -14.89 -1.99
N ALA E 127 18.25 -15.57 -0.85
CA ALA E 127 18.62 -14.90 0.39
C ALA E 127 20.06 -14.43 0.35
N CYS E 128 20.30 -13.25 0.90
CA CYS E 128 21.64 -12.67 1.01
C CYS E 128 21.72 -11.98 2.37
N MET E 129 22.39 -12.62 3.32
CA MET E 129 22.56 -12.03 4.63
C MET E 129 23.45 -10.81 4.53
N MET E 130 22.90 -9.63 4.84
CA MET E 130 23.58 -8.36 4.67
C MET E 130 23.98 -7.79 6.02
N ASP E 131 25.23 -7.33 6.12
CA ASP E 131 25.73 -6.64 7.30
C ASP E 131 25.70 -5.15 7.01
N LEU E 132 24.64 -4.49 7.46
CA LEU E 132 24.38 -3.09 7.14
C LEU E 132 24.85 -2.14 8.23
N ARG E 133 25.80 -2.57 9.06
CA ARG E 133 26.29 -1.70 10.12
C ARG E 133 27.04 -0.49 9.57
N ARG E 134 27.74 -0.66 8.46
CA ARG E 134 28.45 0.43 7.79
C ARG E 134 27.59 1.11 6.73
N TYR E 135 26.28 0.88 6.75
CA TYR E 135 25.41 1.44 5.73
C TYR E 135 25.41 2.97 5.82
N PRO E 136 25.45 3.69 4.69
CA PRO E 136 25.50 3.31 3.27
C PRO E 136 26.91 3.11 2.73
N LEU E 137 27.92 3.20 3.57
CA LEU E 137 29.31 2.96 3.15
C LEU E 137 29.69 1.49 3.36
N ASP E 138 28.88 0.60 2.77
CA ASP E 138 28.97 -0.83 3.02
C ASP E 138 29.10 -1.61 1.72
N GLU E 139 29.84 -2.71 1.79
CA GLU E 139 29.98 -3.67 0.71
C GLU E 139 29.24 -4.94 1.08
N GLN E 140 28.36 -5.39 0.22
CA GLN E 140 27.58 -6.60 0.43
C GLN E 140 28.14 -7.75 -0.41
N ASN E 141 27.78 -8.96 -0.02
CA ASN E 141 28.39 -10.18 -0.52
C ASN E 141 27.29 -11.22 -0.69
N CYS E 142 26.73 -11.31 -1.90
CA CYS E 142 25.54 -12.10 -2.15
C CYS E 142 25.89 -13.27 -3.07
N THR E 143 25.52 -14.47 -2.64
CA THR E 143 25.90 -15.71 -3.32
C THR E 143 24.67 -16.50 -3.72
N LEU E 144 24.85 -17.32 -4.75
CA LEU E 144 23.89 -18.32 -5.18
C LEU E 144 24.57 -19.68 -5.08
N GLU E 145 24.00 -20.57 -4.28
CA GLU E 145 24.54 -21.90 -4.03
C GLU E 145 23.72 -22.92 -4.82
N ILE E 146 24.42 -23.83 -5.48
CA ILE E 146 23.80 -24.84 -6.35
C ILE E 146 24.24 -26.20 -5.83
N GLU E 147 23.27 -27.05 -5.52
CA GLU E 147 23.54 -28.34 -4.90
C GLU E 147 22.68 -29.41 -5.56
N SER E 148 23.03 -30.66 -5.30
CA SER E 148 22.23 -31.81 -5.70
C SER E 148 21.43 -32.30 -4.50
N TYR E 149 20.14 -32.55 -4.71
CA TYR E 149 19.27 -32.87 -3.57
C TYR E 149 19.60 -34.24 -2.99
N GLY E 150 19.71 -35.26 -3.83
CA GLY E 150 19.77 -36.63 -3.36
C GLY E 150 20.85 -37.48 -4.02
N TYR E 151 21.98 -36.87 -4.38
CA TYR E 151 23.10 -37.57 -4.96
C TYR E 151 24.38 -37.10 -4.29
N THR E 152 25.30 -38.03 -4.06
CA THR E 152 26.59 -37.73 -3.47
C THR E 152 27.65 -37.67 -4.56
N THR E 153 28.88 -37.34 -4.17
CA THR E 153 29.96 -37.20 -5.14
C THR E 153 30.31 -38.51 -5.83
N ASP E 154 29.92 -39.64 -5.25
CA ASP E 154 30.12 -40.93 -5.91
C ASP E 154 29.05 -41.23 -6.95
N ASP E 155 28.02 -40.38 -7.09
CA ASP E 155 26.99 -40.53 -8.10
C ASP E 155 26.89 -39.37 -9.07
N ILE E 156 27.36 -38.18 -8.69
CA ILE E 156 27.27 -37.01 -9.54
C ILE E 156 28.34 -36.03 -9.11
N GLU E 157 28.94 -35.35 -10.10
CA GLU E 157 29.86 -34.25 -9.83
C GLU E 157 29.44 -33.04 -10.64
N PHE E 158 29.59 -31.87 -10.03
CA PHE E 158 29.33 -30.60 -10.67
C PHE E 158 30.64 -29.93 -11.03
N TYR E 159 30.63 -29.15 -12.11
CA TYR E 159 31.76 -28.31 -12.46
C TYR E 159 31.24 -27.13 -13.27
N TRP E 160 32.03 -26.07 -13.31
CA TRP E 160 31.69 -24.87 -14.06
C TRP E 160 32.19 -25.06 -15.48
N ARG E 161 31.28 -25.26 -16.42
CA ARG E 161 31.67 -25.46 -17.81
C ARG E 161 32.24 -24.17 -18.37
N GLY E 162 33.43 -24.25 -18.96
CA GLY E 162 34.13 -23.07 -19.42
C GLY E 162 34.96 -22.39 -18.35
N GLY E 163 35.08 -22.97 -17.16
CA GLY E 163 35.90 -22.36 -16.14
C GLY E 163 35.33 -21.04 -15.66
N ASP E 164 36.21 -20.04 -15.54
CA ASP E 164 35.78 -18.74 -15.05
C ASP E 164 34.85 -18.02 -16.02
N LYS E 165 34.81 -18.44 -17.28
CA LYS E 165 33.87 -17.91 -18.25
C LYS E 165 32.52 -18.64 -18.21
N ALA E 166 32.28 -19.48 -17.21
CA ALA E 166 31.03 -20.21 -17.12
C ALA E 166 29.85 -19.26 -16.96
N VAL E 167 30.01 -18.23 -16.14
CA VAL E 167 28.96 -17.26 -15.85
C VAL E 167 29.22 -16.00 -16.67
N THR E 168 28.20 -15.56 -17.41
CA THR E 168 28.29 -14.40 -18.28
C THR E 168 27.13 -13.46 -17.99
N GLY E 169 27.27 -12.23 -18.47
CA GLY E 169 26.26 -11.21 -18.29
C GLY E 169 26.43 -10.35 -17.06
N VAL E 170 27.35 -10.70 -16.16
CA VAL E 170 27.54 -9.90 -14.96
C VAL E 170 28.12 -8.54 -15.32
N GLU E 171 29.02 -8.50 -16.31
CA GLU E 171 29.61 -7.25 -16.75
C GLU E 171 28.56 -6.28 -17.28
N ARG E 172 27.45 -6.79 -17.80
CA ARG E 172 26.40 -5.96 -18.38
C ARG E 172 25.35 -5.53 -17.37
N ILE E 173 25.57 -5.77 -16.08
CA ILE E 173 24.60 -5.44 -15.05
C ILE E 173 24.94 -4.07 -14.47
N GLU E 174 23.93 -3.22 -14.35
CA GLU E 174 24.03 -1.96 -13.63
C GLU E 174 22.81 -1.85 -12.73
N LEU E 175 23.00 -2.11 -11.44
CA LEU E 175 21.94 -1.96 -10.47
C LEU E 175 21.68 -0.49 -10.19
N PRO E 176 20.45 -0.11 -9.83
CA PRO E 176 20.19 1.31 -9.59
C PRO E 176 21.01 1.89 -8.46
N GLN E 177 21.29 1.11 -7.41
CA GLN E 177 21.90 1.61 -6.19
C GLN E 177 23.25 1.00 -5.89
N PHE E 178 23.57 -0.17 -6.42
CA PHE E 178 24.84 -0.85 -6.22
C PHE E 178 25.66 -0.85 -7.50
N SER E 179 26.91 -1.29 -7.37
CA SER E 179 27.78 -1.55 -8.52
C SER E 179 28.53 -2.84 -8.23
N ILE E 180 28.41 -3.81 -9.13
CA ILE E 180 29.02 -5.12 -8.91
C ILE E 180 30.54 -4.98 -9.05
N VAL E 181 31.25 -5.01 -7.93
CA VAL E 181 32.70 -4.86 -7.97
C VAL E 181 33.34 -6.08 -8.62
N GLU E 182 32.93 -7.27 -8.21
CA GLU E 182 33.58 -8.49 -8.66
C GLU E 182 32.57 -9.63 -8.54
N HIS E 183 32.78 -10.66 -9.35
CA HIS E 183 32.06 -11.91 -9.24
C HIS E 183 33.03 -13.06 -9.27
N ARG E 184 32.70 -14.12 -8.54
CA ARG E 184 33.59 -15.27 -8.36
C ARG E 184 32.78 -16.56 -8.46
N LEU E 185 33.46 -17.62 -8.86
CA LEU E 185 32.90 -18.96 -8.95
C LEU E 185 33.77 -19.92 -8.16
N VAL E 186 33.13 -20.83 -7.42
CA VAL E 186 33.87 -21.85 -6.70
C VAL E 186 33.09 -23.15 -6.72
N SER E 187 33.80 -24.25 -6.96
CA SER E 187 33.25 -25.60 -6.94
C SER E 187 33.90 -26.39 -5.82
N ARG E 188 33.10 -27.04 -4.99
CA ARG E 188 33.63 -27.76 -3.83
C ARG E 188 32.68 -28.86 -3.43
N ASN E 189 33.22 -29.84 -2.70
CA ASN E 189 32.46 -30.96 -2.17
C ASN E 189 32.24 -30.74 -0.68
N VAL E 190 30.98 -30.55 -0.29
CA VAL E 190 30.65 -30.44 1.13
C VAL E 190 30.72 -31.83 1.74
N VAL E 191 31.61 -32.02 2.70
CA VAL E 191 31.82 -33.33 3.32
C VAL E 191 30.84 -33.42 4.47
N PHE E 192 29.61 -33.79 4.14
CA PHE E 192 28.58 -34.06 5.12
C PHE E 192 28.80 -35.47 5.66
N ALA E 193 28.36 -35.70 6.90
CA ALA E 193 28.82 -36.86 7.67
C ALA E 193 28.46 -38.18 6.97
N THR E 194 27.24 -38.28 6.43
CA THR E 194 26.87 -39.48 5.68
C THR E 194 27.74 -39.64 4.43
N GLY E 195 27.97 -38.54 3.70
CA GLY E 195 28.78 -38.61 2.50
C GLY E 195 29.01 -37.21 1.96
N ALA E 196 29.85 -37.13 0.93
CA ALA E 196 30.21 -35.87 0.32
C ALA E 196 29.23 -35.52 -0.80
N TYR E 197 28.76 -34.28 -0.81
CA TYR E 197 27.81 -33.79 -1.81
C TYR E 197 28.41 -32.66 -2.63
N PRO E 198 28.22 -32.61 -3.94
CA PRO E 198 28.84 -31.55 -4.74
C PRO E 198 28.14 -30.23 -4.52
N ARG E 199 28.85 -29.15 -4.85
CA ARG E 199 28.29 -27.82 -4.70
C ARG E 199 29.04 -26.86 -5.61
N LEU E 200 28.28 -25.96 -6.22
CA LEU E 200 28.84 -24.81 -6.92
C LEU E 200 28.31 -23.56 -6.24
N SER E 201 29.08 -22.48 -6.34
CA SER E 201 28.69 -21.22 -5.73
C SER E 201 29.14 -20.07 -6.61
N LEU E 202 28.20 -19.17 -6.90
CA LEU E 202 28.43 -17.96 -7.67
C LEU E 202 28.24 -16.78 -6.74
N SER E 203 29.31 -16.05 -6.46
CA SER E 203 29.29 -14.93 -5.53
C SER E 203 29.43 -13.61 -6.28
N PHE E 204 28.73 -12.59 -5.80
CA PHE E 204 28.90 -11.21 -6.25
C PHE E 204 29.25 -10.36 -5.04
N ARG E 205 30.14 -9.39 -5.26
CA ARG E 205 30.47 -8.39 -4.26
C ARG E 205 29.92 -7.06 -4.75
N LEU E 206 28.83 -6.61 -4.12
CA LEU E 206 28.21 -5.34 -4.44
C LEU E 206 28.83 -4.23 -3.58
N LYS E 207 29.02 -3.07 -4.18
CA LYS E 207 29.46 -1.87 -3.47
C LYS E 207 28.42 -0.79 -3.67
N ARG E 208 27.92 -0.23 -2.57
CA ARG E 208 26.84 0.74 -2.65
C ARG E 208 27.35 2.09 -3.14
N ASN E 209 26.53 2.76 -3.92
CA ASN E 209 26.83 4.08 -4.45
C ASN E 209 26.22 5.14 -3.54
N ILE E 210 26.99 6.18 -3.25
CA ILE E 210 26.72 7.08 -2.13
C ILE E 210 26.26 8.48 -2.56
N GLY E 211 26.29 8.79 -3.86
CA GLY E 211 25.99 10.16 -4.28
C GLY E 211 24.62 10.62 -3.83
N TYR E 212 23.64 9.71 -3.86
CA TYR E 212 22.35 9.94 -3.23
C TYR E 212 22.51 10.42 -1.79
N PHE E 213 23.16 9.60 -0.97
CA PHE E 213 23.24 9.87 0.47
C PHE E 213 24.08 11.10 0.74
N ILE E 214 25.21 11.25 0.06
CA ILE E 214 26.05 12.43 0.26
C ILE E 214 25.28 13.69 -0.09
N LEU E 215 24.59 13.68 -1.23
CA LEU E 215 23.91 14.90 -1.65
C LEU E 215 22.69 15.20 -0.80
N GLN E 216 22.12 14.20 -0.13
CA GLN E 216 20.80 14.35 0.47
C GLN E 216 20.72 14.10 1.97
N THR E 217 21.49 13.15 2.50
CA THR E 217 21.44 12.85 3.93
C THR E 217 22.52 13.57 4.72
N TYR E 218 23.70 13.75 4.12
CA TYR E 218 24.83 14.38 4.79
C TYR E 218 24.86 15.89 4.58
N MET E 219 24.58 16.34 3.36
CA MET E 219 24.66 17.77 3.07
C MET E 219 23.68 18.59 3.90
N PRO E 220 22.39 18.26 4.00
CA PRO E 220 21.52 19.12 4.81
C PRO E 220 21.86 19.08 6.29
N SER E 221 22.28 17.92 6.81
CA SER E 221 22.66 17.86 8.21
C SER E 221 23.89 18.72 8.48
N ILE E 222 24.88 18.67 7.58
CA ILE E 222 26.06 19.50 7.75
C ILE E 222 25.69 20.98 7.68
N LEU E 223 24.81 21.34 6.73
CA LEU E 223 24.43 22.74 6.60
C LEU E 223 23.66 23.22 7.81
N ILE E 224 22.79 22.39 8.37
CA ILE E 224 22.02 22.80 9.54
C ILE E 224 22.93 22.92 10.76
N THR E 225 23.89 22.01 10.89
CA THR E 225 24.86 22.13 11.98
C THR E 225 25.68 23.40 11.84
N ILE E 226 26.04 23.76 10.61
CA ILE E 226 26.77 25.01 10.40
C ILE E 226 25.90 26.20 10.76
N LEU E 227 24.62 26.18 10.36
CA LEU E 227 23.73 27.29 10.67
C LEU E 227 23.53 27.45 12.16
N SER E 228 23.57 26.34 12.90
CA SER E 228 23.43 26.45 14.35
C SER E 228 24.55 27.26 14.99
N TRP E 229 25.70 27.37 14.33
CA TRP E 229 26.81 28.15 14.86
C TRP E 229 26.63 29.65 14.65
N VAL E 230 25.63 30.08 13.88
CA VAL E 230 25.41 31.51 13.67
C VAL E 230 25.07 32.20 14.98
N SER E 231 24.50 31.47 15.93
CA SER E 231 24.10 32.08 17.20
C SER E 231 25.29 32.67 17.95
N PHE E 232 26.48 32.12 17.75
CA PHE E 232 27.65 32.60 18.49
C PHE E 232 28.08 33.99 18.04
N TRP E 233 27.74 34.39 16.82
CA TRP E 233 28.07 35.70 16.30
C TRP E 233 26.98 36.74 16.55
N ILE E 234 25.90 36.37 17.23
CA ILE E 234 24.82 37.28 17.59
C ILE E 234 25.02 37.67 19.06
N ASN E 235 24.63 38.90 19.40
CA ASN E 235 24.81 39.40 20.76
C ASN E 235 24.05 38.55 21.76
N TYR E 236 24.56 38.52 22.99
CA TYR E 236 23.90 37.76 24.05
C TYR E 236 22.51 38.29 24.33
N ASP E 237 22.34 39.61 24.27
CA ASP E 237 21.06 40.20 24.65
C ASP E 237 19.95 39.86 23.66
N ALA E 238 20.31 39.56 22.41
CA ALA E 238 19.31 39.20 21.40
C ALA E 238 18.82 37.79 21.69
N SER E 239 17.94 37.69 22.68
CA SER E 239 17.49 36.38 23.13
C SER E 239 16.55 35.73 22.12
N ALA E 240 15.61 36.51 21.57
CA ALA E 240 14.63 35.94 20.67
C ALA E 240 15.30 35.37 19.43
N ALA E 241 16.25 36.09 18.84
CA ALA E 241 16.90 35.64 17.62
C ALA E 241 17.69 34.37 17.86
N ARG E 242 18.55 34.36 18.88
CA ARG E 242 19.40 33.20 19.13
C ARG E 242 18.56 31.99 19.50
N VAL E 243 17.53 32.19 20.32
CA VAL E 243 16.67 31.06 20.71
C VAL E 243 15.93 30.51 19.50
N ALA E 244 15.36 31.40 18.68
CA ALA E 244 14.62 30.93 17.51
C ALA E 244 15.53 30.16 16.58
N LEU E 245 16.74 30.67 16.35
CA LEU E 245 17.69 29.99 15.49
C LEU E 245 18.03 28.61 16.04
N GLY E 246 18.40 28.53 17.31
CA GLY E 246 18.83 27.26 17.87
C GLY E 246 17.71 26.22 17.88
N ILE E 247 16.54 26.62 18.35
CA ILE E 247 15.47 25.64 18.49
C ILE E 247 14.93 25.25 17.12
N THR E 248 14.91 26.16 16.15
CA THR E 248 14.46 25.78 14.83
C THR E 248 15.48 24.90 14.12
N THR E 249 16.77 25.08 14.41
CA THR E 249 17.75 24.13 13.89
C THR E 249 17.53 22.75 14.51
N VAL E 250 17.21 22.70 15.79
CA VAL E 250 16.89 21.41 16.42
C VAL E 250 15.67 20.78 15.77
N LEU E 251 14.65 21.59 15.51
CA LEU E 251 13.44 21.07 14.85
C LEU E 251 13.75 20.57 13.45
N THR E 252 14.59 21.29 12.72
CA THR E 252 14.95 20.87 11.37
C THR E 252 15.72 19.55 11.39
N MET E 253 16.64 19.40 12.34
CA MET E 253 17.34 18.12 12.47
C MET E 253 16.38 16.99 12.80
N THR E 254 15.41 17.27 13.68
CA THR E 254 14.39 16.27 14.00
C THR E 254 13.61 15.88 12.76
N THR E 255 13.22 16.86 11.96
CA THR E 255 12.46 16.58 10.74
C THR E 255 13.28 15.72 9.78
N ILE E 256 14.54 16.09 9.59
CA ILE E 256 15.40 15.33 8.69
C ILE E 256 15.54 13.90 9.16
N ASN E 257 15.80 13.71 10.45
CA ASN E 257 16.00 12.36 10.99
C ASN E 257 14.74 11.52 10.85
N THR E 258 13.59 12.08 11.23
CA THR E 258 12.35 11.30 11.19
C THR E 258 11.97 10.93 9.76
N HIS E 259 12.04 11.89 8.84
CA HIS E 259 11.63 11.59 7.48
C HIS E 259 12.64 10.70 6.78
N LEU E 260 13.92 10.79 7.13
CA LEU E 260 14.90 9.89 6.57
C LEU E 260 14.73 8.48 7.11
N ARG E 261 14.33 8.35 8.38
CA ARG E 261 13.95 7.05 8.90
C ARG E 261 12.78 6.48 8.12
N GLU E 262 11.80 7.32 7.80
CA GLU E 262 10.64 6.85 7.06
C GLU E 262 11.03 6.39 5.65
N THR E 263 11.86 7.17 4.95
CA THR E 263 12.18 6.85 3.56
C THR E 263 13.14 5.68 3.44
N LEU E 264 14.17 5.64 4.28
CA LEU E 264 15.20 4.63 4.13
C LEU E 264 14.66 3.25 4.54
N PRO E 265 15.34 2.17 4.15
CA PRO E 265 14.87 0.83 4.52
C PRO E 265 14.83 0.64 6.03
N LYS E 266 13.82 -0.10 6.50
CA LYS E 266 13.61 -0.33 7.93
C LYS E 266 14.47 -1.52 8.35
N ILE E 267 15.64 -1.23 8.90
CA ILE E 267 16.62 -2.24 9.31
C ILE E 267 17.05 -1.94 10.73
N PRO E 268 16.27 -2.35 11.76
CA PRO E 268 16.49 -1.81 13.11
C PRO E 268 17.77 -2.24 13.82
N TYR E 269 18.88 -1.61 13.44
CA TYR E 269 20.06 -1.56 14.31
C TYR E 269 20.88 -0.35 13.90
N VAL E 270 21.85 0.00 14.73
CA VAL E 270 22.61 1.23 14.54
C VAL E 270 23.48 1.09 13.29
N LYS E 271 23.59 2.19 12.55
CA LYS E 271 24.28 2.24 11.28
C LYS E 271 25.13 3.48 11.23
N ALA E 272 25.94 3.61 10.18
CA ALA E 272 26.80 4.78 10.05
C ALA E 272 25.98 6.06 9.94
N ILE E 273 24.91 6.02 9.14
CA ILE E 273 24.11 7.21 8.94
C ILE E 273 23.40 7.60 10.23
N ASP E 274 22.96 6.61 11.01
CA ASP E 274 22.33 6.92 12.29
C ASP E 274 23.31 7.59 13.23
N MET E 275 24.54 7.10 13.27
CA MET E 275 25.56 7.73 14.12
C MET E 275 25.84 9.15 13.67
N TYR E 276 25.93 9.38 12.36
CA TYR E 276 26.19 10.75 11.88
C TYR E 276 25.06 11.69 12.23
N LEU E 277 23.81 11.25 12.03
CA LEU E 277 22.67 12.10 12.33
C LEU E 277 22.60 12.39 13.83
N MET E 278 22.87 11.38 14.67
CA MET E 278 22.89 11.61 16.10
C MET E 278 23.99 12.60 16.48
N GLY E 279 25.16 12.49 15.86
CA GLY E 279 26.21 13.45 16.14
C GLY E 279 25.81 14.88 15.81
N CYS E 280 25.22 15.07 14.63
CA CYS E 280 24.79 16.41 14.24
C CYS E 280 23.70 16.93 15.16
N PHE E 281 22.77 16.06 15.57
CA PHE E 281 21.75 16.47 16.54
C PHE E 281 22.39 16.91 17.85
N VAL E 282 23.41 16.18 18.30
CA VAL E 282 24.08 16.55 19.54
C VAL E 282 24.77 17.89 19.39
N PHE E 283 25.36 18.18 18.22
CA PHE E 283 26.01 19.47 18.04
C PHE E 283 25.02 20.62 18.09
N VAL E 284 23.87 20.50 17.42
CA VAL E 284 22.91 21.61 17.47
C VAL E 284 22.33 21.76 18.88
N PHE E 285 22.09 20.63 19.55
CA PHE E 285 21.62 20.67 20.94
C PHE E 285 22.63 21.37 21.84
N LEU E 286 23.91 21.09 21.63
CA LEU E 286 24.95 21.71 22.44
C LEU E 286 25.05 23.21 22.16
N ALA E 287 24.84 23.63 20.91
CA ALA E 287 24.83 25.06 20.62
C ALA E 287 23.71 25.76 21.35
N LEU E 288 22.53 25.15 21.38
CA LEU E 288 21.42 25.76 22.13
C LEU E 288 21.74 25.83 23.62
N LEU E 289 22.31 24.75 24.18
CA LEU E 289 22.75 24.81 25.57
C LEU E 289 23.80 25.88 25.79
N GLU E 290 24.67 26.11 24.81
CA GLU E 290 25.69 27.12 24.97
C GLU E 290 25.07 28.50 25.11
N TYR E 291 24.06 28.79 24.28
CA TYR E 291 23.38 30.07 24.48
C TYR E 291 22.71 30.14 25.83
N ALA E 292 22.07 29.05 26.26
CA ALA E 292 21.40 29.06 27.56
C ALA E 292 22.38 29.33 28.69
N PHE E 293 23.56 28.72 28.60
CA PHE E 293 24.61 28.95 29.59
C PHE E 293 25.07 30.39 29.58
N VAL E 294 25.25 30.98 28.39
CA VAL E 294 25.65 32.39 28.30
C VAL E 294 24.59 33.28 28.94
N ASN E 295 23.33 33.03 28.63
CA ASN E 295 22.24 33.83 29.18
C ASN E 295 22.19 33.72 30.70
N TYR E 296 22.31 32.51 31.23
CA TYR E 296 22.28 32.36 32.68
C TYR E 296 23.47 33.04 33.34
N ILE E 297 24.64 32.95 32.70
CA ILE E 297 25.84 33.58 33.25
C ILE E 297 25.67 35.09 33.31
N PHE E 298 25.14 35.68 32.24
CA PHE E 298 24.98 37.14 32.24
C PHE E 298 23.91 37.57 33.23
N PHE E 299 22.74 36.94 33.18
CA PHE E 299 21.60 37.42 33.95
C PHE E 299 21.44 36.74 35.29
N GLY E 300 21.96 35.53 35.47
CA GLY E 300 21.83 34.82 36.73
C GLY E 300 22.98 35.10 37.68
N ARG E 301 24.21 34.85 37.23
CA ARG E 301 25.39 35.11 38.04
C ARG E 301 25.80 36.59 38.02
N GLY E 302 25.31 37.35 37.05
CA GLY E 302 25.65 38.75 36.93
C GLY E 302 25.25 39.65 38.09
N PRO E 303 23.97 39.64 38.49
CA PRO E 303 23.56 40.56 39.56
C PRO E 303 24.30 40.32 40.87
N GLN E 304 24.70 39.10 41.16
CA GLN E 304 25.54 38.81 42.31
C GLN E 304 27.02 39.07 42.03
N ARG E 305 27.38 39.53 40.84
CA ARG E 305 28.75 39.89 40.51
C ARG E 305 29.68 38.68 40.59
N ILE E 404 41.88 23.91 22.92
CA ILE E 404 41.97 25.33 23.22
C ILE E 404 41.55 25.55 24.67
N LYS E 405 42.38 26.28 25.41
CA LYS E 405 42.13 26.51 26.82
C LYS E 405 40.84 27.30 27.00
N ILE E 406 40.00 26.83 27.92
CA ILE E 406 38.70 27.48 28.16
C ILE E 406 38.94 28.86 28.78
N PRO E 407 38.34 29.94 28.28
CA PRO E 407 38.40 31.22 28.98
C PRO E 407 37.57 31.19 30.26
N ASP E 408 37.67 32.28 31.01
CA ASP E 408 36.91 32.41 32.25
C ASP E 408 35.42 32.42 31.95
N LEU E 409 34.63 31.87 32.87
CA LEU E 409 33.20 31.85 32.70
C LEU E 409 32.57 33.23 32.85
N THR E 410 33.27 34.17 33.50
CA THR E 410 32.63 35.44 33.87
C THR E 410 32.20 36.24 32.65
N ASP E 411 33.04 36.30 31.62
CA ASP E 411 32.78 37.14 30.45
C ASP E 411 31.98 36.35 29.42
N VAL E 412 30.79 36.87 29.08
CA VAL E 412 29.94 36.20 28.10
C VAL E 412 30.57 36.25 26.71
N ASN E 413 31.22 37.38 26.38
CA ASN E 413 31.90 37.47 25.09
C ASN E 413 33.02 36.45 24.99
N ALA E 414 33.69 36.16 26.11
CA ALA E 414 34.71 35.12 26.11
C ALA E 414 34.11 33.77 25.78
N ILE E 415 32.95 33.45 26.36
CA ILE E 415 32.31 32.18 26.08
C ILE E 415 31.88 32.10 24.62
N ASP E 416 31.34 33.20 24.08
CA ASP E 416 30.93 33.20 22.68
C ASP E 416 32.13 33.02 21.76
N ARG E 417 33.25 33.69 22.05
CA ARG E 417 34.44 33.53 21.21
C ARG E 417 34.97 32.11 21.31
N TRP E 418 34.97 31.54 22.51
CA TRP E 418 35.41 30.15 22.68
C TRP E 418 34.53 29.21 21.87
N SER E 419 33.22 29.43 21.89
CA SER E 419 32.32 28.60 21.09
C SER E 419 32.60 28.77 19.60
N ARG E 420 32.83 30.01 19.16
CA ARG E 420 33.14 30.27 17.76
C ARG E 420 34.36 29.47 17.32
N ILE E 421 35.40 29.45 18.15
CA ILE E 421 36.61 28.70 17.78
C ILE E 421 36.36 27.20 17.85
N VAL E 422 35.64 26.74 18.87
CA VAL E 422 35.68 25.33 19.24
C VAL E 422 34.64 24.51 18.49
N PHE E 423 33.43 25.03 18.28
CA PHE E 423 32.38 24.24 17.66
C PHE E 423 32.74 23.81 16.24
N PRO E 424 33.23 24.68 15.35
CA PRO E 424 33.73 24.19 14.06
C PRO E 424 34.86 23.19 14.19
N PHE E 425 35.77 23.41 15.14
CA PHE E 425 36.88 22.48 15.31
C PHE E 425 36.39 21.10 15.76
N THR E 426 35.48 21.07 16.73
CA THR E 426 34.98 19.80 17.21
C THR E 426 34.14 19.09 16.14
N PHE E 427 33.36 19.85 15.37
CA PHE E 427 32.61 19.23 14.28
C PHE E 427 33.54 18.66 13.21
N SER E 428 34.62 19.38 12.90
CA SER E 428 35.59 18.87 11.94
C SER E 428 36.27 17.60 12.46
N LEU E 429 36.59 17.59 13.76
CA LEU E 429 37.18 16.40 14.35
C LEU E 429 36.23 15.21 14.28
N PHE E 430 34.95 15.45 14.58
CA PHE E 430 33.95 14.39 14.48
C PHE E 430 33.82 13.88 13.06
N ASN E 431 33.80 14.79 12.08
CA ASN E 431 33.73 14.38 10.68
C ASN E 431 34.94 13.56 10.29
N LEU E 432 36.13 13.99 10.70
CA LEU E 432 37.34 13.26 10.36
C LEU E 432 37.30 11.86 10.95
N VAL E 433 36.95 11.74 12.23
CA VAL E 433 36.90 10.43 12.88
C VAL E 433 35.87 9.54 12.19
N TYR E 434 34.69 10.09 11.90
CA TYR E 434 33.63 9.30 11.27
C TYR E 434 34.07 8.79 9.89
N TRP E 435 34.55 9.69 9.04
CA TRP E 435 34.89 9.30 7.67
C TRP E 435 36.07 8.34 7.66
N LEU E 436 37.08 8.58 8.49
CA LEU E 436 38.21 7.65 8.52
C LEU E 436 37.82 6.30 9.10
N TYR E 437 36.89 6.27 10.05
CA TYR E 437 36.49 5.01 10.65
C TYR E 437 35.62 4.19 9.72
N TYR E 438 34.80 4.84 8.90
CA TYR E 438 33.86 4.13 8.02
C TYR E 438 34.36 3.97 6.59
N VAL E 439 35.03 4.97 6.03
CA VAL E 439 35.56 4.83 4.68
C VAL E 439 36.82 3.97 4.72
N ASP F 1 -42.62 -8.04 21.34
CA ASP F 1 -42.80 -6.87 22.21
C ASP F 1 -44.10 -6.16 21.90
N SER F 2 -44.80 -5.75 22.96
CA SER F 2 -46.04 -4.99 22.82
C SER F 2 -45.70 -3.63 22.23
N ARG F 3 -46.02 -3.43 20.95
CA ARG F 3 -45.65 -2.22 20.23
C ARG F 3 -46.71 -1.13 20.46
N ASP F 4 -46.78 -0.68 21.70
CA ASP F 4 -47.64 0.43 22.09
C ASP F 4 -46.83 1.38 22.95
N TYR F 5 -47.08 2.68 22.77
CA TYR F 5 -46.35 3.75 23.46
C TYR F 5 -47.37 4.70 24.09
N SER F 6 -47.78 4.37 25.31
CA SER F 6 -48.64 5.23 26.13
C SER F 6 -47.98 5.60 27.44
N THR F 7 -47.44 4.63 28.17
CA THR F 7 -46.73 4.94 29.41
C THR F 7 -45.51 5.80 29.13
N GLU F 8 -44.77 5.49 28.07
CA GLU F 8 -43.64 6.31 27.67
C GLU F 8 -44.09 7.73 27.34
N LEU F 9 -45.13 7.85 26.50
CA LEU F 9 -45.68 9.15 26.18
C LEU F 9 -46.19 9.85 27.43
N SER F 10 -46.85 9.09 28.32
CA SER F 10 -47.42 9.69 29.53
C SER F 10 -46.33 10.26 30.42
N VAL F 11 -45.27 9.50 30.68
CA VAL F 11 -44.23 9.98 31.57
C VAL F 11 -43.46 11.13 30.94
N THR F 12 -43.23 11.07 29.62
CA THR F 12 -42.56 12.19 28.97
C THR F 12 -43.38 13.47 29.07
N VAL F 13 -44.68 13.37 28.82
CA VAL F 13 -45.53 14.56 28.91
C VAL F 13 -45.61 15.03 30.35
N ALA F 14 -45.59 14.11 31.33
CA ALA F 14 -45.60 14.52 32.73
C ALA F 14 -44.34 15.32 33.07
N VAL F 15 -43.17 14.84 32.63
CA VAL F 15 -41.93 15.56 32.89
C VAL F 15 -41.95 16.92 32.21
N GLY F 16 -42.44 16.98 30.97
CA GLY F 16 -42.54 18.25 30.29
C GLY F 16 -43.48 19.22 30.99
N ALA F 17 -44.63 18.72 31.44
CA ALA F 17 -45.56 19.56 32.17
C ALA F 17 -44.94 20.08 33.46
N SER F 18 -44.15 19.25 34.13
CA SER F 18 -43.46 19.69 35.33
C SER F 18 -42.49 20.82 35.02
N LEU F 19 -41.71 20.67 33.94
CA LEU F 19 -40.74 21.71 33.57
C LEU F 19 -41.44 23.03 33.25
N LEU F 20 -42.47 22.98 32.40
CA LEU F 20 -43.21 24.19 32.11
C LEU F 20 -43.88 24.77 33.35
N PHE F 21 -44.33 23.92 34.27
CA PHE F 21 -44.92 24.41 35.50
C PHE F 21 -43.90 25.21 36.31
N LEU F 22 -42.68 24.69 36.43
CA LEU F 22 -41.65 25.41 37.17
C LEU F 22 -41.30 26.73 36.48
N ASN F 23 -41.29 26.75 35.16
CA ASN F 23 -40.93 27.99 34.48
C ASN F 23 -42.03 29.04 34.58
N ILE F 24 -43.31 28.63 34.49
CA ILE F 24 -44.35 29.61 34.71
C ILE F 24 -44.33 30.08 36.16
N LEU F 25 -43.90 29.23 37.08
CA LEU F 25 -43.69 29.68 38.44
C LEU F 25 -42.59 30.75 38.50
N ALA F 26 -41.56 30.60 37.68
CA ALA F 26 -40.53 31.63 37.61
C ALA F 26 -41.11 32.96 37.14
N PHE F 27 -41.98 32.93 36.12
CA PHE F 27 -42.71 34.13 35.74
C PHE F 27 -43.58 34.65 36.87
N ALA F 28 -44.21 33.77 37.64
CA ALA F 28 -45.03 34.23 38.76
C ALA F 28 -44.17 34.95 39.77
N ALA F 29 -42.95 34.46 40.00
CA ALA F 29 -42.03 35.15 40.90
C ALA F 29 -41.66 36.53 40.36
N LEU F 30 -41.38 36.63 39.05
CA LEU F 30 -40.95 37.92 38.50
C LEU F 30 -42.09 38.91 38.41
N TYR F 31 -43.13 38.58 37.64
CA TYR F 31 -44.15 39.55 37.26
C TYR F 31 -44.95 40.07 38.45
N TYR F 32 -44.97 39.34 39.57
CA TYR F 32 -45.63 39.81 40.78
C TYR F 32 -44.74 40.85 41.45
N LYS F 33 -45.07 42.12 41.25
CA LYS F 33 -44.30 43.23 41.83
C LYS F 33 -44.33 43.19 43.35
N TYR G 1 -36.93 45.82 51.90
CA TYR G 1 -37.56 45.37 50.66
C TYR G 1 -36.52 45.10 49.57
N HIS G 2 -35.43 45.87 49.60
CA HIS G 2 -34.41 45.72 48.56
C HIS G 2 -33.69 44.38 48.68
N GLU G 3 -33.44 43.92 49.91
CA GLU G 3 -32.71 42.66 50.07
C GLU G 3 -33.56 41.48 49.64
N HIS G 4 -34.87 41.53 49.92
CA HIS G 4 -35.77 40.49 49.39
C HIS G 4 -35.76 40.51 47.87
N TYR G 5 -35.81 41.70 47.28
CA TYR G 5 -35.74 41.84 45.83
C TYR G 5 -34.48 41.19 45.27
N MET G 6 -33.33 41.48 45.88
CA MET G 6 -32.06 40.99 45.36
C MET G 6 -31.93 39.48 45.56
N ARG G 7 -32.33 38.97 46.73
CA ARG G 7 -32.28 37.53 46.96
C ARG G 7 -33.21 36.78 46.02
N ASN G 8 -34.42 37.29 45.79
CA ASN G 8 -35.31 36.65 44.84
C ASN G 8 -34.72 36.71 43.43
N SER G 9 -34.08 37.82 43.07
CA SER G 9 -33.42 37.90 41.78
C SER G 9 -32.36 36.83 41.64
N ARG G 10 -31.54 36.67 42.68
CA ARG G 10 -30.46 35.68 42.64
C ARG G 10 -31.02 34.27 42.53
N ALA G 11 -32.03 33.95 43.34
CA ALA G 11 -32.60 32.61 43.32
C ALA G 11 -33.26 32.31 41.98
N ILE G 12 -34.00 33.28 41.43
CA ILE G 12 -34.66 33.07 40.15
C ILE G 12 -33.64 32.94 39.04
N GLY G 13 -32.54 33.69 39.12
CA GLY G 13 -31.48 33.54 38.12
C GLY G 13 -30.82 32.17 38.20
N VAL G 14 -30.57 31.68 39.41
CA VAL G 14 -30.00 30.34 39.56
C VAL G 14 -30.95 29.31 38.98
N LEU G 15 -32.24 29.43 39.29
CA LEU G 15 -33.22 28.49 38.75
C LEU G 15 -33.28 28.56 37.23
N TRP G 16 -33.21 29.77 36.67
CA TRP G 16 -33.19 29.91 35.22
C TRP G 16 -31.98 29.21 34.63
N ALA G 17 -30.85 29.28 35.32
CA ALA G 17 -29.67 28.55 34.86
C ALA G 17 -29.89 27.04 34.87
N ILE G 18 -30.50 26.51 35.94
CA ILE G 18 -30.74 25.06 35.97
C ILE G 18 -31.70 24.67 34.85
N PHE G 19 -32.75 25.45 34.63
CA PHE G 19 -33.69 25.11 33.57
C PHE G 19 -33.05 25.25 32.19
N THR G 20 -32.13 26.19 32.02
CA THR G 20 -31.40 26.29 30.77
C THR G 20 -30.57 25.03 30.54
N ILE G 21 -29.90 24.54 31.58
CA ILE G 21 -29.14 23.30 31.45
C ILE G 21 -30.06 22.14 31.12
N CYS G 22 -31.23 22.10 31.76
CA CYS G 22 -32.19 21.04 31.48
C CYS G 22 -32.64 21.07 30.03
N PHE G 23 -32.91 22.26 29.50
CA PHE G 23 -33.32 22.36 28.10
C PHE G 23 -32.19 21.97 27.17
N ALA G 24 -30.95 22.30 27.53
CA ALA G 24 -29.81 21.88 26.71
C ALA G 24 -29.71 20.36 26.67
N ILE G 25 -29.92 19.71 27.81
CA ILE G 25 -29.93 18.25 27.86
C ILE G 25 -31.04 17.71 26.96
N ILE G 26 -32.22 18.34 27.02
CA ILE G 26 -33.33 17.91 26.16
C ILE G 26 -32.94 18.04 24.69
N ASN G 27 -32.29 19.15 24.33
CA ASN G 27 -31.91 19.36 22.93
C ASN G 27 -30.93 18.29 22.47
N VAL G 28 -29.94 17.97 23.30
CA VAL G 28 -28.98 16.95 22.93
C VAL G 28 -29.67 15.61 22.78
N VAL G 29 -30.56 15.27 23.71
CA VAL G 29 -31.23 13.98 23.68
C VAL G 29 -32.08 13.84 22.42
N VAL G 30 -32.86 14.87 22.09
CA VAL G 30 -33.74 14.77 20.94
C VAL G 30 -32.92 14.75 19.64
N PHE G 31 -31.80 15.48 19.60
CA PHE G 31 -30.99 15.43 18.39
C PHE G 31 -30.39 14.04 18.19
N ILE G 32 -29.94 13.41 19.29
CA ILE G 32 -29.20 12.16 19.14
C ILE G 32 -30.16 10.97 19.00
N GLN G 33 -31.07 10.81 19.95
CA GLN G 33 -31.85 9.58 20.03
C GLN G 33 -32.80 9.48 18.85
N PRO G 34 -32.81 8.35 18.10
CA PRO G 34 -33.72 8.25 16.95
C PRO G 34 -35.08 7.64 17.32
N TYR G 35 -35.89 8.43 18.01
CA TYR G 35 -37.24 8.02 18.42
C TYR G 35 -38.21 9.16 18.19
N TRP G 36 -38.09 9.84 17.05
CA TRP G 36 -39.06 10.86 16.68
C TRP G 36 -40.34 10.24 16.15
N VAL G 37 -40.21 9.12 15.44
CA VAL G 37 -41.33 8.40 14.85
C VAL G 37 -41.12 6.92 15.14
N GLY G 38 -42.22 6.17 15.13
CA GLY G 38 -42.16 4.75 15.41
C GLY G 38 -43.21 3.97 14.65
N ASP G 39 -42.94 2.67 14.54
CA ASP G 39 -43.87 1.76 13.88
C ASP G 39 -45.16 1.64 14.69
N SER G 40 -46.13 0.96 14.09
CA SER G 40 -47.41 0.68 14.72
C SER G 40 -47.79 -0.76 14.42
N VAL G 41 -48.96 -1.18 14.90
CA VAL G 41 -49.42 -2.54 14.67
C VAL G 41 -49.70 -2.77 13.19
N SER G 42 -50.23 -1.75 12.51
CA SER G 42 -50.60 -1.84 11.11
C SER G 42 -49.46 -1.49 10.16
N THR G 43 -48.28 -1.18 10.67
CA THR G 43 -47.19 -0.77 9.80
C THR G 43 -46.70 -1.98 8.99
N PRO G 44 -46.33 -1.78 7.71
CA PRO G 44 -45.77 -2.93 6.96
C PRO G 44 -44.51 -3.51 7.56
N LYS G 45 -43.63 -2.66 8.09
CA LYS G 45 -42.35 -3.08 8.66
C LYS G 45 -42.12 -2.38 9.98
N PRO G 46 -41.35 -2.96 10.89
CA PRO G 46 -41.10 -2.32 12.18
C PRO G 46 -39.86 -1.42 12.14
N GLY G 47 -39.64 -0.72 13.24
CA GLY G 47 -38.43 0.08 13.43
C GLY G 47 -38.70 1.46 13.98
N TYR G 48 -37.85 2.41 13.64
CA TYR G 48 -38.01 3.80 14.04
C TYR G 48 -37.02 4.65 13.25
N PHE G 49 -37.20 5.96 13.31
CA PHE G 49 -36.25 6.86 12.68
C PHE G 49 -36.30 8.22 13.35
N GLY G 50 -35.14 8.89 13.37
CA GLY G 50 -35.00 10.23 13.88
C GLY G 50 -34.63 11.21 12.79
N LEU G 51 -33.89 12.26 13.14
CA LEU G 51 -33.55 13.28 12.16
C LEU G 51 -32.70 12.73 11.04
N PHE G 52 -31.70 11.91 11.38
CA PHE G 52 -30.74 11.40 10.40
C PHE G 52 -30.63 9.88 10.45
N HIS G 53 -30.75 9.31 11.65
CA HIS G 53 -30.58 7.89 11.85
CA HIS G 53 -30.58 7.89 11.85
C HIS G 53 -31.91 7.17 11.77
N TYR G 54 -31.94 6.04 11.07
CA TYR G 54 -33.15 5.23 10.92
C TYR G 54 -32.79 3.76 10.97
N CYS G 55 -33.57 3.00 11.75
CA CYS G 55 -33.45 1.56 11.87
C CYS G 55 -34.75 0.92 11.41
N VAL G 56 -34.63 -0.13 10.60
CA VAL G 56 -35.77 -0.82 10.02
C VAL G 56 -35.55 -2.32 10.15
N GLY G 57 -36.65 -3.04 10.33
CA GLY G 57 -36.57 -4.48 10.45
C GLY G 57 -36.45 -5.18 9.10
N SER G 58 -35.89 -6.39 9.13
CA SER G 58 -35.78 -7.18 7.91
C SER G 58 -37.12 -7.76 7.50
N GLY G 59 -37.97 -8.10 8.47
CA GLY G 59 -39.31 -8.59 8.19
C GLY G 59 -39.41 -10.10 8.10
N LEU G 60 -38.92 -10.79 9.12
CA LEU G 60 -39.01 -12.25 9.22
C LEU G 60 -39.38 -12.67 10.64
N ALA G 61 -40.29 -11.92 11.27
CA ALA G 61 -40.78 -12.22 12.62
C ALA G 61 -39.65 -12.16 13.64
N GLY G 62 -38.78 -11.18 13.51
CA GLY G 62 -37.73 -10.92 14.48
C GLY G 62 -37.36 -9.46 14.47
N ARG G 63 -36.32 -9.06 15.20
CA ARG G 63 -35.87 -7.67 15.16
C ARG G 63 -34.99 -7.42 13.94
N GLU G 64 -33.78 -8.01 13.95
CA GLU G 64 -32.77 -7.87 12.88
C GLU G 64 -32.72 -6.46 12.31
N LEU G 65 -32.73 -5.47 13.20
CA LEU G 65 -32.92 -4.08 12.80
C LEU G 65 -31.66 -3.57 12.12
N THR G 66 -31.69 -3.50 10.79
CA THR G 66 -30.61 -2.85 10.05
C THR G 66 -30.74 -1.35 10.24
N CYS G 67 -29.62 -0.70 10.57
CA CYS G 67 -29.58 0.70 10.97
C CYS G 67 -28.65 1.47 10.05
N ARG G 68 -29.06 2.68 9.68
CA ARG G 68 -28.27 3.49 8.76
C ARG G 68 -28.61 4.96 8.97
N GLY G 69 -27.61 5.82 8.78
CA GLY G 69 -27.81 7.26 8.83
C GLY G 69 -27.07 7.96 9.95
N SER G 70 -26.05 8.74 9.60
CA SER G 70 -25.32 9.57 10.55
C SER G 70 -25.24 10.99 10.00
N PHE G 71 -25.40 11.97 10.89
CA PHE G 71 -25.43 13.37 10.46
C PHE G 71 -24.11 13.79 9.82
N THR G 72 -23.01 13.15 10.22
CA THR G 72 -21.72 13.45 9.61
C THR G 72 -21.74 13.17 8.11
N ASP G 73 -22.53 12.16 7.70
CA ASP G 73 -22.72 11.85 6.29
C ASP G 73 -23.99 12.53 5.82
N PHE G 74 -23.88 13.42 4.84
CA PHE G 74 -25.01 14.15 4.31
C PHE G 74 -25.73 13.42 3.17
N SER G 75 -25.40 12.15 2.92
CA SER G 75 -26.04 11.36 1.87
C SER G 75 -26.98 10.30 2.41
N THR G 76 -26.61 9.65 3.51
CA THR G 76 -27.47 8.60 4.08
C THR G 76 -28.78 9.16 4.61
N ILE G 77 -28.86 10.47 4.85
CA ILE G 77 -30.12 11.06 5.33
C ILE G 77 -31.19 10.89 4.24
N PRO G 78 -32.40 10.42 4.56
CA PRO G 78 -33.34 10.06 3.47
C PRO G 78 -33.73 11.20 2.56
N SER G 79 -33.86 12.42 3.05
CA SER G 79 -34.40 13.51 2.23
C SER G 79 -33.80 14.84 2.64
N SER G 80 -33.92 15.82 1.74
CA SER G 80 -33.40 17.15 2.01
C SER G 80 -34.09 17.81 3.18
N ALA G 81 -35.39 17.54 3.37
CA ALA G 81 -36.09 18.10 4.52
C ALA G 81 -35.50 17.57 5.81
N PHE G 82 -35.17 16.29 5.85
CA PHE G 82 -34.51 15.74 7.03
C PHE G 82 -33.17 16.41 7.27
N LYS G 83 -32.41 16.66 6.20
CA LYS G 83 -31.13 17.33 6.35
C LYS G 83 -31.30 18.74 6.91
N ALA G 84 -32.27 19.49 6.40
CA ALA G 84 -32.51 20.83 6.90
C ALA G 84 -32.94 20.79 8.37
N ALA G 85 -33.82 19.85 8.72
CA ALA G 85 -34.26 19.76 10.10
C ALA G 85 -33.11 19.43 11.03
N ALA G 86 -32.25 18.49 10.63
CA ALA G 86 -31.10 18.13 11.44
C ALA G 86 -30.15 19.31 11.60
N PHE G 87 -29.93 20.06 10.51
CA PHE G 87 -29.07 21.24 10.61
C PHE G 87 -29.65 22.26 11.57
N PHE G 88 -30.97 22.49 11.50
CA PHE G 88 -31.58 23.48 12.39
C PHE G 88 -31.49 23.04 13.84
N VAL G 89 -31.74 21.76 14.11
CA VAL G 89 -31.66 21.31 15.50
C VAL G 89 -30.22 21.37 16.01
N LEU G 90 -29.25 21.06 15.15
CA LEU G 90 -27.85 21.22 15.54
C LEU G 90 -27.52 22.67 15.85
N LEU G 91 -28.03 23.59 15.03
CA LEU G 91 -27.78 25.00 15.27
C LEU G 91 -28.42 25.44 16.59
N SER G 92 -29.59 24.89 16.91
CA SER G 92 -30.21 25.18 18.20
C SER G 92 -29.35 24.65 19.34
N MET G 93 -28.79 23.44 19.17
CA MET G 93 -27.86 22.91 20.17
C MET G 93 -26.68 23.84 20.38
N VAL G 94 -26.09 24.32 19.28
CA VAL G 94 -24.93 25.19 19.37
C VAL G 94 -25.32 26.48 20.07
N LEU G 95 -26.49 27.03 19.76
CA LEU G 95 -26.92 28.28 20.38
C LEU G 95 -27.11 28.11 21.89
N ILE G 96 -27.79 27.04 22.31
CA ILE G 96 -28.05 26.89 23.74
C ILE G 96 -26.77 26.59 24.49
N LEU G 97 -25.88 25.79 23.89
CA LEU G 97 -24.57 25.58 24.52
C LEU G 97 -23.78 26.88 24.57
N GLY G 98 -23.97 27.75 23.58
CA GLY G 98 -23.32 29.04 23.62
C GLY G 98 -23.80 29.89 24.78
N CYS G 99 -25.11 29.85 25.06
CA CYS G 99 -25.59 30.58 26.24
C CYS G 99 -25.05 29.97 27.53
N ILE G 100 -24.98 28.65 27.61
CA ILE G 100 -24.42 28.04 28.81
C ILE G 100 -22.96 28.45 28.96
N THR G 101 -22.26 28.62 27.85
CA THR G 101 -20.91 29.18 27.90
C THR G 101 -20.94 30.63 28.37
N CYS G 102 -21.90 31.42 27.88
CA CYS G 102 -22.03 32.82 28.25
C CYS G 102 -22.39 33.02 29.71
N PHE G 103 -22.82 31.96 30.40
CA PHE G 103 -22.91 32.03 31.85
C PHE G 103 -21.57 32.43 32.47
N SER G 104 -20.47 32.07 31.82
CA SER G 104 -19.15 32.48 32.29
C SER G 104 -19.01 33.99 32.33
N LEU G 105 -19.68 34.71 31.42
CA LEU G 105 -19.53 36.17 31.36
C LEU G 105 -20.12 36.87 32.57
N PHE G 106 -20.87 36.18 33.44
CA PHE G 106 -21.46 36.82 34.60
C PHE G 106 -20.41 37.36 35.57
N PHE G 107 -19.18 36.86 35.53
CA PHE G 107 -18.15 37.38 36.42
C PHE G 107 -17.88 38.86 36.16
N PHE G 108 -17.65 39.21 34.89
CA PHE G 108 -17.18 40.54 34.51
C PHE G 108 -18.28 41.44 33.97
N CYS G 109 -19.01 40.97 32.96
CA CYS G 109 -19.95 41.84 32.29
C CYS G 109 -21.13 42.17 33.20
N ASN G 110 -21.81 43.26 32.87
CA ASN G 110 -23.00 43.64 33.61
C ASN G 110 -24.06 42.56 33.44
N THR G 111 -24.77 42.25 34.54
CA THR G 111 -25.70 41.14 34.54
C THR G 111 -26.80 41.31 33.49
N ALA G 112 -27.27 42.54 33.32
CA ALA G 112 -28.38 42.79 32.40
C ALA G 112 -28.03 42.41 30.97
N THR G 113 -26.85 42.80 30.51
CA THR G 113 -26.51 42.56 29.11
C THR G 113 -26.30 41.08 28.85
N VAL G 114 -25.70 40.35 29.79
CA VAL G 114 -25.53 38.91 29.61
C VAL G 114 -26.88 38.20 29.67
N TYR G 115 -27.78 38.65 30.55
CA TYR G 115 -29.12 38.09 30.58
C TYR G 115 -29.81 38.28 29.24
N LYS G 116 -29.67 39.48 28.66
CA LYS G 116 -30.26 39.72 27.35
C LYS G 116 -29.57 38.90 26.27
N ILE G 117 -28.26 38.66 26.40
CA ILE G 117 -27.56 37.87 25.39
C ILE G 117 -28.08 36.44 25.37
N CYS G 118 -28.16 35.80 26.55
CA CYS G 118 -28.83 34.51 26.59
C CYS G 118 -30.29 34.58 26.21
N ALA G 119 -30.96 35.70 26.47
CA ALA G 119 -32.36 35.79 26.06
C ALA G 119 -32.50 35.71 24.56
N TRP G 120 -31.72 36.52 23.85
CA TRP G 120 -31.76 36.50 22.38
C TRP G 120 -31.25 35.17 21.85
N MET G 121 -30.22 34.60 22.47
CA MET G 121 -29.65 33.35 22.02
C MET G 121 -30.63 32.19 22.20
N GLN G 122 -31.35 32.16 23.33
CA GLN G 122 -32.35 31.14 23.54
C GLN G 122 -33.56 31.33 22.62
N LEU G 123 -33.92 32.58 22.35
CA LEU G 123 -35.00 32.82 21.40
C LEU G 123 -34.62 32.32 20.01
N LEU G 124 -33.39 32.60 19.57
CA LEU G 124 -32.95 32.11 18.28
C LEU G 124 -32.87 30.59 18.27
N ALA G 125 -32.42 29.99 19.37
CA ALA G 125 -32.39 28.53 19.46
C ALA G 125 -33.80 27.95 19.34
N ALA G 126 -34.76 28.58 20.00
CA ALA G 126 -36.14 28.12 19.91
C ALA G 126 -36.69 28.27 18.52
N LEU G 127 -36.34 29.37 17.84
CA LEU G 127 -36.78 29.56 16.47
C LEU G 127 -36.21 28.48 15.56
N CYS G 128 -34.92 28.14 15.76
CA CYS G 128 -34.32 27.06 14.98
C CYS G 128 -35.00 25.74 15.28
N LEU G 129 -35.31 25.48 16.55
CA LEU G 129 -35.98 24.23 16.90
C LEU G 129 -37.37 24.15 16.28
N VAL G 130 -38.09 25.27 16.25
CA VAL G 130 -39.39 25.30 15.59
C VAL G 130 -39.24 25.04 14.09
N LEU G 131 -38.25 25.67 13.46
CA LEU G 131 -38.05 25.44 12.04
C LEU G 131 -37.73 23.98 11.77
N GLY G 132 -36.90 23.37 12.61
CA GLY G 132 -36.61 21.95 12.44
C GLY G 132 -37.84 21.08 12.60
N CYS G 133 -38.65 21.35 13.63
CA CYS G 133 -39.83 20.53 13.87
C CYS G 133 -40.88 20.70 12.77
N MET G 134 -40.97 21.90 12.18
CA MET G 134 -41.90 22.09 11.08
C MET G 134 -41.38 21.52 9.77
N ILE G 135 -40.07 21.53 9.56
CA ILE G 135 -39.52 21.03 8.30
C ILE G 135 -39.44 19.52 8.30
N PHE G 136 -39.31 18.90 9.48
CA PHE G 136 -39.09 17.45 9.53
C PHE G 136 -40.23 16.63 8.92
N PRO G 137 -41.50 16.89 9.19
CA PRO G 137 -42.56 16.09 8.53
C PRO G 137 -42.60 16.26 7.02
N ASP G 138 -42.02 17.33 6.48
CA ASP G 138 -41.99 17.51 5.04
C ASP G 138 -41.25 16.36 4.34
N GLY G 139 -40.27 15.77 5.01
CA GLY G 139 -39.49 14.70 4.43
C GLY G 139 -40.08 13.31 4.54
N TRP G 140 -41.30 13.17 5.05
CA TRP G 140 -41.90 11.85 5.18
C TRP G 140 -42.28 11.23 3.83
N ASP G 141 -42.24 12.00 2.74
CA ASP G 141 -42.49 11.45 1.42
C ASP G 141 -41.35 10.59 0.90
N ALA G 142 -40.22 10.54 1.58
CA ALA G 142 -39.05 9.84 1.08
C ALA G 142 -39.34 8.36 0.89
N GLU G 143 -38.70 7.78 -0.14
CA GLU G 143 -38.99 6.40 -0.51
C GLU G 143 -38.69 5.43 0.61
N THR G 144 -37.65 5.72 1.41
CA THR G 144 -37.36 4.87 2.56
C THR G 144 -38.45 5.00 3.61
N ILE G 145 -38.87 6.24 3.88
CA ILE G 145 -39.92 6.46 4.88
C ILE G 145 -41.23 5.84 4.40
N ARG G 146 -41.54 5.97 3.11
CA ARG G 146 -42.73 5.33 2.57
C ARG G 146 -42.64 3.82 2.66
N ASP G 147 -41.48 3.26 2.34
CA ASP G 147 -41.30 1.81 2.38
C ASP G 147 -41.49 1.29 3.80
N MET G 148 -41.01 2.03 4.78
CA MET G 148 -41.25 1.66 6.17
C MET G 148 -42.72 1.78 6.52
N CYS G 149 -43.26 2.99 6.44
CA CYS G 149 -44.60 3.25 6.99
C CYS G 149 -45.71 2.74 6.07
N GLY G 150 -45.49 2.78 4.76
CA GLY G 150 -46.47 2.38 3.77
C GLY G 150 -46.70 3.47 2.76
N ALA G 151 -47.61 3.19 1.83
CA ALA G 151 -47.89 4.14 0.75
C ALA G 151 -48.69 5.33 1.25
N LYS G 152 -49.56 5.14 2.24
CA LYS G 152 -50.45 6.20 2.69
C LYS G 152 -49.66 7.36 3.32
N THR G 153 -48.52 7.08 3.93
CA THR G 153 -47.72 8.12 4.53
C THR G 153 -47.18 9.07 3.46
N GLY G 154 -47.12 10.35 3.81
CA GLY G 154 -46.66 11.35 2.88
C GLY G 154 -46.29 12.63 3.61
N LYS G 155 -46.17 13.70 2.83
CA LYS G 155 -45.84 15.01 3.40
C LYS G 155 -46.89 15.41 4.42
N TYR G 156 -46.42 15.74 5.63
CA TYR G 156 -47.28 16.23 6.72
C TYR G 156 -48.39 15.23 7.04
N SER G 157 -48.12 13.94 6.86
CA SER G 157 -49.13 12.90 7.04
C SER G 157 -48.47 11.70 7.71
N LEU G 158 -48.88 11.42 8.95
CA LEU G 158 -48.24 10.36 9.71
C LEU G 158 -48.57 8.98 9.17
N GLY G 159 -49.81 8.76 8.76
CA GLY G 159 -50.20 7.44 8.31
C GLY G 159 -50.20 6.45 9.45
N ASP G 160 -49.66 5.26 9.19
CA ASP G 160 -49.61 4.21 10.22
C ASP G 160 -48.57 4.48 11.29
N CYS G 161 -47.43 5.05 10.91
CA CYS G 161 -46.37 5.31 11.88
C CYS G 161 -46.82 6.36 12.90
N SER G 162 -46.40 6.18 14.14
CA SER G 162 -46.80 7.02 15.25
C SER G 162 -45.60 7.76 15.82
N VAL G 163 -45.86 8.98 16.29
CA VAL G 163 -44.80 9.79 16.89
C VAL G 163 -44.41 9.19 18.24
N ARG G 164 -43.11 9.06 18.47
CA ARG G 164 -42.57 8.51 19.70
C ARG G 164 -42.12 9.66 20.60
N TRP G 165 -41.46 9.32 21.71
CA TRP G 165 -41.21 10.29 22.77
C TRP G 165 -40.36 11.46 22.30
N ALA G 166 -39.47 11.25 21.33
CA ALA G 166 -38.53 12.31 20.98
C ALA G 166 -39.23 13.51 20.33
N TYR G 167 -40.25 13.26 19.51
CA TYR G 167 -40.92 14.38 18.85
C TYR G 167 -41.65 15.27 19.85
N ILE G 168 -42.46 14.66 20.72
CA ILE G 168 -43.15 15.44 21.73
C ILE G 168 -42.16 16.09 22.69
N LEU G 169 -41.03 15.42 22.94
CA LEU G 169 -39.99 16.03 23.76
C LEU G 169 -39.42 17.26 23.08
N ALA G 170 -39.26 17.21 21.75
CA ALA G 170 -38.79 18.37 21.01
C ALA G 170 -39.81 19.51 21.06
N ILE G 171 -41.10 19.19 20.97
CA ILE G 171 -42.12 20.24 21.08
C ILE G 171 -42.07 20.87 22.47
N ILE G 172 -41.93 20.04 23.50
CA ILE G 172 -41.78 20.56 24.85
C ILE G 172 -40.55 21.43 24.94
N GLY G 173 -39.47 21.03 24.26
CA GLY G 173 -38.28 21.86 24.23
C GLY G 173 -38.54 23.19 23.56
N ILE G 174 -39.36 23.21 22.52
CA ILE G 174 -39.72 24.46 21.87
C ILE G 174 -40.42 25.39 22.85
N LEU G 175 -41.44 24.86 23.53
CA LEU G 175 -42.16 25.70 24.50
C LEU G 175 -41.23 26.17 25.61
N ASN G 176 -40.41 25.25 26.13
CA ASN G 176 -39.47 25.58 27.20
C ASN G 176 -38.49 26.65 26.76
N ALA G 177 -38.01 26.57 25.52
CA ALA G 177 -37.05 27.53 25.02
C ALA G 177 -37.67 28.92 24.91
N LEU G 178 -38.90 29.00 24.37
CA LEU G 178 -39.58 30.30 24.31
C LEU G 178 -39.70 30.91 25.69
N ILE G 179 -40.19 30.13 26.65
CA ILE G 179 -40.47 30.73 27.95
C ILE G 179 -39.18 31.03 28.70
N LEU G 180 -38.13 30.23 28.48
CA LEU G 180 -36.84 30.55 29.08
C LEU G 180 -36.28 31.84 28.50
N SER G 181 -36.45 32.04 27.19
CA SER G 181 -35.99 33.30 26.58
C SER G 181 -36.72 34.49 27.18
N PHE G 182 -38.04 34.41 27.31
CA PHE G 182 -38.78 35.51 27.92
CA PHE G 182 -38.77 35.52 27.93
C PHE G 182 -38.35 35.72 29.38
N LEU G 183 -38.14 34.62 30.10
CA LEU G 183 -37.66 34.70 31.48
C LEU G 183 -36.33 35.44 31.54
N ALA G 184 -35.42 35.14 30.62
CA ALA G 184 -34.14 35.81 30.59
C ALA G 184 -34.30 37.30 30.28
N PHE G 185 -35.19 37.64 29.36
CA PHE G 185 -35.42 39.06 29.05
C PHE G 185 -35.89 39.81 30.30
N VAL G 186 -36.91 39.27 30.97
CA VAL G 186 -37.47 39.96 32.13
C VAL G 186 -36.45 40.00 33.26
N LEU G 187 -35.66 38.94 33.43
CA LEU G 187 -34.62 38.96 34.46
C LEU G 187 -33.58 40.02 34.18
N GLY G 188 -33.14 40.12 32.92
CA GLY G 188 -32.16 41.13 32.55
C GLY G 188 -32.68 42.53 32.78
N ASN G 189 -33.97 42.74 32.54
CA ASN G 189 -34.54 44.07 32.80
C ASN G 189 -34.73 44.31 34.30
N ARG G 190 -35.04 43.27 35.06
CA ARG G 190 -35.30 43.42 36.49
C ARG G 190 -34.02 43.61 37.29
N GLN G 191 -32.88 43.15 36.77
CA GLN G 191 -31.61 43.54 37.39
C GLN G 191 -31.41 45.04 37.36
N THR G 192 -31.75 45.67 36.22
CA THR G 192 -31.63 47.12 36.12
C THR G 192 -32.55 47.82 37.11
N ASP G 193 -33.76 47.29 37.28
CA ASP G 193 -34.73 47.81 38.25
C ASP G 193 -35.18 49.23 37.90
N GLN H 1 35.42 15.21 -19.54
CA GLN H 1 34.87 15.11 -20.92
C GLN H 1 34.75 13.65 -21.34
N VAL H 2 33.80 13.37 -22.23
CA VAL H 2 33.57 12.04 -22.77
C VAL H 2 34.15 12.01 -24.18
N GLN H 3 34.99 11.01 -24.44
CA GLN H 3 35.65 10.87 -25.74
C GLN H 3 35.53 9.43 -26.22
N LEU H 4 35.53 9.26 -27.55
CA LEU H 4 35.43 7.97 -28.21
C LEU H 4 36.57 7.85 -29.20
N GLN H 5 37.70 7.31 -28.75
CA GLN H 5 38.82 7.10 -29.65
C GLN H 5 38.51 5.96 -30.61
N GLU H 6 39.04 6.07 -31.83
CA GLU H 6 38.95 5.02 -32.84
C GLU H 6 40.34 4.54 -33.20
N SER H 7 40.44 3.23 -33.48
CA SER H 7 41.70 2.63 -33.90
C SER H 7 41.43 1.65 -35.03
N GLY H 8 42.39 1.53 -35.93
CA GLY H 8 42.28 0.60 -37.03
C GLY H 8 43.00 1.14 -38.25
N GLY H 9 43.15 0.27 -39.23
CA GLY H 9 43.87 0.62 -40.44
C GLY H 9 43.10 1.60 -41.31
N GLY H 10 43.79 2.10 -42.32
CA GLY H 10 43.22 3.06 -43.26
C GLY H 10 43.43 2.68 -44.72
N LEU H 11 44.28 1.70 -44.99
CA LEU H 11 44.59 1.26 -46.35
C LEU H 11 44.56 -0.26 -46.41
N VAL H 12 43.99 -0.79 -47.48
CA VAL H 12 43.93 -2.23 -47.69
C VAL H 12 43.72 -2.47 -49.18
N GLN H 13 44.28 -3.57 -49.68
CA GLN H 13 44.14 -3.92 -51.08
C GLN H 13 42.68 -4.23 -51.40
N GLY H 422 40.03 -7.58 -48.95
CA GLY H 422 40.77 -7.49 -47.70
C GLY H 422 39.88 -7.60 -46.48
N SER H 423 40.52 -7.76 -45.32
CA SER H 423 39.84 -7.85 -44.03
C SER H 423 40.43 -6.78 -43.11
N LEU H 424 39.58 -6.21 -42.25
CA LEU H 424 40.00 -5.12 -41.38
C LEU H 424 39.20 -5.18 -40.09
N ARG H 425 39.71 -4.53 -39.05
CA ARG H 425 39.03 -4.43 -37.76
C ARG H 425 39.20 -3.02 -37.24
N VAL H 426 38.09 -2.37 -36.90
CA VAL H 426 38.10 -1.02 -36.36
C VAL H 426 37.50 -1.06 -34.96
N SER H 427 38.29 -0.63 -33.98
CA SER H 427 37.92 -0.64 -32.58
C SER H 427 37.59 0.77 -32.13
N CYS H 428 36.78 0.86 -31.07
CA CYS H 428 36.37 2.12 -30.49
C CYS H 428 36.41 2.01 -28.99
N ALA H 429 37.23 2.85 -28.36
CA ALA H 429 37.38 2.88 -26.91
C ALA H 429 36.75 4.14 -26.36
N ALA H 430 35.85 3.98 -25.40
CA ALA H 430 35.12 5.09 -24.79
C ALA H 430 35.72 5.41 -23.44
N SER H 431 35.94 6.70 -23.18
CA SER H 431 36.49 7.17 -21.93
C SER H 431 35.65 8.34 -21.42
N GLY H 432 35.56 8.44 -20.10
CA GLY H 432 34.79 9.47 -19.44
C GLY H 432 33.42 9.05 -18.95
N ARG H 433 32.89 7.94 -19.45
CA ARG H 433 31.58 7.47 -18.99
C ARG H 433 31.46 6.00 -19.34
N THR H 434 30.69 5.28 -18.52
CA THR H 434 30.42 3.87 -18.73
C THR H 434 29.15 3.73 -19.56
N PHE H 435 29.27 3.12 -20.74
CA PHE H 435 28.16 2.93 -21.66
C PHE H 435 27.62 1.51 -21.60
N THR H 436 27.61 0.92 -20.39
CA THR H 436 27.08 -0.43 -20.24
C THR H 436 25.59 -0.48 -20.58
N THR H 437 24.84 0.53 -20.16
CA THR H 437 23.41 0.60 -20.39
C THR H 437 23.03 1.35 -21.66
N TYR H 438 24.01 1.86 -22.41
CA TYR H 438 23.76 2.59 -23.64
C TYR H 438 23.96 1.69 -24.86
N ILE H 439 23.44 2.14 -25.99
CA ILE H 439 23.53 1.44 -27.27
C ILE H 439 24.72 2.03 -28.00
N MET H 440 25.64 1.16 -28.45
CA MET H 440 26.85 1.60 -29.15
C MET H 440 26.77 1.15 -30.60
N ALA H 441 27.01 2.08 -31.52
CA ALA H 441 26.76 1.87 -32.94
C ALA H 441 27.91 2.43 -33.77
N TRP H 442 27.90 2.04 -35.04
CA TRP H 442 28.86 2.50 -36.04
C TRP H 442 28.08 3.10 -37.19
N PHE H 443 28.61 4.20 -37.73
CA PHE H 443 28.03 4.88 -38.88
C PHE H 443 29.11 5.09 -39.92
N ARG H 444 28.68 5.27 -41.16
CA ARG H 444 29.58 5.45 -42.29
C ARG H 444 29.17 6.70 -43.04
N GLN H 445 30.16 7.41 -43.57
CA GLN H 445 29.91 8.62 -44.36
C GLN H 445 30.88 8.59 -45.54
N ALA H 446 30.34 8.31 -46.73
CA ALA H 446 31.10 8.42 -47.95
C ALA H 446 31.14 9.88 -48.38
N PRO H 447 32.02 10.23 -49.32
CA PRO H 447 31.99 11.61 -49.87
C PRO H 447 30.64 11.93 -50.47
N GLY H 448 30.15 13.13 -50.14
CA GLY H 448 28.82 13.57 -50.54
C GLY H 448 27.93 13.99 -49.38
N LYS H 449 28.43 13.84 -48.14
CA LYS H 449 27.71 14.26 -46.95
C LYS H 449 26.37 13.52 -46.80
N GLU H 450 26.48 12.20 -46.62
CA GLU H 450 25.32 11.37 -46.26
C GLU H 450 25.82 10.30 -45.29
N ARG H 451 25.24 10.29 -44.09
CA ARG H 451 25.67 9.38 -43.04
C ARG H 451 24.77 8.15 -43.03
N GLU H 452 25.40 6.97 -43.00
CA GLU H 452 24.70 5.70 -43.19
C GLU H 452 24.88 4.84 -41.95
N PHE H 453 23.78 4.30 -41.44
CA PHE H 453 23.84 3.35 -40.34
C PHE H 453 24.45 2.03 -40.81
N LEU H 454 25.33 1.48 -39.98
CA LEU H 454 25.98 0.21 -40.26
C LEU H 454 25.59 -0.88 -39.27
N ALA H 455 25.82 -0.64 -37.99
CA ALA H 455 25.58 -1.67 -36.99
C ALA H 455 25.36 -1.01 -35.64
N ALA H 456 24.72 -1.75 -34.75
CA ALA H 456 24.47 -1.28 -33.39
C ALA H 456 24.36 -2.49 -32.48
N MET H 457 24.78 -2.33 -31.23
CA MET H 457 24.67 -3.38 -30.24
C MET H 457 24.19 -2.77 -28.93
N ASP H 458 23.37 -3.54 -28.23
CA ASP H 458 22.52 -3.09 -27.13
C ASP H 458 23.06 -3.65 -25.81
N GLN H 459 22.48 -3.20 -24.70
CA GLN H 459 22.82 -3.78 -23.40
C GLN H 459 22.49 -5.28 -23.37
N GLY H 460 21.51 -5.72 -24.13
CA GLY H 460 21.16 -7.12 -24.22
C GLY H 460 21.97 -7.91 -25.22
N ARG H 461 23.07 -7.35 -25.73
CA ARG H 461 23.94 -8.00 -26.71
C ARG H 461 23.22 -8.33 -28.01
N ILE H 462 22.21 -7.55 -28.35
CA ILE H 462 21.42 -7.79 -29.57
C ILE H 462 22.00 -6.93 -30.67
N GLN H 463 22.33 -7.56 -31.80
CA GLN H 463 23.04 -6.93 -32.89
C GLN H 463 22.06 -6.54 -33.98
N TYR H 464 22.03 -5.26 -34.31
CA TYR H 464 21.26 -4.75 -35.43
C TYR H 464 22.24 -4.34 -36.53
N TYR H 465 21.88 -4.62 -37.78
CA TYR H 465 22.74 -4.32 -38.92
C TYR H 465 21.92 -3.62 -40.00
N GLY H 466 22.61 -2.82 -40.79
CA GLY H 466 22.00 -2.23 -41.97
C GLY H 466 21.98 -3.20 -43.13
N ASP H 467 21.06 -2.97 -44.06
CA ASP H 467 20.87 -3.90 -45.17
C ASP H 467 22.11 -3.94 -46.06
N SER H 468 22.77 -2.81 -46.24
CA SER H 468 23.91 -2.74 -47.15
C SER H 468 25.07 -3.61 -46.68
N VAL H 469 25.19 -3.84 -45.37
CA VAL H 469 26.35 -4.53 -44.81
C VAL H 469 25.92 -5.70 -43.94
N ARG H 470 24.73 -6.25 -44.22
CA ARG H 470 24.25 -7.39 -43.45
C ARG H 470 25.04 -8.63 -43.84
N GLY H 471 25.57 -9.33 -42.83
CA GLY H 471 26.34 -10.54 -43.05
C GLY H 471 27.78 -10.33 -43.41
N ARG H 472 28.20 -9.09 -43.70
CA ARG H 472 29.59 -8.75 -44.00
C ARG H 472 30.32 -8.20 -42.78
N PHE H 473 29.74 -7.22 -42.11
CA PHE H 473 30.35 -6.58 -40.96
C PHE H 473 29.75 -7.16 -39.68
N THR H 474 30.60 -7.37 -38.68
CA THR H 474 30.18 -7.95 -37.40
C THR H 474 30.52 -6.98 -36.29
N ILE H 475 29.56 -6.73 -35.39
CA ILE H 475 29.73 -5.79 -34.29
C ILE H 475 29.78 -6.58 -32.99
N SER H 476 30.70 -6.19 -32.11
CA SER H 476 30.81 -6.80 -30.79
C SER H 476 31.11 -5.70 -29.79
N ARG H 477 30.85 -5.98 -28.52
CA ARG H 477 31.11 -5.04 -27.43
C ARG H 477 31.84 -5.74 -26.31
N ASP H 478 32.84 -5.06 -25.76
CA ASP H 478 33.55 -5.47 -24.55
C ASP H 478 33.08 -4.52 -23.46
N TYR H 479 32.11 -5.00 -22.66
CA TYR H 479 31.55 -4.18 -21.60
C TYR H 479 32.54 -3.96 -20.46
N ALA H 480 33.42 -4.93 -20.19
CA ALA H 480 34.43 -4.74 -19.16
C ALA H 480 35.39 -3.60 -19.55
N LYS H 481 35.82 -3.58 -20.80
CA LYS H 481 36.67 -2.51 -21.31
C LYS H 481 35.88 -1.29 -21.74
N ASN H 482 34.55 -1.39 -21.85
CA ASN H 482 33.71 -0.29 -22.32
C ASN H 482 34.12 0.14 -23.73
N SER H 483 34.19 -0.83 -24.64
CA SER H 483 34.60 -0.60 -26.01
C SER H 483 33.68 -1.35 -26.95
N VAL H 484 33.66 -0.92 -28.21
CA VAL H 484 32.87 -1.55 -29.26
C VAL H 484 33.75 -1.74 -30.48
N ASP H 485 33.71 -2.94 -31.05
CA ASP H 485 34.56 -3.33 -32.17
C ASP H 485 33.71 -3.70 -33.36
N LEU H 486 34.20 -3.39 -34.56
CA LEU H 486 33.55 -3.73 -35.82
C LEU H 486 34.56 -4.44 -36.70
N GLN H 487 34.28 -5.70 -37.00
CA GLN H 487 35.06 -6.51 -37.93
C GLN H 487 34.48 -6.33 -39.32
N LEU H 488 35.30 -5.83 -40.24
CA LEU H 488 34.91 -5.60 -41.62
C LEU H 488 35.52 -6.69 -42.49
N ASP H 489 34.68 -7.36 -43.27
CA ASP H 489 35.10 -8.43 -44.15
C ASP H 489 34.45 -8.23 -45.51
N GLY H 490 35.10 -8.74 -46.55
CA GLY H 490 34.57 -8.54 -47.89
C GLY H 490 34.53 -7.09 -48.31
N LEU H 491 35.60 -6.36 -48.06
CA LEU H 491 35.66 -4.95 -48.47
C LEU H 491 35.64 -4.84 -49.98
N ARG H 492 35.15 -3.71 -50.46
CA ARG H 492 35.09 -3.38 -51.88
C ARG H 492 35.54 -1.95 -52.07
N PRO H 493 35.89 -1.55 -53.30
CA PRO H 493 36.30 -0.16 -53.52
C PRO H 493 35.26 0.86 -53.11
N GLU H 494 33.97 0.53 -53.27
CA GLU H 494 32.90 1.45 -52.91
C GLU H 494 32.75 1.63 -51.40
N ASP H 495 33.42 0.83 -50.58
CA ASP H 495 33.31 0.94 -49.13
C ASP H 495 34.20 2.04 -48.56
N THR H 496 35.01 2.71 -49.39
CA THR H 496 35.83 3.81 -48.89
C THR H 496 34.96 4.90 -48.31
N ALA H 497 35.25 5.30 -47.07
CA ALA H 497 34.43 6.26 -46.36
C ALA H 497 35.07 6.55 -45.02
N VAL H 498 34.45 7.47 -44.27
CA VAL H 498 34.86 7.78 -42.90
C VAL H 498 33.88 7.09 -41.97
N TYR H 499 34.41 6.31 -41.03
CA TYR H 499 33.62 5.50 -40.11
C TYR H 499 33.62 6.17 -38.74
N TYR H 500 32.42 6.39 -38.21
CA TYR H 500 32.20 7.09 -36.95
C TYR H 500 31.66 6.12 -35.91
N CYS H 501 32.15 6.27 -34.68
CA CYS H 501 31.69 5.51 -33.53
C CYS H 501 30.73 6.37 -32.73
N ALA H 502 29.57 5.83 -32.39
CA ALA H 502 28.52 6.58 -31.71
C ALA H 502 28.02 5.79 -30.51
N ALA H 503 27.52 6.52 -29.52
CA ALA H 503 26.91 5.93 -28.35
C ALA H 503 25.78 6.84 -27.89
N GLY H 504 24.83 6.26 -27.19
CA GLY H 504 23.68 6.99 -26.66
C GLY H 504 22.43 6.14 -26.73
N ALA H 505 21.52 6.37 -25.80
CA ALA H 505 20.24 5.67 -25.81
C ALA H 505 19.47 6.05 -27.06
N GLY H 506 18.91 5.03 -27.73
CA GLY H 506 18.24 5.27 -28.99
C GLY H 506 16.79 5.68 -28.79
N PHE H 507 16.55 6.99 -28.77
CA PHE H 507 15.22 7.56 -28.62
C PHE H 507 14.76 8.04 -29.98
N TRP H 508 13.60 7.55 -30.42
CA TRP H 508 13.06 7.74 -31.77
C TRP H 508 13.97 7.17 -32.85
N GLY H 509 14.97 6.36 -32.47
CA GLY H 509 16.06 6.03 -33.36
C GLY H 509 16.43 4.56 -33.37
N LEU H 510 17.70 4.28 -33.08
CA LEU H 510 18.44 3.05 -33.28
C LEU H 510 18.86 2.88 -34.74
N ARG H 511 18.38 3.72 -35.66
CA ARG H 511 18.87 3.77 -37.02
C ARG H 511 19.11 5.19 -37.50
N THR H 512 18.94 6.20 -36.64
CA THR H 512 19.07 7.61 -36.99
C THR H 512 20.17 8.23 -36.16
N ALA H 513 21.01 9.05 -36.80
CA ALA H 513 22.11 9.69 -36.10
C ALA H 513 21.63 10.70 -35.06
N SER H 514 20.42 11.22 -35.20
CA SER H 514 19.92 12.21 -34.25
C SER H 514 19.72 11.65 -32.85
N SER H 515 19.56 10.34 -32.72
CA SER H 515 19.30 9.71 -31.43
C SER H 515 20.57 9.48 -30.62
N TYR H 516 21.76 9.69 -31.21
CA TYR H 516 23.03 9.48 -30.54
C TYR H 516 23.62 10.82 -30.14
N HIS H 517 23.99 10.95 -28.87
CA HIS H 517 24.53 12.19 -28.32
C HIS H 517 26.05 12.23 -28.41
N TYR H 518 26.70 11.08 -28.48
CA TYR H 518 28.17 10.99 -28.40
C TYR H 518 28.70 10.45 -29.71
N TRP H 519 29.74 11.11 -30.24
CA TRP H 519 30.39 10.73 -31.48
C TRP H 519 31.88 10.89 -31.31
N GLY H 520 32.64 10.18 -32.16
CA GLY H 520 34.09 10.25 -32.14
C GLY H 520 34.65 10.99 -33.36
N GLN H 521 35.98 11.05 -33.39
CA GLN H 521 36.66 11.77 -34.46
C GLN H 521 36.37 11.13 -35.81
N GLY H 522 36.38 9.81 -35.87
CA GLY H 522 36.20 9.05 -37.09
C GLY H 522 37.52 8.54 -37.64
N THR H 523 37.41 7.51 -38.47
CA THR H 523 38.57 6.88 -39.09
C THR H 523 38.33 6.73 -40.59
N GLN H 524 39.34 7.09 -41.38
CA GLN H 524 39.27 7.02 -42.83
C GLN H 524 39.58 5.60 -43.26
N VAL H 525 38.85 5.13 -44.28
CA VAL H 525 39.11 3.83 -44.90
C VAL H 525 39.07 4.02 -46.40
N THR H 526 40.10 3.49 -47.09
CA THR H 526 40.17 3.48 -48.54
C THR H 526 40.58 2.09 -49.00
N VAL H 527 40.02 1.67 -50.12
CA VAL H 527 40.33 0.38 -50.74
C VAL H 527 40.68 0.63 -52.21
N SER H 528 41.81 0.07 -52.65
CA SER H 528 42.28 0.19 -54.02
C SER H 528 42.29 -1.18 -54.68
N SER H 529 41.85 -1.22 -55.94
CA SER H 529 41.84 -2.45 -56.72
C SER H 529 42.91 -2.41 -57.81
C1 NAG I . -5.89 -21.17 -16.39
C2 NAG I . -7.14 -21.90 -15.92
C3 NAG I . -7.06 -22.18 -14.42
C4 NAG I . -5.78 -22.92 -14.08
C5 NAG I . -4.58 -22.13 -14.61
C6 NAG I . -3.27 -22.87 -14.45
C7 NAG I . -9.55 -21.47 -16.22
C8 NAG I . -10.55 -20.42 -15.84
N2 NAG I . -8.28 -21.07 -16.23
O3 NAG I . -8.19 -22.96 -14.04
O4 NAG I . -5.65 -23.09 -12.67
O5 NAG I . -4.72 -21.88 -16.01
O6 NAG I . -2.20 -22.08 -14.92
O7 NAG I . -9.88 -22.61 -16.52
C1 NAG I . -5.44 -24.39 -12.23
C2 NAG I . -4.50 -24.45 -11.03
C3 NAG I . -4.22 -25.91 -10.68
C4 NAG I . -5.51 -26.68 -10.47
C5 NAG I . -6.41 -26.52 -11.70
C6 NAG I . -7.77 -27.13 -11.49
C7 NAG I . -2.90 -22.62 -10.71
C8 NAG I . -4.03 -21.78 -10.18
N2 NAG I . -3.24 -23.77 -11.27
O3 NAG I . -3.42 -25.95 -9.51
O4 NAG I . -5.16 -28.04 -10.35
O5 NAG I . -6.63 -25.13 -12.01
O6 NAG I . -8.54 -27.10 -12.69
O7 NAG I . -1.74 -22.24 -10.65
C1 BMA I . -5.45 -28.86 -9.24
C2 BMA I . -5.48 -30.32 -9.57
C3 BMA I . -5.84 -31.20 -8.39
C4 BMA I . -5.01 -30.90 -7.20
C5 BMA I . -4.97 -29.48 -6.89
C6 BMA I . -3.82 -29.47 -5.96
O2 BMA I . -4.20 -30.70 -10.07
O3 BMA I . -5.36 -32.51 -8.64
O4 BMA I . -5.55 -31.52 -6.04
O5 BMA I . -4.66 -28.66 -8.06
O6 BMA I . -3.27 -28.25 -5.72
C1 MAN I . -6.41 -33.34 -9.04
C2 MAN I . -5.98 -34.76 -9.00
C3 MAN I . -6.10 -35.35 -10.39
C4 MAN I . -7.55 -35.28 -10.85
C5 MAN I . -8.09 -33.88 -10.66
C6 MAN I . -9.10 -33.76 -9.54
O2 MAN I . -6.82 -35.42 -8.06
O3 MAN I . -5.65 -36.70 -10.38
O4 MAN I . -7.63 -35.61 -12.23
O5 MAN I . -6.99 -33.03 -10.31
O6 MAN I . -10.23 -34.59 -9.77
C1 MAN I . -6.23 -36.31 -7.20
C2 MAN I . -7.31 -37.25 -6.77
C3 MAN I . -8.19 -36.67 -5.69
C4 MAN I . -7.33 -36.15 -4.56
C5 MAN I . -6.40 -35.10 -5.12
C6 MAN I . -5.51 -34.51 -4.05
O2 MAN I . -6.70 -38.43 -6.29
O3 MAN I . -9.06 -37.69 -5.20
O4 MAN I . -8.15 -35.58 -3.54
O5 MAN I . -5.54 -35.71 -6.10
O6 MAN I . -4.96 -35.53 -3.22
C1 MAN I . -6.47 -39.45 -7.21
C2 MAN I . -6.15 -40.66 -6.38
C3 MAN I . -4.69 -40.65 -5.97
C4 MAN I . -3.81 -40.55 -7.20
C5 MAN I . -4.19 -39.33 -8.02
C6 MAN I . -3.43 -39.25 -9.33
O2 MAN I . -6.48 -41.84 -7.09
O3 MAN I . -4.39 -41.84 -5.25
O4 MAN I . -2.45 -40.42 -6.80
O5 MAN I . -5.60 -39.37 -8.35
O6 MAN I . -3.84 -38.12 -10.10
C1 MAN I . -2.60 -27.58 -6.75
C2 MAN I . -1.15 -27.94 -6.87
C3 MAN I . -0.51 -27.81 -5.51
C4 MAN I . -0.68 -26.38 -5.01
C5 MAN I . -2.16 -26.07 -4.94
C6 MAN I . -2.44 -24.64 -4.57
O2 MAN I . -0.51 -27.09 -7.82
O3 MAN I . 0.86 -28.21 -5.57
O4 MAN I . -0.10 -26.25 -3.71
O5 MAN I . -2.73 -26.25 -6.25
O6 MAN I . -2.71 -23.87 -5.72
C1 MAN I . 1.04 -29.59 -5.67
C2 MAN I . 1.44 -30.19 -6.99
C3 MAN I . 0.26 -30.87 -7.67
C4 MAN I . -0.42 -31.83 -6.70
C5 MAN I . -0.78 -31.15 -5.37
C6 MAN I . -1.29 -32.11 -4.34
O2 MAN I . 2.49 -31.12 -6.78
O3 MAN I . 0.71 -31.58 -8.82
O4 MAN I . -1.61 -32.32 -7.31
O5 MAN I . 0.37 -30.50 -4.80
O6 MAN I . -2.54 -32.67 -4.73
C1 MAN I . 3.61 -30.93 -7.58
C2 MAN I . 4.54 -32.08 -7.35
C3 MAN I . 5.00 -32.09 -5.91
C4 MAN I . 5.65 -30.76 -5.57
C5 MAN I . 4.68 -29.63 -5.86
C6 MAN I . 5.28 -28.26 -5.66
O2 MAN I . 5.63 -32.01 -8.25
O3 MAN I . 5.92 -33.16 -5.71
O4 MAN I . 6.04 -30.73 -4.20
O5 MAN I . 4.24 -29.70 -7.23
O6 MAN I . 4.37 -27.23 -6.02
C1 MAN I . -3.13 -22.57 -5.43
C2 MAN I . -3.57 -21.94 -6.73
C3 MAN I . -3.80 -20.46 -6.58
C4 MAN I . -2.60 -19.79 -5.92
C5 MAN I . -2.18 -20.48 -4.63
C6 MAN I . -3.18 -20.31 -3.50
O2 MAN I . -4.76 -22.57 -7.17
O3 MAN I . -5.00 -20.22 -5.84
O4 MAN I . -1.50 -19.79 -6.82
O5 MAN I . -2.01 -21.90 -4.84
O6 MAN I . -2.84 -21.10 -2.35
C1 NAG J . -19.59 4.61 -20.95
C2 NAG J . -21.09 4.77 -21.19
C3 NAG J . -21.51 3.97 -22.42
C4 NAG J . -20.62 4.31 -23.61
C5 NAG J . -19.15 4.23 -23.24
C6 NAG J . -18.23 4.74 -24.33
C7 NAG J . -21.95 5.09 -18.92
C8 NAG J . -22.78 4.50 -17.82
N2 NAG J . -21.84 4.35 -20.02
O3 NAG J . -22.87 4.26 -22.72
O4 NAG J . -20.87 3.38 -24.66
O5 NAG J . -18.88 5.03 -22.08
O6 NAG J . -17.08 3.92 -24.47
O7 NAG J . -21.42 6.18 -18.81
C1 NAG J . -21.70 3.96 -25.59
C2 NAG J . -21.60 2.85 -26.62
C3 NAG J . -22.68 3.02 -27.69
C4 NAG J . -24.05 3.15 -27.04
C5 NAG J . -24.03 4.20 -25.94
C6 NAG J . -25.31 4.24 -25.13
C7 NAG J . -19.34 1.93 -26.93
C8 NAG J . -18.03 2.09 -27.67
N2 NAG J . -20.28 2.83 -27.24
O3 NAG J . -22.65 1.90 -28.56
O4 NAG J . -25.01 3.53 -28.01
O5 NAG J . -22.98 3.94 -25.01
O6 NAG J . -25.78 5.57 -24.96
O7 NAG J . -19.51 1.04 -26.11
C1 BMA J . -26.12 2.74 -28.33
C2 BMA J . -27.11 3.60 -29.08
C3 BMA J . -28.37 2.84 -29.40
C4 BMA J . -28.03 1.57 -30.12
C5 BMA J . -27.02 0.74 -29.36
C6 BMA J . -26.57 -0.44 -30.19
O2 BMA J . -26.50 4.07 -30.27
O3 BMA J . -29.18 3.60 -30.30
O4 BMA J . -29.21 0.79 -30.28
O5 BMA J . -25.85 1.53 -29.05
O6 BMA J . -27.39 -0.54 -31.38
C1 MAN J . -26.64 -0.61 -32.56
C2 MAN J . -27.45 -0.05 -33.76
C3 MAN J . -26.59 -0.01 -35.04
C4 MAN J . -25.35 -0.89 -34.92
C5 MAN J . -25.73 -2.17 -34.17
C6 MAN J . -24.63 -3.22 -34.17
O2 MAN J . -27.86 1.29 -33.54
O3 MAN J . -26.23 1.31 -35.39
O4 MAN J . -24.87 -1.21 -36.22
O5 MAN J . -26.03 -1.85 -32.80
O6 MAN J . -25.08 -4.33 -33.41
C1 MAN J . -25.63 2.57 -35.10
C2 MAN J . -26.04 4.02 -35.42
C3 MAN J . -24.84 4.79 -35.96
C4 MAN J . -23.56 4.29 -35.29
C5 MAN J . -23.30 2.82 -35.67
C6 MAN J . -22.55 2.06 -34.60
O2 MAN J . -26.45 4.72 -34.24
O3 MAN J . -24.99 6.19 -35.78
O4 MAN J . -22.46 5.09 -35.71
O5 MAN J . -24.55 2.13 -35.89
O6 MAN J . -22.40 0.71 -35.05
C1 MAN J . -30.25 4.37 -29.86
C2 MAN J . -30.97 4.85 -31.10
C3 MAN J . -30.13 5.88 -31.83
C4 MAN J . -29.80 7.03 -30.88
C5 MAN J . -29.11 6.48 -29.64
C6 MAN J . -28.86 7.55 -28.60
O2 MAN J . -32.24 5.39 -30.75
O3 MAN J . -30.85 6.37 -32.96
O4 MAN J . -28.93 7.95 -31.53
O5 MAN J . -29.94 5.49 -29.01
O6 MAN J . -28.36 6.97 -27.39
C1 NAG K . -36.59 -26.18 -13.95
C2 NAG K . -37.92 -25.90 -13.22
C3 NAG K . -38.85 -25.08 -14.10
C4 NAG K . -38.13 -23.82 -14.57
C5 NAG K . -36.83 -24.20 -15.28
C6 NAG K . -36.03 -23.00 -15.73
C7 NAG K . -38.46 -27.70 -11.63
C8 NAG K . -39.19 -28.99 -11.42
N2 NAG K . -38.56 -27.15 -12.85
O3 NAG K . -40.01 -24.73 -13.38
O4 NAG K . -38.96 -23.08 -15.45
O5 NAG K . -36.01 -24.94 -14.37
O6 NAG K . -35.74 -22.14 -14.63
O7 NAG K . -37.83 -27.16 -10.72
C1 NAG K . -39.34 -21.88 -14.78
C2 NAG K . -40.37 -21.26 -15.73
C3 NAG K . -40.70 -19.83 -15.33
C4 NAG K . -41.12 -19.78 -13.86
C5 NAG K . -40.05 -20.44 -12.99
C6 NAG K . -40.44 -20.53 -11.54
C7 NAG K . -38.95 -20.87 -17.81
C8 NAG K . -37.97 -20.03 -17.04
N2 NAG K . -40.02 -21.37 -17.14
O3 NAG K . -41.75 -19.33 -16.15
O4 NAG K . -41.29 -18.44 -13.44
O5 NAG K . -39.81 -21.79 -13.44
O6 NAG K . -41.63 -21.29 -11.37
O7 NAG K . -38.81 -21.07 -19.01
C1 BMA K . -42.69 -18.04 -13.37
C2 BMA K . -43.08 -17.10 -12.23
C3 BMA K . -44.60 -17.03 -12.09
C4 BMA K . -45.27 -16.77 -13.45
C5 BMA K . -44.80 -17.82 -14.47
C6 BMA K . -45.39 -17.61 -15.87
O2 BMA K . -42.63 -15.77 -12.49
O3 BMA K . -44.99 -16.04 -11.16
O4 BMA K . -46.68 -16.84 -13.31
O5 BMA K . -43.38 -17.73 -14.57
O6 BMA K . -44.67 -16.57 -16.50
C1 NAG L . 6.91 -28.48 -9.71
C2 NAG L . 5.48 -28.40 -10.23
C3 NAG L . 5.04 -29.77 -10.75
C4 NAG L . 6.03 -30.27 -11.79
C5 NAG L . 7.44 -30.27 -11.22
C6 NAG L . 8.49 -30.63 -12.24
C7 NAG L . 3.54 -27.12 -9.32
C8 NAG L . 3.25 -26.60 -10.69
N2 NAG L . 4.58 -27.94 -9.17
O3 NAG L . 3.74 -29.69 -11.32
O4 NAG L . 5.69 -31.60 -12.19
O5 NAG L . 7.77 -28.95 -10.75
O6 NAG L . 9.75 -30.05 -11.93
O7 NAG L . 2.84 -26.80 -8.36
C1 NAG L . 5.35 -31.62 -13.60
C2 NAG L . 5.54 -32.98 -14.26
C3 NAG L . 4.97 -32.95 -15.68
C4 NAG L . 3.54 -32.47 -15.66
C5 NAG L . 3.43 -31.14 -14.95
C6 NAG L . 2.01 -30.65 -14.79
C7 NAG L . 7.35 -34.64 -14.33
C8 NAG L . 8.83 -34.86 -14.33
N2 NAG L . 6.94 -33.36 -14.28
O3 NAG L . 5.06 -34.25 -16.25
O4 NAG L . 3.05 -32.33 -17.00
O5 NAG L . 3.98 -31.26 -13.62
O6 NAG L . 1.80 -30.04 -13.53
O7 NAG L . 6.55 -35.57 -14.38
C1 BMA L . 1.79 -32.98 -17.31
C2 BMA L . 1.59 -32.52 -18.75
C3 BMA L . 1.05 -33.68 -19.59
C4 BMA L . -0.08 -34.47 -18.90
C5 BMA L . 0.24 -34.73 -17.42
C6 BMA L . 0.09 -36.19 -17.04
O2 BMA L . 2.83 -32.13 -19.32
O3 BMA L . 2.09 -34.56 -19.97
O4 BMA L . -1.30 -33.74 -18.99
O5 BMA L . 1.59 -34.35 -17.18
O6 BMA L . 1.07 -36.94 -17.75
C1 MAN L . 1.23 -38.21 -17.10
C2 MAN L . 2.54 -38.91 -17.44
C3 MAN L . 2.55 -39.34 -18.91
C4 MAN L . 1.28 -40.13 -19.25
C5 MAN L . 0.03 -39.30 -18.89
C6 MAN L . -1.26 -40.05 -19.09
O2 MAN L . 2.70 -40.12 -16.69
O3 MAN L . 3.70 -40.11 -19.23
O4 MAN L . 1.25 -40.42 -20.64
O5 MAN L . 0.10 -38.95 -17.49
O6 MAN L . -1.42 -40.96 -18.01
C1 NAG M . 32.14 -14.28 -1.56
C2 NAG M . 33.50 -14.40 -2.21
C3 NAG M . 33.89 -15.86 -2.33
C4 NAG M . 33.80 -16.55 -0.97
C5 NAG M . 32.45 -16.28 -0.32
C6 NAG M . 32.38 -16.78 1.11
C7 NAG M . 33.26 -12.45 -3.69
C8 NAG M . 33.30 -11.96 -5.10
N2 NAG M . 33.50 -13.75 -3.52
O3 NAG M . 35.22 -15.96 -2.84
O4 NAG M . 33.97 -17.95 -1.14
O5 NAG M . 32.18 -14.88 -0.28
O6 NAG M . 31.08 -16.67 1.64
O7 NAG M . 33.03 -11.70 -2.74
C1 NAG M . 35.00 -18.39 -0.35
C2 NAG M . 34.58 -19.85 -0.39
C3 NAG M . 35.81 -20.74 -0.38
C4 NAG M . 36.75 -20.36 -1.51
C5 NAG M . 37.07 -18.87 -1.44
C6 NAG M . 37.88 -18.39 -2.62
C7 NAG M . 32.49 -20.71 0.59
C8 NAG M . 31.73 -20.96 1.86
N2 NAG M . 33.71 -20.18 0.73
O3 NAG M . 35.41 -22.10 -0.53
O4 NAG M . 37.96 -21.10 -1.40
O5 NAG M . 35.85 -18.11 -1.45
O6 NAG M . 37.32 -17.22 -3.19
O7 NAG M . 32.02 -20.98 -0.51
C1 BMA M . 38.85 -21.60 -2.37
C2 BMA M . 40.33 -21.72 -2.00
C3 BMA M . 41.00 -22.76 -2.88
C4 BMA M . 40.20 -24.07 -2.88
C5 BMA M . 38.74 -23.80 -3.29
C6 BMA M . 37.87 -25.03 -3.26
O2 BMA M . 40.47 -22.18 -0.66
O3 BMA M . 42.34 -23.01 -2.49
O4 BMA M . 40.77 -25.00 -3.80
O5 BMA M . 38.19 -22.84 -2.37
O6 BMA M . 38.67 -26.14 -3.68
C1 MAN M . 38.88 -27.10 -2.61
C2 MAN M . 40.28 -27.75 -2.50
C3 MAN M . 40.37 -28.76 -1.33
C4 MAN M . 39.11 -29.64 -1.19
C5 MAN M . 38.10 -29.36 -2.30
C6 MAN M . 36.77 -30.07 -2.09
O2 MAN M . 41.28 -26.77 -2.22
O3 MAN M . 40.65 -28.10 -0.10
O4 MAN M . 39.50 -31.01 -1.25
O5 MAN M . 37.81 -27.94 -2.29
O6 MAN M . 36.30 -30.51 -3.35
C1 MAN M . 39.99 -27.00 0.50
C2 MAN M . 40.52 -26.25 1.72
C3 MAN M . 39.44 -25.29 2.23
C4 MAN M . 38.15 -26.04 2.61
C5 MAN M . 37.95 -27.26 1.71
C6 MAN M . 36.48 -27.56 1.43
O2 MAN M . 41.64 -25.44 1.40
O3 MAN M . 39.16 -24.28 1.27
O4 MAN M . 38.22 -26.47 3.96
O5 MAN M . 38.59 -27.02 0.44
O6 MAN M . 36.37 -28.84 0.83
C1 MAN M . 43.24 -22.48 -3.46
C2 MAN M . 44.29 -23.61 -3.32
C3 MAN M . 45.35 -23.54 -4.44
C4 MAN M . 45.40 -22.14 -5.06
C5 MAN M . 45.17 -21.08 -3.99
C6 MAN M . 45.37 -19.67 -4.49
O2 MAN M . 43.67 -24.89 -3.44
O3 MAN M . 45.14 -24.52 -5.44
O4 MAN M . 46.68 -21.93 -5.65
O5 MAN M . 43.79 -21.18 -3.53
O6 MAN M . 44.44 -19.43 -5.54
C1 NAG N . 26.46 -29.00 -32.36
C2 NAG N . 26.95 -27.88 -33.27
C3 NAG N . 28.46 -27.91 -33.38
C4 NAG N . 29.07 -27.86 -31.99
C5 NAG N . 28.49 -28.97 -31.12
C6 NAG N . 28.96 -28.91 -29.69
C7 NAG N . 26.40 -29.09 -35.35
C8 NAG N . 25.70 -29.02 -36.67
N2 NAG N . 26.33 -28.00 -34.59
O3 NAG N . 28.88 -26.79 -34.15
O4 NAG N . 30.49 -27.98 -32.06
O5 NAG N . 27.06 -28.87 -31.09
O6 NAG N . 28.36 -27.80 -29.02
O7 NAG N . 26.99 -30.10 -34.99
C1 NAG N . 31.42 -26.96 -31.65
C2 NAG N . 32.77 -27.08 -30.94
C3 NAG N . 33.06 -25.80 -30.16
C4 NAG N . 32.97 -24.59 -31.08
C5 NAG N . 31.61 -24.57 -31.77
C6 NAG N . 31.48 -23.45 -32.79
C7 NAG N . 32.98 -29.50 -30.44
C8 NAG N . 33.21 -29.74 -31.91
N2 NAG N . 32.79 -28.23 -30.05
O3 NAG N . 34.35 -25.87 -29.58
O4 NAG N . 33.15 -23.39 -30.34
O5 NAG N . 31.41 -25.80 -32.48
O6 NAG N . 32.29 -23.69 -33.92
O7 NAG N . 32.99 -30.43 -29.63
C1 BMA N . 34.49 -22.86 -30.57
C2 BMA N . 34.70 -21.36 -30.89
C3 BMA N . 35.89 -21.18 -31.84
C4 BMA N . 37.11 -21.96 -31.33
C5 BMA N . 36.75 -23.43 -31.16
C6 BMA N . 37.91 -24.28 -30.69
O2 BMA N . 34.99 -20.64 -29.72
O3 BMA N . 36.22 -19.81 -31.99
O4 BMA N . 38.18 -21.84 -32.27
O5 BMA N . 35.69 -23.51 -30.19
O6 BMA N . 38.97 -24.15 -31.62
C1 PIO O . 29.11 49.52 7.70
O1 PIO O . 29.04 48.12 7.67
P1 PIO O . 28.18 47.33 6.51
C2 PIO O . 30.57 49.92 7.97
O2 PIO O . 31.38 48.79 7.78
C3 PIO O . 30.81 50.42 9.40
O3 PIO O . 30.60 49.36 10.30
C4 PIO O . 29.88 51.59 9.77
O4 PIO O . 30.40 52.78 9.23
P4 PIO O . 31.60 53.60 10.00
C5 PIO O . 28.45 51.42 9.28
O5 PIO O . 27.58 51.67 10.36
P5 PIO O . 26.85 53.14 10.49
C6 PIO O . 28.14 50.01 8.77
O6 PIO O . 26.85 50.02 8.22
O11 PIO O . 27.38 48.29 5.66
O12 PIO O . 27.23 46.37 7.18
O13 PIO O . 29.24 46.48 5.58
C1A PIO O . 32.56 43.10 5.24
O1A PIO O . 33.67 43.20 4.88
C1B PIO O . 31.43 45.43 2.08
O1B PIO O . 32.53 45.48 1.65
C1C PIO O . 30.18 45.68 6.25
C2A PIO O . 31.72 41.85 4.91
C2B PIO O . 30.39 44.54 1.39
C2C PIO O . 31.07 44.95 5.23
O2C PIO O . 31.98 44.16 5.95
C3A PIO O . 32.57 40.56 4.79
C3B PIO O . 31.00 43.15 1.13
C3C PIO O . 31.79 45.98 4.36
O3C PIO O . 31.05 46.20 3.19
O41 PIO O . 31.57 55.04 9.56
O42 PIO O . 32.93 52.98 9.65
O43 PIO O . 31.40 53.54 11.50
C4A PIO O . 32.05 39.67 3.66
C4B PIO O . 29.92 42.05 1.13
O51 PIO O . 25.48 53.08 9.88
O52 PIO O . 26.74 53.51 11.95
O53 PIO O . 27.68 54.19 9.78
C5A PIO O . 30.66 39.14 3.98
C5B PIO O . 29.99 41.25 -0.16
C6A PIO O . 30.21 38.12 2.93
C6B PIO O . 28.80 40.29 -0.17
C7A PIO O . 28.70 37.93 3.07
C7B PIO O . 28.81 39.44 -1.44
C8A PIO O . 28.23 36.87 2.08
C8B PIO O . 27.48 38.69 -1.56
CAD PGW P . 2.97 18.44 -19.57
OAE PGW P . 4.08 19.26 -19.77
OAF PGW P . 1.06 18.43 -18.14
P PGW P . 2.59 21.44 -21.35
C01 PGW P . 4.62 22.80 -17.59
C1 PGW P . 6.99 23.78 -19.52
O01 PGW P . 5.69 24.27 -19.19
C02 PGW P . 4.64 23.33 -19.03
C2 PGW P . 8.02 23.50 -18.42
O02 PGW P . 7.28 23.60 -20.65
C03 PGW P . 4.76 22.15 -19.99
C3 PGW P . 9.23 24.41 -18.64
O03 PGW P . 4.13 23.82 -16.71
C04 PGW P . 0.89 19.81 -20.09
C4 PGW P . 9.78 24.91 -17.30
O04 PGW P . 1.96 23.58 -17.28
C05 PGW P . 1.81 19.25 -18.98
C5 PGW P . 8.97 26.12 -16.84
C06 PGW P . 11.26 31.94 -12.81
C6 PGW P . 9.38 26.52 -15.41
C07 PGW P . 12.70 32.42 -12.81
C7 PGW P . 9.98 27.93 -15.45
C08 PGW P . 12.98 33.11 -11.48
C8 PGW P . 10.42 28.33 -14.04
C09 PGW P . 14.41 33.65 -11.49
C9 PGW P . 10.42 29.86 -13.88
C10 PGW P . 11.25 30.42 -13.02
C11 PGW P . 14.76 34.26 -10.11
O11 PGW P . 3.54 21.47 -19.99
C12 PGW P . 14.36 35.74 -10.13
O12 PGW P . 1.60 20.10 -21.28
C13 PGW P . 14.51 36.34 -8.73
O13 PGW P . 3.46 21.37 -22.59
C14 PGW P . 13.40 37.36 -8.49
O14 PGW P . 1.76 22.70 -21.40
C15 PGW P . 1.78 31.41 -9.67
C16 PGW P . 2.77 32.42 -10.31
C17 PGW P . 3.78 31.65 -11.20
C18 PGW P . 4.92 32.57 -11.66
C19 PGW P . 2.76 23.70 -16.41
C20 PGW P . 2.27 23.74 -14.93
C21 PGW P . 1.60 25.09 -14.64
C22 PGW P . 2.52 25.90 -13.72
C23 PGW P . 1.97 27.31 -13.53
C24 PGW P . 0.85 27.34 -12.46
C25 PGW P . 0.44 28.81 -12.21
C26 PGW P . 1.17 29.35 -10.95
C27 PGW P . 0.82 30.82 -10.73
C28 PGW P . 5.94 32.81 -10.53
C29 PGW P . 8.37 33.02 -10.01
C30 PGW P . 7.35 32.49 -11.03
C1 D10 Q . -20.49 24.64 -6.37
C2 D10 Q . -20.23 26.13 -6.40
C3 D10 Q . -19.65 26.57 -5.05
C4 D10 Q . -19.38 28.07 -5.09
C5 D10 Q . -18.59 28.48 -3.84
C6 D10 Q . -18.31 29.98 -3.90
C7 D10 Q . -17.53 30.42 -2.67
C8 D10 Q . -17.61 31.93 -2.51
C9 D10 Q . -16.86 32.36 -1.26
C10 D10 Q . -17.19 33.81 -0.94
CAD PGW R . -21.13 8.98 0.68
OAE PGW R . -22.17 8.20 1.18
OAF PGW R . -22.66 10.12 -0.76
P PGW R . -20.14 13.82 -0.72
C01 PGW R . -21.58 17.87 0.30
C1 PGW R . -20.47 16.13 3.36
O01 PGW R . -21.27 16.88 2.46
C02 PGW R . -21.02 16.68 1.09
C2 PGW R . -19.00 16.50 3.60
O02 PGW R . -20.94 15.21 3.93
C03 PGW R . -21.72 15.41 0.62
C3 PGW R . -18.92 17.44 4.80
O03 PGW R . -20.49 18.70 -0.11
C04 PGW R . -20.58 11.21 -0.34
C4 PGW R . -17.54 17.37 5.46
O04 PGW R . -21.88 19.77 -1.55
C05 PGW R . -21.70 10.33 0.22
C5 PGW R . -17.56 18.12 6.81
C06 PGW R . -14.95 23.00 8.97
C6 PGW R . -17.70 19.63 6.59
C07 PGW R . -13.94 22.78 10.10
C7 PGW R . -17.45 20.39 7.90
C08 PGW R . -12.51 23.16 9.68
C8 PGW R . -17.52 21.90 7.63
C09 PGW R . -11.72 21.94 9.24
C9 PGW R . -17.48 22.65 8.99
C10 PGW R . -16.37 23.12 9.55
C11 PGW R . -11.23 21.15 10.47
O11 PGW R . -21.21 15.07 -0.65
C12 PGW R . -9.72 21.31 10.69
O12 PGW R . -20.80 12.53 0.12
C13 PGW R . -8.94 20.38 9.74
O13 PGW R . -19.90 13.45 -2.17
C14 PGW R . -8.26 19.28 10.55
O14 PGW R . -18.85 14.21 -0.07
C15 PGW R . -17.00 27.32 0.33
C16 PGW R . -16.71 28.69 0.97
C17 PGW R . -17.27 28.72 2.42
C18 PGW R . -16.84 30.02 3.12
C19 PGW R . -20.86 19.78 -0.94
C20 PGW R . -19.90 21.00 -1.06
C21 PGW R . -19.45 21.17 -2.52
C22 PGW R . -18.23 22.09 -2.60
C23 PGW R . -18.59 23.57 -2.37
C24 PGW R . -17.30 24.32 -2.01
C25 PGW R . -17.08 24.31 -0.47
C26 PGW R . -15.79 25.11 -0.13
C27 PGW R . -16.07 26.21 0.91
C28 PGW R . -16.63 29.80 4.62
C29 PGW R . -14.89 29.52 6.42
C30 PGW R . -15.12 29.65 4.91
C1 NAG S . -26.30 -21.88 16.32
C2 NAG S . -26.55 -21.34 17.72
C3 NAG S . -27.04 -22.46 18.63
C4 NAG S . -28.27 -23.12 18.02
C5 NAG S . -27.96 -23.56 16.59
C6 NAG S . -29.19 -24.10 15.87
C7 NAG S . -25.24 -19.59 18.96
C8 NAG S . -26.51 -18.86 19.24
N2 NAG S . -25.32 -20.74 18.26
O3 NAG S . -27.37 -21.92 19.91
O4 NAG S . -28.64 -24.25 18.79
O5 NAG S . -27.49 -22.46 15.81
O6 NAG S . -29.77 -23.10 15.04
O7 NAG S . -24.15 -19.18 19.36
C1 PLM T . -22.07 45.19 26.85
O1 PLM T . -22.06 46.01 25.89
O2 PLM T . -22.45 45.58 27.99
C2 PLM T . -21.59 43.75 26.61
C3 PLM T . -20.09 43.68 26.87
C4 PLM T . -19.44 42.57 26.05
C5 PLM T . -20.23 41.24 26.11
C6 PLM T . -19.35 40.06 25.67
C7 PLM T . -18.65 40.36 24.36
C8 PLM T . -18.15 39.08 23.69
C9 PLM T . -16.90 38.53 24.38
CA PLM T . -16.33 37.41 23.52
CB PLM T . -15.22 36.71 24.30
CC PLM T . -14.60 35.63 23.42
C1 CLR U . -23.67 13.84 17.50
C2 CLR U . -23.79 12.43 16.91
C3 CLR U . -23.99 12.51 15.41
C4 CLR U . -22.83 13.24 14.77
C5 CLR U . -22.58 14.59 15.39
C6 CLR U . -22.45 15.68 14.63
C7 CLR U . -22.19 17.06 15.14
C8 CLR U . -21.72 17.07 16.58
C9 CLR U . -22.58 16.11 17.42
C10 CLR U . -22.49 14.64 16.92
C11 CLR U . -22.36 16.27 18.94
C12 CLR U . -22.31 17.72 19.44
C13 CLR U . -21.34 18.60 18.64
C14 CLR U . -21.78 18.48 17.17
C15 CLR U . -21.02 19.61 16.46
C16 CLR U . -20.93 20.73 17.52
C17 CLR U . -21.46 20.13 18.84
C18 CLR U . -19.89 18.14 18.86
C19 CLR U . -21.17 13.96 17.34
C20 CLR U . -20.83 20.80 20.08
C21 CLR U . -21.23 20.13 21.39
C22 CLR U . -21.12 22.30 20.14
C23 CLR U . -20.09 23.12 20.91
C24 CLR U . -20.66 24.41 21.51
C25 CLR U . -19.66 25.32 22.19
C26 CLR U . -20.35 26.33 23.07
C27 CLR U . -18.78 26.03 21.17
O1 CLR U . -24.07 11.19 14.87
C1 PLM V . -11.37 6.23 27.44
O1 PLM V . -10.26 6.45 27.98
O2 PLM V . -11.92 5.12 27.55
C2 PLM V . -12.07 7.34 26.64
C3 PLM V . -11.78 8.71 27.24
C4 PLM V . -10.47 9.28 26.67
C5 PLM V . -10.16 10.59 27.37
C6 PLM V . -9.29 11.48 26.47
C7 PLM V . -8.98 12.79 27.20
C8 PLM V . -9.98 13.86 26.75
C9 PLM V . -9.74 15.13 27.56
CA PLM V . -10.92 15.37 28.51
CB PLM V . -10.75 16.68 29.27
CC PLM V . -11.37 17.83 28.47
CD PLM V . -11.24 19.14 29.23
CE PLM V . -9.90 19.82 28.98
CF PLM V . -9.71 20.96 29.97
CG PLM V . -9.05 20.43 31.24
C1 PLM W . -12.25 49.37 10.41
O1 PLM W . -12.90 50.03 9.55
O2 PLM W . -10.99 49.39 10.39
C2 PLM W . -12.99 48.58 11.48
C3 PLM W . -13.26 47.16 10.98
C4 PLM W . -12.89 46.15 12.07
C5 PLM W . -13.12 44.72 11.58
C6 PLM W . -11.86 43.87 11.70
C7 PLM W . -11.56 43.50 13.15
C8 PLM W . -10.19 42.82 13.34
C9 PLM W . -10.04 41.61 12.42
CA PLM W . -8.87 40.71 12.80
CB PLM W . -9.07 39.30 12.25
CC PLM W . -9.26 39.32 10.72
CD PLM W . -9.21 37.90 10.15
CE PLM W . -9.56 37.99 8.67
CF PLM W . -11.06 37.80 8.46
CG PLM W . -11.40 37.97 6.98
C1 PLM X . -2.67 36.53 42.55
O1 PLM X . -2.23 37.23 41.59
O2 PLM X . -2.17 36.65 43.69
C2 PLM X . -3.82 35.55 42.31
C3 PLM X . -3.26 34.15 42.04
C4 PLM X . -2.79 34.01 40.58
C5 PLM X . -2.60 32.54 40.24
C6 PLM X . -1.82 32.35 38.94
C7 PLM X . -2.64 32.75 37.72
C8 PLM X . -1.82 32.62 36.45
C9 PLM X . -1.71 31.18 35.96
CA PLM X . -1.34 31.18 34.48
CB PLM X . -1.28 29.75 33.95
CC PLM X . -2.27 29.59 32.80
CD PLM X . -2.11 28.17 32.25
CE PLM X . -3.15 27.85 31.17
CF PLM X . -4.54 27.71 31.77
CG PLM X . -5.45 27.01 30.77
O1 PX2 Y . -5.67 39.16 36.81
O2 PX2 Y . -7.07 41.18 37.04
P1 PX2 Y . -6.89 39.87 36.30
O3 PX2 Y . -6.71 40.16 34.83
O4 PX2 Y . -8.23 38.94 36.52
C1 PX2 Y . -8.18 37.85 37.41
C2 PX2 Y . -7.91 36.57 36.63
C3 PX2 Y . -6.59 35.93 37.06
O5 PX2 Y . -6.53 35.76 38.44
C4 PX2 Y . -7.10 34.57 38.93
O6 PX2 Y . -8.22 34.58 39.30
C5 PX2 Y . -6.27 33.28 39.00
C6 PX2 Y . -6.93 32.21 38.12
C7 PX2 Y . -6.27 30.85 38.38
C8 PX2 Y . -6.00 30.12 37.06
C9 PX2 Y . -5.30 28.80 37.36
C10 PX2 Y . -5.78 27.70 36.40
C11 PX2 Y . -4.68 26.65 36.22
C12 PX2 Y . -5.14 25.58 35.23
C13 PX2 Y . -3.93 24.83 34.69
C14 PX2 Y . -4.40 23.64 33.84
C15 PX2 Y . -3.20 22.99 33.15
O7 PX2 Y . -8.96 35.68 36.87
C16 PX2 Y . -9.92 35.62 35.84
O8 PX2 Y . -10.56 36.58 35.56
C17 PX2 Y . -10.12 34.30 35.07
C18 PX2 Y . -9.19 33.27 35.71
C19 PX2 Y . -9.32 31.91 35.04
C20 PX2 Y . -10.47 31.09 35.62
C21 PX2 Y . -10.70 29.84 34.76
C22 PX2 Y . -9.57 28.84 34.95
C23 PX2 Y . -9.90 27.52 34.27
C24 PX2 Y . -8.59 26.75 34.12
C25 PX2 Y . -8.85 25.33 33.62
C26 PX2 Y . -8.07 25.10 32.33
C27 PX2 Y . -8.28 23.66 31.88
C1 PIO Z . 7.14 37.42 42.69
O1 PIO Z . 7.33 36.06 42.99
P1 PIO Z . 7.40 34.93 41.79
C2 PIO Z . 8.34 37.93 41.88
O2 PIO Z . 9.52 37.53 42.55
C3 PIO Z . 8.34 39.44 41.73
O3 PIO Z . 9.50 39.81 41.02
C4 PIO Z . 8.32 40.13 43.10
O4 PIO Z . 8.24 41.52 42.90
P4 PIO Z . 9.64 42.35 42.65
C5 PIO Z . 7.13 39.68 43.95
O5 PIO Z . 7.30 40.17 45.25
P5 PIO Z . 6.58 41.59 45.70
C6 PIO Z . 7.00 38.15 44.03
O6 PIO Z . 5.73 37.84 44.56
O11 PIO Z . 8.82 34.45 41.64
O12 PIO Z . 6.93 35.51 40.48
O13 PIO Z . 6.44 33.67 42.20
C1A PIO Z . 5.46 31.07 44.81
O1A PIO Z . 5.52 31.35 45.97
C1B PIO Z . 2.08 30.91 42.72
O1B PIO Z . 1.11 31.49 43.07
C1C PIO Z . 5.13 33.96 42.58
C2A PIO Z . 5.10 29.65 44.38
C2B PIO Z . 1.97 29.47 42.23
C2C PIO Z . 4.80 33.10 43.80
O2C PIO Z . 5.71 32.04 43.84
C3A PIO Z . 6.18 28.68 44.87
C3B PIO Z . 0.65 29.31 41.47
C3C PIO Z . 3.37 32.61 43.68
O3C PIO Z . 3.33 31.53 42.78
O41 PIO Z . 10.44 41.63 41.59
O42 PIO Z . 10.43 42.41 43.94
O43 PIO Z . 9.32 43.75 42.19
C4A PIO Z . 5.82 27.25 44.46
C4B PIO Z . 0.67 28.03 40.64
O51 PIO Z . 5.34 41.29 46.49
O52 PIO Z . 6.22 42.40 44.49
O53 PIO Z . 7.53 42.39 46.55
C5A PIO Z . 6.09 27.03 42.97
C5B PIO Z . -0.53 28.05 39.68
C6A PIO Z . 6.17 25.54 42.65
C6B PIO Z . -0.56 26.76 38.86
C7A PIO Z . 6.86 25.35 41.31
C7B PIO Z . -1.26 26.99 37.52
C8A PIO Z . 7.00 23.85 41.02
C8B PIO Z . -1.06 25.78 36.63
C1 HEX AA . 6.00 20.87 39.33
C2 HEX AA . 6.35 19.51 38.74
C3 HEX AA . 5.63 19.33 37.41
C4 HEX AA . 5.91 17.92 36.86
C5 HEX AA . 5.18 17.74 35.53
C6 HEX AA . 5.21 16.27 35.13
CAD PGW BA . 21.32 -4.57 21.02
OAE PGW BA . 21.57 -3.29 21.53
OAF PGW BA . 19.53 -5.58 22.24
P PGW BA . 23.43 -3.56 24.56
C01 PGW BA . 21.37 0.09 26.24
C1 PGW BA . 23.43 1.00 23.40
O01 PGW BA . 23.14 0.41 24.66
C02 PGW BA . 21.82 -0.05 24.78
C2 PGW BA . 23.13 2.50 23.19
O02 PGW BA . 23.90 0.35 22.55
C03 PGW BA . 21.81 -1.50 24.31
C3 PGW BA . 22.62 2.75 21.77
O03 PGW BA . 20.00 0.46 26.28
C04 PGW BA . 21.46 -4.95 23.49
C4 PGW BA . 23.72 3.33 20.87
O04 PGW BA . 20.21 0.65 28.52
C05 PGW BA . 20.91 -5.50 22.17
C5 PGW BA . 23.63 4.87 20.90
C06 PGW BA . 24.89 10.06 23.12
C6 PGW BA . 24.86 5.47 20.20
C07 PGW BA . 26.20 10.78 22.77
C7 PGW BA . 25.86 6.03 21.23
C08 PGW BA . 27.23 10.71 23.91
C8 PGW BA . 25.46 7.45 21.70
C09 PGW BA . 28.15 11.92 23.86
C9 PGW BA . 25.39 7.57 23.23
C10 PGW BA . 25.13 8.71 23.85
C11 PGW BA . 27.68 12.95 24.91
O11 PGW BA . 23.13 -1.96 24.31
C12 PGW BA . 28.49 14.24 24.82
O12 PGW BA . 22.75 -4.42 23.30
C13 PGW BA . 27.83 15.29 25.72
O13 PGW BA . 24.93 -3.79 24.59
C14 PGW BA . 26.77 16.08 24.97
O14 PGW BA . 22.82 -4.01 25.86
C15 PGW BA . 18.16 9.16 32.08
C16 PGW BA . 17.48 10.52 31.84
C17 PGW BA . 18.30 11.63 32.50
C18 PGW BA . 17.64 12.99 32.21
C19 PGW BA . 19.60 0.95 27.54
C20 PGW BA . 18.35 1.87 27.67
C21 PGW BA . 18.74 3.19 28.35
C22 PGW BA . 19.20 4.19 27.29
C23 PGW BA . 20.07 5.32 27.89
C24 PGW BA . 19.22 6.42 28.58
C25 PGW BA . 18.78 5.99 30.00
C26 PGW BA . 19.08 7.08 31.06
C27 PGW BA . 18.28 8.37 30.76
C28 PGW BA . 18.57 14.15 32.54
C29 PGW BA . 19.16 15.89 34.22
C30 PGW BA . 18.02 14.99 33.70
C1 HEX CA . 3.23 25.91 39.08
C2 HEX CA . 4.46 25.26 38.44
C3 HEX CA . 4.14 24.70 37.07
C4 HEX CA . 3.16 23.53 37.14
C5 HEX CA . 3.08 22.86 35.78
C6 HEX CA . 2.06 21.73 35.81
CAD PGW DA . 4.05 -1.58 35.64
OAE PGW DA . 4.46 -2.46 36.65
OAF PGW DA . 5.00 -2.90 33.90
P PGW DA . 1.08 0.06 32.73
C01 PGW DA . 5.16 2.32 32.90
C1 PGW DA . 2.44 4.76 33.47
O01 PGW DA . 3.63 4.14 33.03
C02 PGW DA . 3.72 2.75 33.21
C2 PGW DA . 2.24 6.27 33.21
O02 PGW DA . 1.61 4.15 34.03
C03 PGW DA . 2.74 2.04 32.26
C3 PGW DA . 1.82 6.96 34.51
O03 PGW DA . 6.05 3.38 33.32
C04 PGW DA . 3.20 -1.45 33.28
C4 PGW DA . 1.81 8.48 34.31
O04 PGW DA . 6.88 2.71 35.30
C05 PGW DA . 3.80 -2.37 34.36
C5 PGW DA . 2.85 9.14 35.22
C6 PGW DA . 2.94 10.64 34.90
C7 PGW DA . 4.10 11.29 35.66
O11 PGW DA . 1.61 1.60 32.98
O12 PGW DA . 1.93 -1.01 33.70
O13 PGW DA . -0.38 -0.03 33.05
O14 PGW DA . 1.29 -0.31 31.28
C19 PGW DA . 6.19 3.49 34.72
C20 PGW DA . 5.47 4.61 35.49
C21 PGW DA . 6.47 5.32 36.42
C22 PGW DA . 5.74 6.42 37.20
C23 PGW DA . 6.76 7.39 37.84
C24 PGW DA . 6.06 8.71 38.25
C25 PGW DA . 7.08 9.79 38.64
C26 PGW DA . 6.72 11.13 37.96
C1 PLM EA . 35.88 41.28 11.47
O1 PLM EA . 37.01 40.92 11.05
O2 PLM EA . 35.75 41.81 12.60
C2 PLM EA . 34.65 41.07 10.58
C3 PLM EA . 34.22 39.60 10.62
C4 PLM EA . 33.22 39.34 9.50
C5 PLM EA . 32.81 37.88 9.49
C6 PLM EA . 31.73 37.59 10.54
C7 PLM EA . 30.37 37.38 9.87
C8 PLM EA . 29.35 36.90 10.90
C9 PLM EA . 28.90 35.47 10.57
CA PLM EA . 30.03 34.47 10.80
CB PLM EA . 29.54 33.09 11.22
CC PLM EA . 29.14 32.28 9.99
CD PLM EA . 28.65 30.87 10.37
CE PLM EA . 29.75 29.92 10.87
CF PLM EA . 30.72 29.55 9.75
CG PLM EA . 31.58 28.36 10.18
C1 D10 FA . -28.20 12.09 30.83
C2 D10 FA . -27.85 12.40 29.38
C3 D10 FA . -26.89 13.57 29.32
C4 D10 FA . -26.72 13.99 27.86
C5 D10 FA . -25.63 15.06 27.73
C6 D10 FA . -26.12 16.40 28.28
C7 D10 FA . -25.22 17.53 27.81
C8 D10 FA . -25.68 18.82 28.51
C9 D10 FA . -25.04 20.04 27.86
C10 D10 FA . -23.64 20.26 28.42
CAD PGW GA . -19.22 42.66 37.98
OAE PGW GA . -19.41 41.29 37.73
OAF PGW GA . -20.43 44.66 38.47
P PGW GA . -21.42 40.60 40.47
C01 PGW GA . -24.90 37.12 40.62
C1 PGW GA . -21.70 36.09 40.62
O01 PGW GA . -22.70 36.62 41.47
C02 PGW GA . -23.52 37.69 41.01
C2 PGW GA . -22.08 35.26 39.38
O02 PGW GA . -20.56 36.27 40.87
C03 PGW GA . -22.91 38.51 39.87
C3 PGW GA . -21.30 33.95 39.39
O03 PGW GA . -24.96 36.76 39.24
C04 PGW GA . -21.61 42.58 38.71
C4 PGW GA . -21.90 33.02 38.34
O04 PGW GA . -27.17 36.32 39.48
C05 PGW GA . -20.56 43.38 37.92
C5 PGW GA . -20.78 32.31 37.58
C06 PGW GA . -20.61 27.06 33.10
C6 PGW GA . -21.30 31.05 36.86
C07 PGW GA . -20.96 26.00 34.14
C7 PGW GA . -20.23 30.61 35.86
C08 PGW GA . -22.07 25.08 33.60
C8 PGW GA . -20.57 29.26 35.22
C09 PGW GA . -21.89 23.66 34.17
C9 PGW GA . -19.31 28.75 34.47
C10 PGW GA . -19.34 27.81 33.55
C11 PGW GA . -22.98 22.75 33.60
O11 PGW GA . -21.64 38.98 40.25
C12 PGW GA . -22.54 21.27 33.59
O12 PGW GA . -21.08 41.30 39.00
C13 PGW GA . -23.57 20.48 32.79
O13 PGW GA . -22.66 41.22 41.07
C14 PGW GA . -23.82 19.12 33.43
O14 PGW GA . -20.26 40.81 41.41
C15 PGW GA . -24.87 25.87 38.75
C16 PGW GA . -24.51 24.44 38.28
C17 PGW GA . -25.79 23.60 38.17
C18 PGW GA . -25.47 22.24 37.54
C19 PGW GA . -26.16 36.11 38.87
C20 PGW GA . -26.16 35.11 37.69
C21 PGW GA . -26.48 33.68 38.16
C22 PGW GA . -25.63 32.73 37.32
C23 PGW GA . -26.12 31.28 37.43
C24 PGW GA . -25.22 30.37 36.56
C25 PGW GA . -24.33 29.47 37.45
C26 PGW GA . -25.13 28.25 38.00
C27 PGW GA . -24.34 26.95 37.77
C28 PGW GA . -26.72 21.34 37.60
C29 PGW GA . -27.86 19.42 36.49
C30 PGW GA . -26.91 20.60 36.28
CL CL HA . -23.52 8.97 14.23
#